data_3HGB
# 
_entry.id   3HGB 
# 
_audit_conform.dict_name       mmcif_pdbx.dic 
_audit_conform.dict_version    5.378 
_audit_conform.dict_location   http://mmcif.pdb.org/dictionaries/ascii/mmcif_pdbx.dic 
# 
loop_
_database_2.database_id 
_database_2.database_code 
_database_2.pdbx_database_accession 
_database_2.pdbx_DOI 
PDB   3HGB         pdb_00003hgb 10.2210/pdb3hgb/pdb 
RCSB  RCSB053098   ?            ?                   
WWPDB D_1000053098 ?            ?                   
# 
_pdbx_database_related.db_name        TargetDB 
_pdbx_database_related.db_id          MytuD.01046.a 
_pdbx_database_related.details        . 
_pdbx_database_related.content_type   unspecified 
# 
_pdbx_database_status.entry_id                        3HGB 
_pdbx_database_status.deposit_site                    RCSB 
_pdbx_database_status.process_site                    RCSB 
_pdbx_database_status.recvd_initial_deposition_date   2009-05-13 
_pdbx_database_status.status_code                     REL 
_pdbx_database_status.status_code_sf                  REL 
_pdbx_database_status.status_code_mr                  ? 
_pdbx_database_status.SG_entry                        Y 
_pdbx_database_status.status_code_cs                  ? 
_pdbx_database_status.pdb_format_compatible           Y 
_pdbx_database_status.status_code_nmr_data            ? 
_pdbx_database_status.methods_development_category    ? 
# 
_audit_author.name           'Seattle Structural Genomics Center for Infectious Disease (SSGCID)' 
_audit_author.pdbx_ordinal   1 
# 
loop_
_citation.id 
_citation.title 
_citation.journal_abbrev 
_citation.journal_volume 
_citation.page_first 
_citation.page_last 
_citation.year 
_citation.journal_id_ASTM 
_citation.country 
_citation.journal_id_ISSN 
_citation.journal_id_CSD 
_citation.book_publisher 
_citation.pdbx_database_id_PubMed 
_citation.pdbx_database_id_DOI 
primary 
;X-ray structure determination of the glycine cleavage system protein H of Mycobacterium tuberculosis using an inverse Compton synchrotron X-ray source.
;
J.Struct.Funct.Genom.  11 91  100 2010 ? NE 1345-711X ? ? 20364333 10.1007/s10969-010-9087-6  
1       'Increasing the structural coverage of tuberculosis drug targets.' 'Tuberculosis (Edinb)' 95 142 148 2015 ? UK 1472-9792 ? 
? 25613812 10.1016/j.tube.2014.12.003 
# 
loop_
_citation_author.citation_id 
_citation_author.name 
_citation_author.ordinal 
_citation_author.identifier_ORCID 
primary 'Abendroth, J.'     1  ? 
primary 'McCormick, M.S.'   2  ? 
primary 'Edwards, T.E.'     3  ? 
primary 'Staker, B.'        4  ? 
primary 'Loewen, R.'        5  ? 
primary 'Gifford, M.'       6  ? 
primary 'Rifkin, J.'        7  ? 
primary 'Mayer, C.'         8  ? 
primary 'Guo, W.'           9  ? 
primary 'Zhang, Y.'         10 ? 
primary 'Myler, P.'         11 ? 
primary 'Kelley, A.'        12 ? 
primary 'Analau, E.'        13 ? 
primary 'Hewitt, S.N.'      14 ? 
primary 'Napuli, A.J.'      15 ? 
primary 'Kuhn, P.'          16 ? 
primary 'Ruth, R.D.'        17 ? 
primary 'Stewart, L.J.'     18 ? 
1       'Baugh, L.'         19 ? 
1       'Phan, I.'          20 ? 
1       'Begley, D.W.'      21 ? 
1       'Clifton, M.C.'     22 ? 
1       'Armour, B.'        23 ? 
1       'Dranow, D.M.'      24 ? 
1       'Taylor, B.M.'      25 ? 
1       'Muruthi, M.M.'     26 ? 
1       'Abendroth, J.'     27 ? 
1       'Fairman, J.W.'     28 ? 
1       'Fox, D.'           29 ? 
1       'Dieterich, S.H.'   30 ? 
1       'Staker, B.L.'      31 ? 
1       'Gardberg, A.S.'    32 ? 
1       'Choi, R.'          33 ? 
1       'Hewitt, S.N.'      34 ? 
1       'Napuli, A.J.'      35 ? 
1       'Myers, J.'         36 ? 
1       'Barrett, L.K.'     37 ? 
1       'Zhang, Y.'         38 ? 
1       'Ferrell, M.'       39 ? 
1       'Mundt, E.'         40 ? 
1       'Thompkins, K.'     41 ? 
1       'Tran, N.'          42 ? 
1       'Lyons-Abbott, S.'  43 ? 
1       'Abramov, A.'       44 ? 
1       'Sekar, A.'         45 ? 
1       'Serbzhinskiy, D.'  46 ? 
1       'Lorimer, D.'       47 ? 
1       'Buchko, G.W.'      48 ? 
1       'Stacy, R.'         49 ? 
1       'Stewart, L.J.'     50 ? 
1       'Edwards, T.E.'     51 ? 
1       'Van Voorhis, W.C.' 52 ? 
1       'Myler, P.J.'       53 ? 
# 
_cell.length_a           86.860 
_cell.length_b           51.470 
_cell.length_c           32.530 
_cell.angle_alpha        90.000 
_cell.angle_beta         94.640 
_cell.angle_gamma        90.000 
_cell.entry_id           3HGB 
_cell.pdbx_unique_axis   ? 
_cell.Z_PDB              4 
_cell.length_a_esd       ? 
_cell.length_b_esd       ? 
_cell.length_c_esd       ? 
_cell.angle_alpha_esd    ? 
_cell.angle_beta_esd     ? 
_cell.angle_gamma_esd    ? 
# 
_symmetry.space_group_name_H-M             'C 1 2 1' 
_symmetry.entry_id                         3HGB 
_symmetry.Int_Tables_number                5 
_symmetry.pdbx_full_space_group_name_H-M   ? 
_symmetry.cell_setting                     ? 
_symmetry.space_group_name_Hall            ? 
# 
loop_
_entity.id 
_entity.type 
_entity.src_method 
_entity.pdbx_description 
_entity.formula_weight 
_entity.pdbx_number_of_molecules 
_entity.pdbx_ec 
_entity.pdbx_mutation 
_entity.pdbx_fragment 
_entity.details 
1 polymer man 'Glycine cleavage system H protein' 16535.014 1   ? ? ? ? 
2 water   nat water                               18.015    190 ? ? ? ? 
# 
_entity_poly.entity_id                      1 
_entity_poly.type                           'polypeptide(L)' 
_entity_poly.nstd_linkage                   no 
_entity_poly.nstd_monomer                   no 
_entity_poly.pdbx_seq_one_letter_code       
;MAHHHHHHMGTLEAQTQGPGSMSDIPSDLHYTAEHEWIRRSGDDTVRVGITDYAQSALGDVVFVQLPVIGTAVTAGETFG
EVESTKSVSDLYAPISGKVSEVNSDLDGTPQLVNSDPYGAGWLLDIQVDSSDVAALESALTTLLDAEAYRGTLTE
;
_entity_poly.pdbx_seq_one_letter_code_can   
;MAHHHHHHMGTLEAQTQGPGSMSDIPSDLHYTAEHEWIRRSGDDTVRVGITDYAQSALGDVVFVQLPVIGTAVTAGETFG
EVESTKSVSDLYAPISGKVSEVNSDLDGTPQLVNSDPYGAGWLLDIQVDSSDVAALESALTTLLDAEAYRGTLTE
;
_entity_poly.pdbx_strand_id                 A 
_entity_poly.pdbx_target_identifier         MytuD.01046.a 
# 
loop_
_entity_poly_seq.entity_id 
_entity_poly_seq.num 
_entity_poly_seq.mon_id 
_entity_poly_seq.hetero 
1 1   MET n 
1 2   ALA n 
1 3   HIS n 
1 4   HIS n 
1 5   HIS n 
1 6   HIS n 
1 7   HIS n 
1 8   HIS n 
1 9   MET n 
1 10  GLY n 
1 11  THR n 
1 12  LEU n 
1 13  GLU n 
1 14  ALA n 
1 15  GLN n 
1 16  THR n 
1 17  GLN n 
1 18  GLY n 
1 19  PRO n 
1 20  GLY n 
1 21  SER n 
1 22  MET n 
1 23  SER n 
1 24  ASP n 
1 25  ILE n 
1 26  PRO n 
1 27  SER n 
1 28  ASP n 
1 29  LEU n 
1 30  HIS n 
1 31  TYR n 
1 32  THR n 
1 33  ALA n 
1 34  GLU n 
1 35  HIS n 
1 36  GLU n 
1 37  TRP n 
1 38  ILE n 
1 39  ARG n 
1 40  ARG n 
1 41  SER n 
1 42  GLY n 
1 43  ASP n 
1 44  ASP n 
1 45  THR n 
1 46  VAL n 
1 47  ARG n 
1 48  VAL n 
1 49  GLY n 
1 50  ILE n 
1 51  THR n 
1 52  ASP n 
1 53  TYR n 
1 54  ALA n 
1 55  GLN n 
1 56  SER n 
1 57  ALA n 
1 58  LEU n 
1 59  GLY n 
1 60  ASP n 
1 61  VAL n 
1 62  VAL n 
1 63  PHE n 
1 64  VAL n 
1 65  GLN n 
1 66  LEU n 
1 67  PRO n 
1 68  VAL n 
1 69  ILE n 
1 70  GLY n 
1 71  THR n 
1 72  ALA n 
1 73  VAL n 
1 74  THR n 
1 75  ALA n 
1 76  GLY n 
1 77  GLU n 
1 78  THR n 
1 79  PHE n 
1 80  GLY n 
1 81  GLU n 
1 82  VAL n 
1 83  GLU n 
1 84  SER n 
1 85  THR n 
1 86  LYS n 
1 87  SER n 
1 88  VAL n 
1 89  SER n 
1 90  ASP n 
1 91  LEU n 
1 92  TYR n 
1 93  ALA n 
1 94  PRO n 
1 95  ILE n 
1 96  SER n 
1 97  GLY n 
1 98  LYS n 
1 99  VAL n 
1 100 SER n 
1 101 GLU n 
1 102 VAL n 
1 103 ASN n 
1 104 SER n 
1 105 ASP n 
1 106 LEU n 
1 107 ASP n 
1 108 GLY n 
1 109 THR n 
1 110 PRO n 
1 111 GLN n 
1 112 LEU n 
1 113 VAL n 
1 114 ASN n 
1 115 SER n 
1 116 ASP n 
1 117 PRO n 
1 118 TYR n 
1 119 GLY n 
1 120 ALA n 
1 121 GLY n 
1 122 TRP n 
1 123 LEU n 
1 124 LEU n 
1 125 ASP n 
1 126 ILE n 
1 127 GLN n 
1 128 VAL n 
1 129 ASP n 
1 130 SER n 
1 131 SER n 
1 132 ASP n 
1 133 VAL n 
1 134 ALA n 
1 135 ALA n 
1 136 LEU n 
1 137 GLU n 
1 138 SER n 
1 139 ALA n 
1 140 LEU n 
1 141 THR n 
1 142 THR n 
1 143 LEU n 
1 144 LEU n 
1 145 ASP n 
1 146 ALA n 
1 147 GLU n 
1 148 ALA n 
1 149 TYR n 
1 150 ARG n 
1 151 GLY n 
1 152 THR n 
1 153 LEU n 
1 154 THR n 
1 155 GLU n 
# 
_entity_src_gen.entity_id                          1 
_entity_src_gen.pdbx_src_id                        1 
_entity_src_gen.pdbx_alt_source_flag               sample 
_entity_src_gen.pdbx_seq_type                      ? 
_entity_src_gen.pdbx_beg_seq_num                   ? 
_entity_src_gen.pdbx_end_seq_num                   ? 
_entity_src_gen.gene_src_common_name               ? 
_entity_src_gen.gene_src_genus                     ? 
_entity_src_gen.pdbx_gene_src_gene                 'gcvH, Rv1826, MT1874, MTCY1A11.17c' 
_entity_src_gen.gene_src_species                   ? 
_entity_src_gen.gene_src_strain                    H37Rv 
_entity_src_gen.gene_src_tissue                    ? 
_entity_src_gen.gene_src_tissue_fraction           ? 
_entity_src_gen.gene_src_details                   
'Expressed with an N-terminal hexahis tag and 3C cleavage site, but not cleaved prior to crystallization' 
_entity_src_gen.pdbx_gene_src_fragment             ? 
_entity_src_gen.pdbx_gene_src_scientific_name      'Mycobacterium tuberculosis' 
_entity_src_gen.pdbx_gene_src_ncbi_taxonomy_id     83332 
_entity_src_gen.pdbx_gene_src_variant              ? 
_entity_src_gen.pdbx_gene_src_cell_line            ? 
_entity_src_gen.pdbx_gene_src_atcc                 ? 
_entity_src_gen.pdbx_gene_src_organ                ? 
_entity_src_gen.pdbx_gene_src_organelle            ? 
_entity_src_gen.pdbx_gene_src_cell                 ? 
_entity_src_gen.pdbx_gene_src_cellular_location    ? 
_entity_src_gen.host_org_common_name               ? 
_entity_src_gen.pdbx_host_org_scientific_name      'Escherichia coli' 
_entity_src_gen.pdbx_host_org_ncbi_taxonomy_id     562 
_entity_src_gen.host_org_genus                     ? 
_entity_src_gen.pdbx_host_org_gene                 ? 
_entity_src_gen.pdbx_host_org_organ                ? 
_entity_src_gen.host_org_species                   ? 
_entity_src_gen.pdbx_host_org_tissue               ? 
_entity_src_gen.pdbx_host_org_tissue_fraction      ? 
_entity_src_gen.pdbx_host_org_strain               ? 
_entity_src_gen.pdbx_host_org_variant              ? 
_entity_src_gen.pdbx_host_org_cell_line            ? 
_entity_src_gen.pdbx_host_org_atcc                 ? 
_entity_src_gen.pdbx_host_org_culture_collection   ? 
_entity_src_gen.pdbx_host_org_cell                 ? 
_entity_src_gen.pdbx_host_org_organelle            ? 
_entity_src_gen.pdbx_host_org_cellular_location    ? 
_entity_src_gen.pdbx_host_org_vector_type          plasmid 
_entity_src_gen.pdbx_host_org_vector               ? 
_entity_src_gen.host_org_details                   ? 
_entity_src_gen.expression_system_id               ? 
_entity_src_gen.plasmid_name                       AVA0421 
_entity_src_gen.plasmid_details                    ? 
_entity_src_gen.pdbx_description                   ? 
# 
_struct_ref.id                         1 
_struct_ref.db_name                    UNP 
_struct_ref.db_code                    GCSH_MYCTU 
_struct_ref.pdbx_db_accession          Q50607 
_struct_ref.entity_id                  1 
_struct_ref.pdbx_seq_one_letter_code   
;MSDIPSDLHYTAEHEWIRRSGDDTVRVGITDYAQSALGDVVFVQLPVIGTAVTAGETFGEVESTKSVSDLYAPISGKVSE
VNSDLDGTPQLVNSDPYGAGWLLDIQVDSSDVAALESALTTLLDAEAYRGTLTE
;
_struct_ref.pdbx_align_begin           1 
_struct_ref.pdbx_db_isoform            ? 
# 
_struct_ref_seq.align_id                      1 
_struct_ref_seq.ref_id                        1 
_struct_ref_seq.pdbx_PDB_id_code              3HGB 
_struct_ref_seq.pdbx_strand_id                A 
_struct_ref_seq.seq_align_beg                 22 
_struct_ref_seq.pdbx_seq_align_beg_ins_code   ? 
_struct_ref_seq.seq_align_end                 155 
_struct_ref_seq.pdbx_seq_align_end_ins_code   ? 
_struct_ref_seq.pdbx_db_accession             Q50607 
_struct_ref_seq.db_align_beg                  1 
_struct_ref_seq.pdbx_db_align_beg_ins_code    ? 
_struct_ref_seq.db_align_end                  134 
_struct_ref_seq.pdbx_db_align_end_ins_code    ? 
_struct_ref_seq.pdbx_auth_seq_align_beg       23 
_struct_ref_seq.pdbx_auth_seq_align_end       156 
# 
loop_
_struct_ref_seq_dif.align_id 
_struct_ref_seq_dif.pdbx_pdb_id_code 
_struct_ref_seq_dif.mon_id 
_struct_ref_seq_dif.pdbx_pdb_strand_id 
_struct_ref_seq_dif.seq_num 
_struct_ref_seq_dif.pdbx_pdb_ins_code 
_struct_ref_seq_dif.pdbx_seq_db_name 
_struct_ref_seq_dif.pdbx_seq_db_accession_code 
_struct_ref_seq_dif.db_mon_id 
_struct_ref_seq_dif.pdbx_seq_db_seq_num 
_struct_ref_seq_dif.details 
_struct_ref_seq_dif.pdbx_auth_seq_num 
_struct_ref_seq_dif.pdbx_ordinal 
1 3HGB MET A 1  ? UNP Q50607 ? ? 'expression tag' 2  1  
1 3HGB ALA A 2  ? UNP Q50607 ? ? 'expression tag' 3  2  
1 3HGB HIS A 3  ? UNP Q50607 ? ? 'expression tag' 4  3  
1 3HGB HIS A 4  ? UNP Q50607 ? ? 'expression tag' 5  4  
1 3HGB HIS A 5  ? UNP Q50607 ? ? 'expression tag' 6  5  
1 3HGB HIS A 6  ? UNP Q50607 ? ? 'expression tag' 7  6  
1 3HGB HIS A 7  ? UNP Q50607 ? ? 'expression tag' 8  7  
1 3HGB HIS A 8  ? UNP Q50607 ? ? 'expression tag' 9  8  
1 3HGB MET A 9  ? UNP Q50607 ? ? 'expression tag' 10 9  
1 3HGB GLY A 10 ? UNP Q50607 ? ? 'expression tag' 11 10 
1 3HGB THR A 11 ? UNP Q50607 ? ? 'expression tag' 12 11 
1 3HGB LEU A 12 ? UNP Q50607 ? ? 'expression tag' 13 12 
1 3HGB GLU A 13 ? UNP Q50607 ? ? 'expression tag' 14 13 
1 3HGB ALA A 14 ? UNP Q50607 ? ? 'expression tag' 15 14 
1 3HGB GLN A 15 ? UNP Q50607 ? ? 'expression tag' 16 15 
1 3HGB THR A 16 ? UNP Q50607 ? ? 'expression tag' 17 16 
1 3HGB GLN A 17 ? UNP Q50607 ? ? 'expression tag' 18 17 
1 3HGB GLY A 18 ? UNP Q50607 ? ? 'expression tag' 19 18 
1 3HGB PRO A 19 ? UNP Q50607 ? ? 'expression tag' 20 19 
1 3HGB GLY A 20 ? UNP Q50607 ? ? 'expression tag' 21 20 
1 3HGB SER A 21 ? UNP Q50607 ? ? 'expression tag' 22 21 
# 
loop_
_chem_comp.id 
_chem_comp.type 
_chem_comp.mon_nstd_flag 
_chem_comp.name 
_chem_comp.pdbx_synonyms 
_chem_comp.formula 
_chem_comp.formula_weight 
ALA 'L-peptide linking' y ALANINE         ? 'C3 H7 N O2'     89.093  
ARG 'L-peptide linking' y ARGININE        ? 'C6 H15 N4 O2 1' 175.209 
ASN 'L-peptide linking' y ASPARAGINE      ? 'C4 H8 N2 O3'    132.118 
ASP 'L-peptide linking' y 'ASPARTIC ACID' ? 'C4 H7 N O4'     133.103 
GLN 'L-peptide linking' y GLUTAMINE       ? 'C5 H10 N2 O3'   146.144 
GLU 'L-peptide linking' y 'GLUTAMIC ACID' ? 'C5 H9 N O4'     147.129 
GLY 'peptide linking'   y GLYCINE         ? 'C2 H5 N O2'     75.067  
HIS 'L-peptide linking' y HISTIDINE       ? 'C6 H10 N3 O2 1' 156.162 
HOH non-polymer         . WATER           ? 'H2 O'           18.015  
ILE 'L-peptide linking' y ISOLEUCINE      ? 'C6 H13 N O2'    131.173 
LEU 'L-peptide linking' y LEUCINE         ? 'C6 H13 N O2'    131.173 
LYS 'L-peptide linking' y LYSINE          ? 'C6 H15 N2 O2 1' 147.195 
MET 'L-peptide linking' y METHIONINE      ? 'C5 H11 N O2 S'  149.211 
PHE 'L-peptide linking' y PHENYLALANINE   ? 'C9 H11 N O2'    165.189 
PRO 'L-peptide linking' y PROLINE         ? 'C5 H9 N O2'     115.130 
SER 'L-peptide linking' y SERINE          ? 'C3 H7 N O3'     105.093 
THR 'L-peptide linking' y THREONINE       ? 'C4 H9 N O3'     119.119 
TRP 'L-peptide linking' y TRYPTOPHAN      ? 'C11 H12 N2 O2'  204.225 
TYR 'L-peptide linking' y TYROSINE        ? 'C9 H11 N O3'    181.189 
VAL 'L-peptide linking' y VALINE          ? 'C5 H11 N O2'    117.146 
# 
_exptl.crystals_number   1 
_exptl.entry_id          3HGB 
_exptl.method            'X-RAY DIFFRACTION' 
# 
_exptl_crystal.id                    1 
_exptl_crystal.density_Matthews      2.19 
_exptl_crystal.density_meas          ? 
_exptl_crystal.density_percent_sol   43.88 
_exptl_crystal.description           ? 
_exptl_crystal.F_000                 ? 
_exptl_crystal.preparation           ? 
# 
_exptl_crystal_grow.crystal_id      1 
_exptl_crystal_grow.method          'VAPOR DIFFUSION, SITTING DROP' 
_exptl_crystal_grow.pH              7.5 
_exptl_crystal_grow.temp            289 
_exptl_crystal_grow.temp_details    ? 
_exptl_crystal_grow.pdbx_details    
;JCSG+ screen condition B11, 1.6M Na citrate, 27.2 mg/mL protein, tracking ID 202071b11, pH 7.5, VAPOR DIFFUSION, SITTING DROP, temperature 289K
;
_exptl_crystal_grow.pdbx_pH_range   ? 
# 
_diffrn.id                     1 
_diffrn.ambient_temp           100 
_diffrn.ambient_temp_details   ? 
_diffrn.crystal_id             1 
# 
_diffrn_detector.diffrn_id              1 
_diffrn_detector.detector               CCD 
_diffrn_detector.type                   'RIGAKU SATURN 944+' 
_diffrn_detector.pdbx_collection_date   2009-05-07 
_diffrn_detector.details                ? 
# 
_diffrn_radiation.diffrn_id                        1 
_diffrn_radiation.wavelength_id                    1 
_diffrn_radiation.pdbx_diffrn_protocol             'SINGLE WAVELENGTH' 
_diffrn_radiation.monochromator                    ? 
_diffrn_radiation.pdbx_monochromatic_or_laue_m_l   M 
_diffrn_radiation.pdbx_scattering_type             x-ray 
# 
_diffrn_radiation_wavelength.id           1 
_diffrn_radiation_wavelength.wavelength   1.5418 
_diffrn_radiation_wavelength.wt           1.0 
# 
_diffrn_source.diffrn_id                   1 
_diffrn_source.source                      'ROTATING ANODE' 
_diffrn_source.type                        'RIGAKU FR-E+ SUPERBRIGHT' 
_diffrn_source.pdbx_wavelength             ? 
_diffrn_source.pdbx_wavelength_list        1.5418 
_diffrn_source.pdbx_synchrotron_site       ? 
_diffrn_source.pdbx_synchrotron_beamline   ? 
# 
_reflns.entry_id                     3HGB 
_reflns.d_resolution_high            1.750 
_reflns.number_obs                   14091 
_reflns.pdbx_Rmerge_I_obs            0.027 
_reflns.percent_possible_obs         96.900 
_reflns.B_iso_Wilson_estimate        17.299 
_reflns.observed_criterion_sigma_I   -3.00 
_reflns.observed_criterion_sigma_F   ? 
_reflns.d_resolution_low             19.24 
_reflns.number_all                   ? 
_reflns.pdbx_Rsym_value              ? 
_reflns.pdbx_netI_over_sigmaI        23.75 
_reflns.pdbx_redundancy              ? 
_reflns.R_free_details               ? 
_reflns.limit_h_max                  ? 
_reflns.limit_h_min                  ? 
_reflns.limit_k_max                  ? 
_reflns.limit_k_min                  ? 
_reflns.limit_l_max                  ? 
_reflns.limit_l_min                  ? 
_reflns.observed_criterion_F_max     ? 
_reflns.observed_criterion_F_min     ? 
_reflns.pdbx_chi_squared             ? 
_reflns.pdbx_scaling_rejects         ? 
_reflns.pdbx_ordinal                 1 
_reflns.pdbx_diffrn_id               1 
# 
_reflns_shell.d_res_high             1.75 
_reflns_shell.d_res_low              1.80 
_reflns_shell.number_measured_obs    1516 
_reflns_shell.number_measured_all    ? 
_reflns_shell.number_unique_obs      1067 
_reflns_shell.Rmerge_I_obs           0.088 
_reflns_shell.meanI_over_sigI_obs    6.2 
_reflns_shell.pdbx_Rsym_value        ? 
_reflns_shell.pdbx_chi_squared       ? 
_reflns_shell.pdbx_redundancy        ? 
_reflns_shell.percent_possible_obs   ? 
_reflns_shell.number_unique_all      1067 
_reflns_shell.percent_possible_all   98.10 
_reflns_shell.pdbx_ordinal           1 
_reflns_shell.pdbx_diffrn_id         1 
# 
_refine.entry_id                                 3HGB 
_refine.ls_d_res_high                            1.750 
_refine.ls_d_res_low                             19.24 
_refine.pdbx_ls_sigma_F                          0.00 
_refine.pdbx_data_cutoff_high_absF               ? 
_refine.pdbx_data_cutoff_low_absF                ? 
_refine.ls_percent_reflns_obs                    96.870 
_refine.ls_number_reflns_obs                     14091 
_refine.ls_number_reflns_all                     ? 
_refine.pdbx_ls_cross_valid_method               THROUGHOUT 
_refine.pdbx_R_Free_selection_details            RANDOM 
_refine.details                                  
'HYDROGENS HAVE BEEN ADDED IN THE RIDING POSITIONS; U VALUES: REFINED INDIVIDUALLY' 
_refine.ls_R_factor_all                          ? 
_refine.ls_R_factor_obs                          0.183 
_refine.ls_R_factor_R_work                       0.181 
_refine.ls_wR_factor_R_work                      0.169 
_refine.ls_R_factor_R_free                       0.220 
_refine.ls_wR_factor_R_free                      0.206 
_refine.ls_percent_reflns_R_free                 5.000 
_refine.ls_number_reflns_R_free                  710 
_refine.ls_R_factor_R_free_error                 ? 
_refine.B_iso_mean                               12.298 
_refine.solvent_model_param_bsol                 ? 
_refine.solvent_model_param_ksol                 ? 
_refine.pdbx_isotropic_thermal_model             ? 
_refine.aniso_B[1][1]                            -0.070 
_refine.aniso_B[2][2]                            0.660 
_refine.aniso_B[3][3]                            -0.600 
_refine.aniso_B[1][2]                            0.000 
_refine.aniso_B[1][3]                            -0.060 
_refine.aniso_B[2][3]                            0.000 
_refine.correlation_coeff_Fo_to_Fc               0.943 
_refine.correlation_coeff_Fo_to_Fc_free          0.919 
_refine.overall_SU_R_Cruickshank_DPI             0.122 
_refine.overall_SU_R_free                        0.119 
_refine.pdbx_overall_ESU_R                       0.122 
_refine.pdbx_overall_ESU_R_Free                  0.119 
_refine.overall_SU_ML                            0.076 
_refine.overall_SU_B                             2.361 
_refine.solvent_model_details                    MASK 
_refine.pdbx_solvent_vdw_probe_radii             1.400 
_refine.pdbx_solvent_ion_probe_radii             0.800 
_refine.pdbx_solvent_shrinkage_radii             0.800 
_refine.ls_number_parameters                     ? 
_refine.ls_number_restraints                     ? 
_refine.pdbx_starting_model                      1onl 
_refine.pdbx_method_to_determine_struct          'MOLECULAR REPLACEMENT' 
_refine.pdbx_stereochemistry_target_values       'MAXIMUM LIKELIHOOD' 
_refine.pdbx_stereochem_target_val_spec_case     ? 
_refine.overall_FOM_work_R_set                   0.856 
_refine.B_iso_max                                45.26 
_refine.B_iso_min                                3.01 
_refine.occupancy_max                            1.00 
_refine.occupancy_min                            0.30 
_refine.pdbx_ls_sigma_I                          ? 
_refine.ls_redundancy_reflns_obs                 ? 
_refine.ls_R_factor_R_free_error_details         ? 
_refine.pdbx_data_cutoff_high_rms_absF           ? 
_refine.overall_FOM_free_R_set                   ? 
_refine.pdbx_overall_phase_error                 ? 
_refine.pdbx_refine_id                           'X-RAY DIFFRACTION' 
_refine.pdbx_diffrn_id                           1 
_refine.pdbx_TLS_residual_ADP_flag               ? 
_refine.pdbx_overall_SU_R_free_Cruickshank_DPI   ? 
_refine.pdbx_overall_SU_R_Blow_DPI               ? 
_refine.pdbx_overall_SU_R_free_Blow_DPI          ? 
# 
_refine_hist.pdbx_refine_id                   'X-RAY DIFFRACTION' 
_refine_hist.cycle_id                         LAST 
_refine_hist.pdbx_number_atoms_protein        988 
_refine_hist.pdbx_number_atoms_nucleic_acid   0 
_refine_hist.pdbx_number_atoms_ligand         0 
_refine_hist.number_atoms_solvent             190 
_refine_hist.number_atoms_total               1178 
_refine_hist.d_res_high                       1.750 
_refine_hist.d_res_low                        19.24 
# 
loop_
_refine_ls_restr.type 
_refine_ls_restr.number 
_refine_ls_restr.dev_ideal 
_refine_ls_restr.dev_ideal_target 
_refine_ls_restr.weight 
_refine_ls_restr.pdbx_refine_id 
_refine_ls_restr.pdbx_restraint_function 
r_bond_refined_d       1037 0.008  0.021  ? 'X-RAY DIFFRACTION' ? 
r_angle_refined_deg    1431 1.185  1.958  ? 'X-RAY DIFFRACTION' ? 
r_dihedral_angle_1_deg 143  5.904  5.000  ? 'X-RAY DIFFRACTION' ? 
r_dihedral_angle_2_deg 44   28.437 25.455 ? 'X-RAY DIFFRACTION' ? 
r_dihedral_angle_3_deg 149  10.416 15.000 ? 'X-RAY DIFFRACTION' ? 
r_dihedral_angle_4_deg 4    19.605 15.000 ? 'X-RAY DIFFRACTION' ? 
r_chiral_restr         174  0.073  0.200  ? 'X-RAY DIFFRACTION' ? 
r_gen_planes_refined   801  0.005  0.021  ? 'X-RAY DIFFRACTION' ? 
r_mcbond_it            681  0.614  1.500  ? 'X-RAY DIFFRACTION' ? 
r_mcangle_it           1104 1.183  2.000  ? 'X-RAY DIFFRACTION' ? 
r_scbond_it            356  1.711  3.000  ? 'X-RAY DIFFRACTION' ? 
r_scangle_it           323  2.948  4.500  ? 'X-RAY DIFFRACTION' ? 
# 
_refine_ls_shell.d_res_high                       1.750 
_refine_ls_shell.d_res_low                        1.795 
_refine_ls_shell.pdbx_total_number_of_bins_used   20 
_refine_ls_shell.percent_reflns_obs               97.710 
_refine_ls_shell.number_reflns_R_work             1012 
_refine_ls_shell.R_factor_all                     ? 
_refine_ls_shell.R_factor_R_work                  0.220 
_refine_ls_shell.R_factor_R_free                  0.276 
_refine_ls_shell.percent_reflns_R_free            ? 
_refine_ls_shell.number_reflns_R_free             53 
_refine_ls_shell.R_factor_R_free_error            ? 
_refine_ls_shell.number_reflns_all                1065 
_refine_ls_shell.number_reflns_obs                ? 
_refine_ls_shell.redundancy_reflns_obs            ? 
_refine_ls_shell.pdbx_refine_id                   'X-RAY DIFFRACTION' 
# 
_struct.entry_id                  3HGB 
_struct.title                     'Crystal structure of glycine cleavage system protein H from Mycobacterium tuberculosis' 
_struct.pdbx_model_details        ? 
_struct.pdbx_CASP_flag            ? 
_struct.pdbx_model_type_details   ? 
# 
_struct_keywords.entry_id        3HGB 
_struct_keywords.pdbx_keywords   OXIDOREDUCTASE 
_struct_keywords.text            
;SSGCID, NIAID, deCODE, UW, SBRI, Lipoyl, Structural Genomics, Seattle Structural Genomics Center for Infectious Disease, UNKNOWN FUNCTION, OXIDOREDUCTASE
;
# 
loop_
_struct_asym.id 
_struct_asym.pdbx_blank_PDB_chainid_flag 
_struct_asym.pdbx_modified 
_struct_asym.entity_id 
_struct_asym.details 
A N N 1 ? 
B N N 2 ? 
# 
_struct_biol.id        1 
_struct_biol.details   ? 
# 
loop_
_struct_conf.conf_type_id 
_struct_conf.id 
_struct_conf.pdbx_PDB_helix_id 
_struct_conf.beg_label_comp_id 
_struct_conf.beg_label_asym_id 
_struct_conf.beg_label_seq_id 
_struct_conf.pdbx_beg_PDB_ins_code 
_struct_conf.end_label_comp_id 
_struct_conf.end_label_asym_id 
_struct_conf.end_label_seq_id 
_struct_conf.pdbx_end_PDB_ins_code 
_struct_conf.beg_auth_comp_id 
_struct_conf.beg_auth_asym_id 
_struct_conf.beg_auth_seq_id 
_struct_conf.end_auth_comp_id 
_struct_conf.end_auth_asym_id 
_struct_conf.end_auth_seq_id 
_struct_conf.pdbx_PDB_helix_class 
_struct_conf.details 
_struct_conf.pdbx_PDB_helix_length 
HELX_P HELX_P1 1 THR A 51  ? GLY A 59  ? THR A 52  GLY A 60  1 ? 9 
HELX_P HELX_P2 2 SER A 104 ? THR A 109 ? SER A 105 THR A 110 1 ? 6 
HELX_P HELX_P3 3 GLN A 111 ? ASP A 116 ? GLN A 112 ASP A 117 1 ? 6 
HELX_P HELX_P4 4 ALA A 135 ? THR A 141 ? ALA A 136 THR A 142 1 ? 7 
HELX_P HELX_P5 5 ASP A 145 ? LEU A 153 ? ASP A 146 LEU A 154 1 ? 9 
# 
_struct_conf_type.id          HELX_P 
_struct_conf_type.criteria    ? 
_struct_conf_type.reference   ? 
# 
loop_
_struct_sheet.id 
_struct_sheet.type 
_struct_sheet.number_strands 
_struct_sheet.details 
A ? 6 ? 
B ? 3 ? 
# 
loop_
_struct_sheet_order.sheet_id 
_struct_sheet_order.range_id_1 
_struct_sheet_order.range_id_2 
_struct_sheet_order.offset 
_struct_sheet_order.sense 
A 1 2 ? anti-parallel 
A 2 3 ? anti-parallel 
A 3 4 ? anti-parallel 
A 4 5 ? anti-parallel 
A 5 6 ? anti-parallel 
B 1 2 ? anti-parallel 
B 2 3 ? anti-parallel 
# 
loop_
_struct_sheet_range.sheet_id 
_struct_sheet_range.id 
_struct_sheet_range.beg_label_comp_id 
_struct_sheet_range.beg_label_asym_id 
_struct_sheet_range.beg_label_seq_id 
_struct_sheet_range.pdbx_beg_PDB_ins_code 
_struct_sheet_range.end_label_comp_id 
_struct_sheet_range.end_label_asym_id 
_struct_sheet_range.end_label_seq_id 
_struct_sheet_range.pdbx_end_PDB_ins_code 
_struct_sheet_range.beg_auth_comp_id 
_struct_sheet_range.beg_auth_asym_id 
_struct_sheet_range.beg_auth_seq_id 
_struct_sheet_range.end_auth_comp_id 
_struct_sheet_range.end_auth_asym_id 
_struct_sheet_range.end_auth_seq_id 
A 1 HIS A 30  ? TYR A 31  ? HIS A 31  TYR A 32  
A 2 GLU A 36  ? GLY A 42  ? GLU A 37  GLY A 43  
A 3 THR A 45  ? ILE A 50  ? THR A 46  ILE A 51  
A 4 LEU A 124 ? GLN A 127 ? LEU A 125 GLN A 128 
A 5 GLY A 97  ? VAL A 102 ? GLY A 98  VAL A 103 
A 6 ALA A 72  ? VAL A 73  ? ALA A 73  VAL A 74  
B 1 VAL A 61  ? GLN A 65  ? VAL A 62  GLN A 66  
B 2 THR A 78  ? SER A 84  ? THR A 79  SER A 85  
B 3 VAL A 88  ? TYR A 92  ? VAL A 89  TYR A 93  
# 
loop_
_pdbx_struct_sheet_hbond.sheet_id 
_pdbx_struct_sheet_hbond.range_id_1 
_pdbx_struct_sheet_hbond.range_id_2 
_pdbx_struct_sheet_hbond.range_1_label_atom_id 
_pdbx_struct_sheet_hbond.range_1_label_comp_id 
_pdbx_struct_sheet_hbond.range_1_label_asym_id 
_pdbx_struct_sheet_hbond.range_1_label_seq_id 
_pdbx_struct_sheet_hbond.range_1_PDB_ins_code 
_pdbx_struct_sheet_hbond.range_1_auth_atom_id 
_pdbx_struct_sheet_hbond.range_1_auth_comp_id 
_pdbx_struct_sheet_hbond.range_1_auth_asym_id 
_pdbx_struct_sheet_hbond.range_1_auth_seq_id 
_pdbx_struct_sheet_hbond.range_2_label_atom_id 
_pdbx_struct_sheet_hbond.range_2_label_comp_id 
_pdbx_struct_sheet_hbond.range_2_label_asym_id 
_pdbx_struct_sheet_hbond.range_2_label_seq_id 
_pdbx_struct_sheet_hbond.range_2_PDB_ins_code 
_pdbx_struct_sheet_hbond.range_2_auth_atom_id 
_pdbx_struct_sheet_hbond.range_2_auth_comp_id 
_pdbx_struct_sheet_hbond.range_2_auth_asym_id 
_pdbx_struct_sheet_hbond.range_2_auth_seq_id 
A 1 2 N HIS A 30  ? N HIS A 31  O ILE A 38  ? O ILE A 39  
A 2 3 N ARG A 39  ? N ARG A 40  O ARG A 47  ? O ARG A 48  
A 3 4 N VAL A 48  ? N VAL A 49  O LEU A 124 ? O LEU A 125 
A 4 5 O GLN A 127 ? O GLN A 128 N LYS A 98  ? N LYS A 99  
A 5 6 O GLY A 97  ? O GLY A 98  N VAL A 73  ? N VAL A 74  
B 1 2 N VAL A 62  ? N VAL A 63  O GLU A 83  ? O GLU A 84  
B 2 3 N VAL A 82  ? N VAL A 83  O SER A 89  ? O SER A 90  
# 
_atom_sites.entry_id                    3HGB 
_atom_sites.fract_transf_matrix[1][1]   -0.00728093 
_atom_sites.fract_transf_matrix[1][2]   -0.00567353 
_atom_sites.fract_transf_matrix[1][3]   -0.00694411 
_atom_sites.fract_transf_matrix[2][1]   -0.00347267 
_atom_sites.fract_transf_matrix[2][2]   -0.01285751 
_atom_sites.fract_transf_matrix[2][3]   0.01414606 
_atom_sites.fract_transf_matrix[3][1]   -0.02479574 
_atom_sites.fract_transf_matrix[3][2]   0.01618662 
_atom_sites.fract_transf_matrix[3][3]   0.00862518 
_atom_sites.fract_transf_vector[1]      0.337122 
_atom_sites.fract_transf_vector[2]      0.005143 
_atom_sites.fract_transf_vector[3]      0.094461 
# 
loop_
_atom_type.symbol 
C 
N 
O 
# 
loop_
_atom_site.group_PDB 
_atom_site.id 
_atom_site.type_symbol 
_atom_site.label_atom_id 
_atom_site.label_alt_id 
_atom_site.label_comp_id 
_atom_site.label_asym_id 
_atom_site.label_entity_id 
_atom_site.label_seq_id 
_atom_site.pdbx_PDB_ins_code 
_atom_site.Cartn_x 
_atom_site.Cartn_y 
_atom_site.Cartn_z 
_atom_site.occupancy 
_atom_site.B_iso_or_equiv 
_atom_site.pdbx_formal_charge 
_atom_site.auth_seq_id 
_atom_site.auth_comp_id 
_atom_site.auth_asym_id 
_atom_site.auth_atom_id 
_atom_site.pdbx_PDB_model_num 
ATOM   1    N N   . SER A 1 21  ? -2.835  -21.992 -0.589  1.00 21.97 ? 22  SER A N   1 
ATOM   2    C CA  . SER A 1 21  ? -2.405  -21.425 0.734   1.00 21.71 ? 22  SER A CA  1 
ATOM   3    C C   . SER A 1 21  ? -3.257  -20.235 1.181   1.00 20.72 ? 22  SER A C   1 
ATOM   4    O O   . SER A 1 21  ? -3.697  -19.436 0.349   1.00 21.07 ? 22  SER A O   1 
ATOM   5    C CB  . SER A 1 21  ? -0.945  -20.991 0.658   1.00 22.09 ? 22  SER A CB  1 
ATOM   6    O OG  . SER A 1 21  ? -0.785  -19.991 -0.330  1.00 24.22 ? 22  SER A OG  1 
ATOM   7    N N   . MET A 1 22  ? -3.477  -20.112 2.493   1.00 19.29 ? 23  MET A N   1 
ATOM   8    C CA  . MET A 1 22  ? -4.231  -18.985 3.059   1.00 17.16 ? 23  MET A CA  1 
ATOM   9    C C   . MET A 1 22  ? -3.345  -17.739 3.013   1.00 15.02 ? 23  MET A C   1 
ATOM   10   O O   . MET A 1 22  ? -2.185  -17.793 3.438   1.00 15.16 ? 23  MET A O   1 
ATOM   11   C CB  . MET A 1 22  ? -4.672  -19.284 4.503   1.00 17.94 ? 23  MET A CB  1 
ATOM   12   N N   . SER A 1 23  ? -3.861  -16.631 2.479   1.00 12.43 ? 24  SER A N   1 
ATOM   13   C CA  . SER A 1 23  ? -3.017  -15.433 2.366   1.00 9.83  ? 24  SER A CA  1 
ATOM   14   C C   . SER A 1 23  ? -2.715  -14.859 3.743   1.00 8.58  ? 24  SER A C   1 
ATOM   15   O O   . SER A 1 23  ? -3.537  -14.938 4.664   1.00 8.60  ? 24  SER A O   1 
ATOM   16   C CB  . SER A 1 23  ? -3.616  -14.375 1.434   1.00 9.85  ? 24  SER A CB  1 
ATOM   17   O OG  . SER A 1 23  ? -4.717  -13.726 2.035   1.00 8.19  ? 24  SER A OG  1 
ATOM   18   N N   A ASP A 1 24  ? -1.512  -14.307 3.881   0.50 7.92  ? 25  ASP A N   1 
ATOM   19   N N   B ASP A 1 24  ? -1.526  -14.287 3.870   0.50 8.07  ? 25  ASP A N   1 
ATOM   20   C CA  A ASP A 1 24  ? -1.070  -13.698 5.125   0.50 7.50  ? 25  ASP A CA  1 
ATOM   21   C CA  B ASP A 1 24  ? -1.069  -13.714 5.118   0.50 7.81  ? 25  ASP A CA  1 
ATOM   22   C C   A ASP A 1 24  ? -1.735  -12.339 5.275   0.50 7.01  ? 25  ASP A C   1 
ATOM   23   C C   B ASP A 1 24  ? -1.696  -12.332 5.290   0.50 7.20  ? 25  ASP A C   1 
ATOM   24   O O   A ASP A 1 24  ? -1.742  -11.543 4.340   0.50 6.69  ? 25  ASP A O   1 
ATOM   25   O O   B ASP A 1 24  ? -1.648  -11.513 4.377   0.50 6.89  ? 25  ASP A O   1 
ATOM   26   C CB  A ASP A 1 24  ? 0.452   -13.532 5.122   0.50 7.63  ? 25  ASP A CB  1 
ATOM   27   C CB  B ASP A 1 24  ? 0.455   -13.623 5.085   0.50 8.06  ? 25  ASP A CB  1 
ATOM   28   C CG  A ASP A 1 24  ? 1.180   -14.828 5.383   0.50 8.03  ? 25  ASP A CG  1 
ATOM   29   C CG  B ASP A 1 24  ? 1.023   -12.946 6.299   0.50 9.36  ? 25  ASP A CG  1 
ATOM   30   O OD1 A ASP A 1 24  ? 0.563   -15.752 5.944   0.50 10.03 ? 25  ASP A OD1 1 
ATOM   31   O OD1 B ASP A 1 24  ? 0.394   -13.036 7.374   0.50 11.13 ? 25  ASP A OD1 1 
ATOM   32   O OD2 A ASP A 1 24  ? 2.376   -14.921 5.040   0.50 9.49  ? 25  ASP A OD2 1 
ATOM   33   O OD2 B ASP A 1 24  ? 2.102   -12.329 6.175   0.50 11.29 ? 25  ASP A OD2 1 
ATOM   34   N N   . ILE A 1 25  ? -2.306  -12.088 6.449   1.00 6.65  ? 26  ILE A N   1 
ATOM   35   C CA  . ILE A 1 25  ? -2.901  -10.783 6.756   1.00 6.17  ? 26  ILE A CA  1 
ATOM   36   C C   . ILE A 1 25  ? -2.468  -10.409 8.171   1.00 5.88  ? 26  ILE A C   1 
ATOM   37   O O   . ILE A 1 25  ? -3.159  -10.746 9.138   1.00 5.98  ? 26  ILE A O   1 
ATOM   38   C CB  . ILE A 1 25  ? -4.460  -10.803 6.647   1.00 5.98  ? 26  ILE A CB  1 
ATOM   39   C CG1 . ILE A 1 25  ? -4.904  -11.204 5.240   1.00 6.36  ? 26  ILE A CG1 1 
ATOM   40   C CG2 . ILE A 1 25  ? -5.052  -9.441  7.021   1.00 6.19  ? 26  ILE A CG2 1 
ATOM   41   C CD1 . ILE A 1 25  ? -6.418  -11.278 5.065   1.00 7.22  ? 26  ILE A CD1 1 
ATOM   42   N N   . PRO A 1 26  ? -1.299  -9.740  8.302   1.00 5.82  ? 27  PRO A N   1 
ATOM   43   C CA  . PRO A 1 26  ? -0.795  -9.354  9.617   1.00 5.78  ? 27  PRO A CA  1 
ATOM   44   C C   . PRO A 1 26  ? -1.832  -8.614  10.426  1.00 6.05  ? 27  PRO A C   1 
ATOM   45   O O   . PRO A 1 26  ? -2.537  -7.738  9.905   1.00 6.51  ? 27  PRO A O   1 
ATOM   46   C CB  . PRO A 1 26  ? 0.366   -8.423  9.283   1.00 5.29  ? 27  PRO A CB  1 
ATOM   47   C CG  . PRO A 1 26  ? 0.911   -8.996  8.020   1.00 5.25  ? 27  PRO A CG  1 
ATOM   48   C CD  . PRO A 1 26  ? -0.299  -9.478  7.248   1.00 5.94  ? 27  PRO A CD  1 
ATOM   49   N N   . SER A 1 27  ? -1.927  -8.968  11.698  1.00 6.42  ? 28  SER A N   1 
ATOM   50   C CA  . SER A 1 27  ? -2.923  -8.357  12.561  1.00 6.68  ? 28  SER A CA  1 
ATOM   51   C C   . SER A 1 27  ? -2.561  -6.934  12.960  1.00 7.08  ? 28  SER A C   1 
ATOM   52   O O   . SER A 1 27  ? -3.400  -6.214  13.505  1.00 7.14  ? 28  SER A O   1 
ATOM   53   C CB  . SER A 1 27  ? -3.118  -9.204  13.813  1.00 7.18  ? 28  SER A CB  1 
ATOM   54   O OG  . SER A 1 27  ? -1.974  -9.105  14.634  1.00 7.32  ? 28  SER A OG  1 
ATOM   55   N N   . ASP A 1 28  ? -1.308  -6.538  12.701  1.00 6.75  ? 29  ASP A N   1 
ATOM   56   C CA  . ASP A 1 28  ? -0.803  -5.237  13.135  1.00 6.83  ? 29  ASP A CA  1 
ATOM   57   C C   . ASP A 1 28  ? -0.841  -4.209  12.020  1.00 7.09  ? 29  ASP A C   1 
ATOM   58   O O   . ASP A 1 28  ? -0.184  -3.168  12.096  1.00 7.90  ? 29  ASP A O   1 
ATOM   59   C CB  . ASP A 1 28  ? 0.606   -5.358  13.719  1.00 6.24  ? 29  ASP A CB  1 
ATOM   60   C CG  . ASP A 1 28  ? 1.652   -5.800  12.695  1.00 6.38  ? 29  ASP A CG  1 
ATOM   61   O OD1 . ASP A 1 28  ? 1.298   -6.323  11.612  1.00 5.77  ? 29  ASP A OD1 1 
ATOM   62   O OD2 . ASP A 1 28  ? 2.850   -5.642  13.001  1.00 4.93  ? 29  ASP A OD2 1 
ATOM   63   N N   . LEU A 1 29  ? -1.611  -4.518  10.980  1.00 6.38  ? 30  LEU A N   1 
ATOM   64   C CA  . LEU A 1 29  ? -1.772  -3.621  9.859   1.00 5.63  ? 30  LEU A CA  1 
ATOM   65   C C   . LEU A 1 29  ? -3.222  -3.226  9.691   1.00 5.82  ? 30  LEU A C   1 
ATOM   66   O O   . LEU A 1 29  ? -4.134  -3.905  10.184  1.00 6.05  ? 30  LEU A O   1 
ATOM   67   C CB  . LEU A 1 29  ? -1.270  -4.287  8.574   1.00 5.61  ? 30  LEU A CB  1 
ATOM   68   C CG  . LEU A 1 29  ? 0.231   -4.551  8.569   1.00 4.90  ? 30  LEU A CG  1 
ATOM   69   C CD1 . LEU A 1 29  ? 0.639   -5.266  7.276   1.00 5.69  ? 30  LEU A CD1 1 
ATOM   70   C CD2 . LEU A 1 29  ? 0.968   -3.243  8.711   1.00 5.85  ? 30  LEU A CD2 1 
ATOM   71   N N   . HIS A 1 30  ? -3.419  -2.099  9.022   1.00 5.83  ? 31  HIS A N   1 
ATOM   72   C CA  . HIS A 1 30  ? -4.738  -1.744  8.509   1.00 6.22  ? 31  HIS A CA  1 
ATOM   73   C C   . HIS A 1 30  ? -4.730  -1.907  7.015   1.00 5.49  ? 31  HIS A C   1 
ATOM   74   O O   . HIS A 1 30  ? -3.668  -2.045  6.423   1.00 5.42  ? 31  HIS A O   1 
ATOM   75   C CB  . HIS A 1 30  ? -5.144  -0.353  8.976   1.00 6.78  ? 31  HIS A CB  1 
ATOM   76   C CG  . HIS A 1 30  ? -5.409  -0.326  10.443  1.00 10.49 ? 31  HIS A CG  1 
ATOM   77   N ND1 . HIS A 1 30  ? -4.401  -0.185  11.376  1.00 13.51 ? 31  HIS A ND1 1 
ATOM   78   C CD2 . HIS A 1 30  ? -6.545  -0.551  11.147  1.00 13.80 ? 31  HIS A CD2 1 
ATOM   79   C CE1 . HIS A 1 30  ? -4.915  -0.273  12.590  1.00 14.98 ? 31  HIS A CE1 1 
ATOM   80   N NE2 . HIS A 1 30  ? -6.216  -0.487  12.479  1.00 15.84 ? 31  HIS A NE2 1 
ATOM   81   N N   . TYR A 1 31  ? -5.917  -1.955  6.418   1.00 5.04  ? 32  TYR A N   1 
ATOM   82   C CA  . TYR A 1 31  ? -6.037  -2.364  5.036   1.00 5.14  ? 32  TYR A CA  1 
ATOM   83   C C   . TYR A 1 31  ? -7.099  -1.596  4.325   1.00 5.04  ? 32  TYR A C   1 
ATOM   84   O O   . TYR A 1 31  ? -7.985  -1.021  4.947   1.00 5.20  ? 32  TYR A O   1 
ATOM   85   C CB  . TYR A 1 31  ? -6.438  -3.835  4.954   1.00 5.12  ? 32  TYR A CB  1 
ATOM   86   C CG  . TYR A 1 31  ? -5.438  -4.748  5.581   1.00 4.99  ? 32  TYR A CG  1 
ATOM   87   C CD1 . TYR A 1 31  ? -4.418  -5.304  4.824   1.00 5.66  ? 32  TYR A CD1 1 
ATOM   88   C CD2 . TYR A 1 31  ? -5.491  -5.033  6.946   1.00 5.22  ? 32  TYR A CD2 1 
ATOM   89   C CE1 . TYR A 1 31  ? -3.477  -6.136  5.402   1.00 6.26  ? 32  TYR A CE1 1 
ATOM   90   C CE2 . TYR A 1 31  ? -4.537  -5.850  7.539   1.00 5.12  ? 32  TYR A CE2 1 
ATOM   91   C CZ  . TYR A 1 31  ? -3.544  -6.396  6.755   1.00 4.73  ? 32  TYR A CZ  1 
ATOM   92   O OH  . TYR A 1 31  ? -2.602  -7.229  7.306   1.00 6.48  ? 32  TYR A OH  1 
ATOM   93   N N   . THR A 1 32  ? -7.041  -1.649  3.004   1.00 5.01  ? 33  THR A N   1 
ATOM   94   C CA  . THR A 1 32  ? -8.166  -1.183  2.225   1.00 5.41  ? 33  THR A CA  1 
ATOM   95   C C   . THR A 1 32  ? -8.788  -2.376  1.527   1.00 5.70  ? 33  THR A C   1 
ATOM   96   O O   . THR A 1 32  ? -8.123  -3.403  1.315   1.00 6.31  ? 33  THR A O   1 
ATOM   97   C CB  . THR A 1 32  ? -7.749  -0.135  1.177   1.00 4.93  ? 33  THR A CB  1 
ATOM   98   O OG1 . THR A 1 32  ? -6.928  -0.752  0.183   1.00 5.58  ? 33  THR A OG1 1 
ATOM   99   C CG2 . THR A 1 32  ? -6.985  1.014   1.818   1.00 5.51  ? 33  THR A CG2 1 
ATOM   100  N N   . ALA A 1 33  ? -10.060 -2.234  1.156   1.00 5.88  ? 34  ALA A N   1 
ATOM   101  C CA  . ALA A 1 33  ? -10.747 -3.251  0.359   1.00 6.25  ? 34  ALA A CA  1 
ATOM   102  C C   . ALA A 1 33  ? -9.989  -3.503  -0.941  1.00 6.21  ? 34  ALA A C   1 
ATOM   103  O O   . ALA A 1 33  ? -10.096 -4.572  -1.527  1.00 6.98  ? 34  ALA A O   1 
ATOM   104  C CB  . ALA A 1 33  ? -12.175 -2.809  0.062   1.00 6.50  ? 34  ALA A CB  1 
ATOM   105  N N   . GLU A 1 34  ? -9.224  -2.510  -1.382  1.00 6.48  ? 35  GLU A N   1 
ATOM   106  C CA  . GLU A 1 34  ? -8.478  -2.603  -2.630  1.00 7.03  ? 35  GLU A CA  1 
ATOM   107  C C   . GLU A 1 34  ? -7.090  -3.198  -2.427  1.00 6.93  ? 35  GLU A C   1 
ATOM   108  O O   . GLU A 1 34  ? -6.236  -3.119  -3.316  1.00 7.01  ? 35  GLU A O   1 
ATOM   109  C CB  . GLU A 1 34  ? -8.407  -1.248  -3.333  1.00 7.84  ? 35  GLU A CB  1 
ATOM   110  C CG  . GLU A 1 34  ? -9.765  -0.755  -3.809  1.00 10.63 ? 35  GLU A CG  1 
ATOM   111  C CD  . GLU A 1 34  ? -10.617 -0.214  -2.672  1.00 14.12 ? 35  GLU A CD  1 
ATOM   112  O OE1 . GLU A 1 34  ? -10.052 0.303   -1.674  1.00 15.36 ? 35  GLU A OE1 1 
ATOM   113  O OE2 . GLU A 1 34  ? -11.860 -0.320  -2.765  1.00 15.92 ? 35  GLU A OE2 1 
ATOM   114  N N   . HIS A 1 35  ? -6.881  -3.814  -1.263  1.00 6.26  ? 36  HIS A N   1 
ATOM   115  C CA  . HIS A 1 35  ? -5.738  -4.705  -1.034  1.00 6.20  ? 36  HIS A CA  1 
ATOM   116  C C   . HIS A 1 35  ? -4.452  -3.976  -0.789  1.00 6.15  ? 36  HIS A C   1 
ATOM   117  O O   . HIS A 1 35  ? -3.385  -4.466  -1.131  1.00 6.24  ? 36  HIS A O   1 
ATOM   118  C CB  . HIS A 1 35  ? -5.559  -5.668  -2.210  1.00 6.15  ? 36  HIS A CB  1 
ATOM   119  C CG  . HIS A 1 35  ? -6.827  -6.343  -2.604  1.00 6.20  ? 36  HIS A CG  1 
ATOM   120  N ND1 . HIS A 1 35  ? -7.479  -7.222  -1.772  1.00 7.39  ? 36  HIS A ND1 1 
ATOM   121  C CD2 . HIS A 1 35  ? -7.594  -6.226  -3.712  1.00 7.37  ? 36  HIS A CD2 1 
ATOM   122  C CE1 . HIS A 1 35  ? -8.586  -7.639  -2.360  1.00 7.61  ? 36  HIS A CE1 1 
ATOM   123  N NE2 . HIS A 1 35  ? -8.673  -7.055  -3.541  1.00 6.95  ? 36  HIS A NE2 1 
ATOM   124  N N   . GLU A 1 36  ? -4.559  -2.784  -0.225  1.00 6.39  ? 37  GLU A N   1 
ATOM   125  C CA  . GLU A 1 36  ? -3.381  -2.129  0.278   1.00 6.49  ? 37  GLU A CA  1 
ATOM   126  C C   . GLU A 1 36  ? -3.335  -2.300  1.769   1.00 5.98  ? 37  GLU A C   1 
ATOM   127  O O   . GLU A 1 36  ? -4.366  -2.483  2.408   1.00 5.99  ? 37  GLU A O   1 
ATOM   128  C CB  . GLU A 1 36  ? -3.355  -0.673  -0.137  1.00 7.15  ? 37  GLU A CB  1 
ATOM   129  C CG  . GLU A 1 36  ? -2.924  -0.580  -1.583  1.00 11.63 ? 37  GLU A CG  1 
ATOM   130  C CD  . GLU A 1 36  ? -3.227  0.734   -2.193  1.00 16.93 ? 37  GLU A CD  1 
ATOM   131  O OE1 . GLU A 1 36  ? -2.840  1.745   -1.570  1.00 18.25 ? 37  GLU A OE1 1 
ATOM   132  O OE2 . GLU A 1 36  ? -3.846  0.751   -3.292  1.00 18.13 ? 37  GLU A OE2 1 
ATOM   133  N N   . TRP A 1 37  ? -2.128  -2.318  2.310   1.00 5.26  ? 38  TRP A N   1 
ATOM   134  C CA  . TRP A 1 37  ? -1.961  -2.290  3.747   1.00 5.04  ? 38  TRP A CA  1 
ATOM   135  C C   . TRP A 1 37  ? -1.329  -0.983  4.162   1.00 4.79  ? 38  TRP A C   1 
ATOM   136  O O   . TRP A 1 37  ? -0.675  -0.288  3.369   1.00 4.65  ? 38  TRP A O   1 
ATOM   137  C CB  . TRP A 1 37  ? -1.152  -3.475  4.267   1.00 4.51  ? 38  TRP A CB  1 
ATOM   138  C CG  . TRP A 1 37  ? 0.211   -3.644  3.650   1.00 6.02  ? 38  TRP A CG  1 
ATOM   139  C CD1 . TRP A 1 37  ? 0.530   -4.458  2.610   1.00 5.90  ? 38  TRP A CD1 1 
ATOM   140  C CD2 . TRP A 1 37  ? 1.434   -3.006  4.053   1.00 5.82  ? 38  TRP A CD2 1 
ATOM   141  N NE1 . TRP A 1 37  ? 1.871   -4.372  2.331   1.00 7.09  ? 38  TRP A NE1 1 
ATOM   142  C CE2 . TRP A 1 37  ? 2.451   -3.490  3.204   1.00 5.69  ? 38  TRP A CE2 1 
ATOM   143  C CE3 . TRP A 1 37  ? 1.767   -2.080  5.048   1.00 5.71  ? 38  TRP A CE3 1 
ATOM   144  C CZ2 . TRP A 1 37  ? 3.785   -3.074  3.313   1.00 6.24  ? 38  TRP A CZ2 1 
ATOM   145  C CZ3 . TRP A 1 37  ? 3.090   -1.661  5.155   1.00 4.45  ? 38  TRP A CZ3 1 
ATOM   146  C CH2 . TRP A 1 37  ? 4.086   -2.167  4.298   1.00 5.05  ? 38  TRP A CH2 1 
ATOM   147  N N   . ILE A 1 38  ? -1.552  -0.647  5.421   1.00 4.67  ? 39  ILE A N   1 
ATOM   148  C CA  . ILE A 1 38  ? -1.110  0.614   5.964   1.00 5.21  ? 39  ILE A CA  1 
ATOM   149  C C   . ILE A 1 38  ? -0.535  0.326   7.331   1.00 5.65  ? 39  ILE A C   1 
ATOM   150  O O   . ILE A 1 38  ? -1.209  -0.250  8.194   1.00 5.65  ? 39  ILE A O   1 
ATOM   151  C CB  . ILE A 1 38  ? -2.280  1.613   6.096   1.00 4.92  ? 39  ILE A CB  1 
ATOM   152  C CG1 . ILE A 1 38  ? -3.000  1.816   4.757   1.00 4.25  ? 39  ILE A CG1 1 
ATOM   153  C CG2 . ILE A 1 38  ? -1.802  2.952   6.631   1.00 4.80  ? 39  ILE A CG2 1 
ATOM   154  C CD1 . ILE A 1 38  ? -4.154  0.849   4.496   1.00 4.95  ? 39  ILE A CD1 1 
ATOM   155  N N   . ARG A 1 39  ? 0.717   0.716   7.509   1.00 6.56  ? 40  ARG A N   1 
ATOM   156  C CA  . ARG A 1 39  ? 1.403   0.575   8.784   1.00 8.13  ? 40  ARG A CA  1 
ATOM   157  C C   . ARG A 1 39  ? 1.726   1.957   9.318   1.00 9.18  ? 40  ARG A C   1 
ATOM   158  O O   . ARG A 1 39  ? 2.371   2.753   8.636   1.00 9.67  ? 40  ARG A O   1 
ATOM   159  C CB  . ARG A 1 39  ? 2.703   -0.209  8.602   1.00 7.73  ? 40  ARG A CB  1 
ATOM   160  C CG  . ARG A 1 39  ? 3.507   -0.346  9.890   1.00 7.43  ? 40  ARG A CG  1 
ATOM   161  C CD  . ARG A 1 39  ? 4.778   -1.146  9.681   1.00 8.24  ? 40  ARG A CD  1 
ATOM   162  N NE  . ARG A 1 39  ? 4.478   -2.516  9.270   1.00 7.43  ? 40  ARG A NE  1 
ATOM   163  C CZ  . ARG A 1 39  ? 4.954   -3.091  8.174   1.00 8.32  ? 40  ARG A CZ  1 
ATOM   164  N NH1 . ARG A 1 39  ? 5.791   -2.428  7.379   1.00 8.79  ? 40  ARG A NH1 1 
ATOM   165  N NH2 . ARG A 1 39  ? 4.598   -4.338  7.879   1.00 8.34  ? 40  ARG A NH2 1 
ATOM   166  N N   . ARG A 1 40  ? 1.312   2.251   10.546  1.00 10.71 ? 41  ARG A N   1 
ATOM   167  C CA  . ARG A 1 40  ? 1.705   3.521   11.118  1.00 12.44 ? 41  ARG A CA  1 
ATOM   168  C C   . ARG A 1 40  ? 3.166   3.391   11.503  1.00 13.38 ? 41  ARG A C   1 
ATOM   169  O O   . ARG A 1 40  ? 3.519   2.560   12.340  1.00 13.39 ? 41  ARG A O   1 
ATOM   170  C CB  . ARG A 1 40  ? 0.849   3.897   12.320  1.00 12.76 ? 41  ARG A CB  1 
ATOM   171  C CG  . ARG A 1 40  ? 1.227   5.259   12.877  1.00 14.03 ? 41  ARG A CG  1 
ATOM   172  C CD  . ARG A 1 40  ? 0.141   5.797   13.771  1.00 17.53 ? 41  ARG A CD  1 
ATOM   173  N NE  . ARG A 1 40  ? 0.392   7.194   14.107  1.00 18.96 ? 41  ARG A NE  1 
ATOM   174  C CZ  . ARG A 1 40  ? -0.448  7.955   14.798  1.00 21.34 ? 41  ARG A CZ  1 
ATOM   175  N NH1 . ARG A 1 40  ? -1.597  7.453   15.237  1.00 22.24 ? 41  ARG A NH1 1 
ATOM   176  N NH2 . ARG A 1 40  ? -0.132  9.217   15.058  1.00 22.30 ? 41  ARG A NH2 1 
ATOM   177  N N   . SER A 1 41  ? 4.013   4.189   10.863  1.00 14.60 ? 42  SER A N   1 
ATOM   178  C CA  . SER A 1 41  ? 5.447   4.076   11.087  1.00 16.48 ? 42  SER A CA  1 
ATOM   179  C C   . SER A 1 41  ? 5.971   5.204   11.973  1.00 17.59 ? 42  SER A C   1 
ATOM   180  O O   . SER A 1 41  ? 7.077   5.112   12.517  1.00 18.18 ? 42  SER A O   1 
ATOM   181  C CB  . SER A 1 41  ? 6.194   4.034   9.757   1.00 16.66 ? 42  SER A CB  1 
ATOM   182  O OG  . SER A 1 41  ? 5.976   5.225   9.027   1.00 17.23 ? 42  SER A OG  1 
ATOM   183  N N   . GLY A 1 42  ? 5.176   6.261   12.113  1.00 18.47 ? 43  GLY A N   1 
ATOM   184  C CA  . GLY A 1 42  ? 5.522   7.378   12.987  1.00 19.41 ? 43  GLY A CA  1 
ATOM   185  C C   . GLY A 1 42  ? 4.303   8.186   13.366  1.00 20.10 ? 43  GLY A C   1 
ATOM   186  O O   . GLY A 1 42  ? 3.186   7.862   12.956  1.00 20.27 ? 43  GLY A O   1 
ATOM   187  N N   . ASP A 1 43  ? 4.507   9.250   14.139  1.00 20.38 ? 44  ASP A N   1 
ATOM   188  C CA  . ASP A 1 43  ? 3.388   10.091  14.572  1.00 20.70 ? 44  ASP A CA  1 
ATOM   189  C C   . ASP A 1 43  ? 2.564   10.616  13.398  1.00 19.77 ? 44  ASP A C   1 
ATOM   190  O O   . ASP A 1 43  ? 1.340   10.757  13.493  1.00 19.91 ? 44  ASP A O   1 
ATOM   191  C CB  . ASP A 1 43  ? 3.881   11.262  15.432  1.00 21.52 ? 44  ASP A CB  1 
ATOM   192  C CG  . ASP A 1 43  ? 4.418   10.814  16.777  1.00 24.35 ? 44  ASP A CG  1 
ATOM   193  O OD1 . ASP A 1 43  ? 3.986   9.745   17.276  1.00 28.14 ? 44  ASP A OD1 1 
ATOM   194  O OD2 . ASP A 1 43  ? 5.281   11.535  17.338  1.00 28.37 ? 44  ASP A OD2 1 
ATOM   195  N N   . ASP A 1 44  ? 3.233   10.894  12.288  1.00 18.59 ? 45  ASP A N   1 
ATOM   196  C CA  . ASP A 1 44  ? 2.552   11.475  11.146  1.00 17.48 ? 45  ASP A CA  1 
ATOM   197  C C   . ASP A 1 44  ? 2.815   10.740  9.843   1.00 15.52 ? 45  ASP A C   1 
ATOM   198  O O   . ASP A 1 44  ? 2.596   11.296  8.775   1.00 14.97 ? 45  ASP A O   1 
ATOM   199  C CB  . ASP A 1 44  ? 2.927   12.953  10.999  1.00 18.41 ? 45  ASP A CB  1 
ATOM   200  C CG  . ASP A 1 44  ? 4.392   13.170  10.630  1.00 20.97 ? 45  ASP A CG  1 
ATOM   201  O OD1 . ASP A 1 44  ? 5.181   12.195  10.560  1.00 23.23 ? 45  ASP A OD1 1 
ATOM   202  O OD2 . ASP A 1 44  ? 4.757   14.344  10.401  1.00 25.65 ? 45  ASP A OD2 1 
ATOM   203  N N   . THR A 1 45  ? 3.279   9.499   9.934   1.00 13.60 ? 46  THR A N   1 
ATOM   204  C CA  . THR A 1 45  ? 3.642   8.750   8.732   1.00 12.14 ? 46  THR A CA  1 
ATOM   205  C C   . THR A 1 45  ? 3.059   7.349   8.730   1.00 10.97 ? 46  THR A C   1 
ATOM   206  O O   . THR A 1 45  ? 3.031   6.675   9.754   1.00 10.77 ? 46  THR A O   1 
ATOM   207  C CB  . THR A 1 45  ? 5.168   8.684   8.577   1.00 12.02 ? 46  THR A CB  1 
ATOM   208  O OG1 . THR A 1 45  ? 5.671   10.019  8.494   1.00 13.57 ? 46  THR A OG1 1 
ATOM   209  C CG2 . THR A 1 45  ? 5.568   7.934   7.311   1.00 12.07 ? 46  THR A CG2 1 
ATOM   210  N N   . VAL A 1 46  ? 2.579   6.925   7.569   1.00 9.34  ? 47  VAL A N   1 
ATOM   211  C CA  . VAL A 1 46  ? 2.239   5.530   7.384   1.00 8.43  ? 47  VAL A CA  1 
ATOM   212  C C   . VAL A 1 46  ? 3.053   4.950   6.250   1.00 7.87  ? 47  VAL A C   1 
ATOM   213  O O   . VAL A 1 46  ? 3.429   5.660   5.322   1.00 7.81  ? 47  VAL A O   1 
ATOM   214  C CB  . VAL A 1 46  ? 0.748   5.324   7.100   1.00 8.25  ? 47  VAL A CB  1 
ATOM   215  C CG1 . VAL A 1 46  ? -0.083  5.787   8.296   1.00 8.84  ? 47  VAL A CG1 1 
ATOM   216  C CG2 . VAL A 1 46  ? 0.329   6.051   5.826   1.00 7.77  ? 47  VAL A CG2 1 
ATOM   217  N N   . ARG A 1 47  ? 3.324   3.654   6.340   1.00 6.84  ? 48  ARG A N   1 
ATOM   218  C CA  . ARG A 1 47  ? 3.948   2.944   5.244   1.00 6.07  ? 48  ARG A CA  1 
ATOM   219  C C   . ARG A 1 47  ? 2.857   2.143   4.552   1.00 5.70  ? 48  ARG A C   1 
ATOM   220  O O   . ARG A 1 47  ? 1.952   1.619   5.203   1.00 5.55  ? 48  ARG A O   1 
ATOM   221  C CB  . ARG A 1 47  ? 5.060   2.042   5.772   1.00 6.52  ? 48  ARG A CB  1 
ATOM   222  C CG  . ARG A 1 47  ? 5.741   1.210   4.695   1.00 6.07  ? 48  ARG A CG  1 
ATOM   223  C CD  . ARG A 1 47  ? 7.208   0.986   5.040   1.00 7.65  ? 48  ARG A CD  1 
ATOM   224  N NE  . ARG A 1 47  ? 7.967   2.221   4.885   1.00 9.41  ? 48  ARG A NE  1 
ATOM   225  C CZ  . ARG A 1 47  ? 9.293   2.316   4.905   1.00 10.09 ? 48  ARG A CZ  1 
ATOM   226  N NH1 . ARG A 1 47  ? 10.042  1.234   5.071   1.00 12.57 ? 48  ARG A NH1 1 
ATOM   227  N NH2 . ARG A 1 47  ? 9.864   3.503   4.734   1.00 11.40 ? 48  ARG A NH2 1 
ATOM   228  N N   . VAL A 1 48  ? 2.934   2.063   3.230   1.00 5.02  ? 49  VAL A N   1 
ATOM   229  C CA  . VAL A 1 48  ? 1.876   1.446   2.432   1.00 4.45  ? 49  VAL A CA  1 
ATOM   230  C C   . VAL A 1 48  ? 2.461   0.380   1.523   1.00 4.59  ? 49  VAL A C   1 
ATOM   231  O O   . VAL A 1 48  ? 3.546   0.543   0.984   1.00 4.58  ? 49  VAL A O   1 
ATOM   232  C CB  . VAL A 1 48  ? 1.134   2.509   1.587   1.00 4.44  ? 49  VAL A CB  1 
ATOM   233  C CG1 . VAL A 1 48  ? 0.044   1.876   0.726   1.00 4.42  ? 49  VAL A CG1 1 
ATOM   234  C CG2 . VAL A 1 48  ? 0.528   3.581   2.499   1.00 4.86  ? 49  VAL A CG2 1 
ATOM   235  N N   . GLY A 1 49  ? 1.739   -0.719  1.378   1.00 4.20  ? 50  GLY A N   1 
ATOM   236  C CA  . GLY A 1 49  ? 2.115   -1.747  0.427   1.00 4.36  ? 50  GLY A CA  1 
ATOM   237  C C   . GLY A 1 49  ? 0.864   -2.422  -0.046  1.00 4.34  ? 50  GLY A C   1 
ATOM   238  O O   . GLY A 1 49  ? -0.256  -1.984  0.270   1.00 4.04  ? 50  GLY A O   1 
ATOM   239  N N   . ILE A 1 50  ? 1.045   -3.478  -0.822  1.00 4.34  ? 51  ILE A N   1 
ATOM   240  C CA  . ILE A 1 50  ? -0.073  -4.333  -1.167  1.00 5.02  ? 51  ILE A CA  1 
ATOM   241  C C   . ILE A 1 50  ? 0.001   -5.640  -0.407  1.00 4.40  ? 51  ILE A C   1 
ATOM   242  O O   . ILE A 1 50  ? 1.066   -6.066  0.057   1.00 4.76  ? 51  ILE A O   1 
ATOM   243  C CB  . ILE A 1 50  ? -0.245  -4.557  -2.692  1.00 4.90  ? 51  ILE A CB  1 
ATOM   244  C CG1 . ILE A 1 50  ? 0.946   -5.319  -3.276  1.00 5.93  ? 51  ILE A CG1 1 
ATOM   245  C CG2 . ILE A 1 50  ? -0.496  -3.216  -3.404  1.00 6.22  ? 51  ILE A CG2 1 
ATOM   246  C CD1 . ILE A 1 50  ? 0.685   -5.876  -4.664  1.00 5.22  ? 51  ILE A CD1 1 
ATOM   247  N N   . THR A 1 51  ? -1.152  -6.260  -0.245  1.00 4.15  ? 52  THR A N   1 
ATOM   248  C CA  . THR A 1 51  ? -1.255  -7.426  0.615   1.00 3.71  ? 52  THR A CA  1 
ATOM   249  C C   . THR A 1 51  ? -0.666  -8.669  -0.053  1.00 3.14  ? 52  THR A C   1 
ATOM   250  O O   . THR A 1 51  ? -0.411  -8.695  -1.255  1.00 3.01  ? 52  THR A O   1 
ATOM   251  C CB  . THR A 1 51  ? -2.723  -7.699  0.976   1.00 3.92  ? 52  THR A CB  1 
ATOM   252  O OG1 . THR A 1 51  ? -3.479  -7.964  -0.215  1.00 4.79  ? 52  THR A OG1 1 
ATOM   253  C CG2 . THR A 1 51  ? -3.328  -6.508  1.702   1.00 3.67  ? 52  THR A CG2 1 
ATOM   254  N N   . ASP A 1 52  ? -0.471  -9.704  0.745   1.00 3.31  ? 53  ASP A N   1 
ATOM   255  C CA  . ASP A 1 52  ? -0.077  -11.004 0.237   1.00 3.63  ? 53  ASP A CA  1 
ATOM   256  C C   . ASP A 1 52  ? -1.091  -11.506 -0.792  1.00 3.62  ? 53  ASP A C   1 
ATOM   257  O O   . ASP A 1 52  ? -0.721  -12.032 -1.845  1.00 3.53  ? 53  ASP A O   1 
ATOM   258  C CB  . ASP A 1 52  ? 0.025   -11.960 1.423   1.00 3.49  ? 53  ASP A CB  1 
ATOM   259  C CG  . ASP A 1 52  ? 0.529   -13.316 1.046   1.00 5.84  ? 53  ASP A CG  1 
ATOM   260  O OD1 . ASP A 1 52  ? 1.316   -13.441 0.083   1.00 5.91  ? 53  ASP A OD1 1 
ATOM   261  O OD2 . ASP A 1 52  ? 0.131   -14.268 1.740   1.00 7.43  ? 53  ASP A OD2 1 
ATOM   262  N N   . TYR A 1 53  ? -2.375  -11.345 -0.478  1.00 3.66  ? 54  TYR A N   1 
ATOM   263  C CA  . TYR A 1 53  ? -3.429  -11.731 -1.398  1.00 3.84  ? 54  TYR A CA  1 
ATOM   264  C C   . TYR A 1 53  ? -3.229  -11.003 -2.725  1.00 3.86  ? 54  TYR A C   1 
ATOM   265  O O   . TYR A 1 53  ? -3.275  -11.608 -3.778  1.00 4.01  ? 54  TYR A O   1 
ATOM   266  C CB  . TYR A 1 53  ? -4.798  -11.406 -0.793  1.00 4.07  ? 54  TYR A CB  1 
ATOM   267  C CG  . TYR A 1 53  ? -5.921  -11.500 -1.783  1.00 3.93  ? 54  TYR A CG  1 
ATOM   268  C CD1 . TYR A 1 53  ? -6.577  -12.708 -2.011  1.00 4.88  ? 54  TYR A CD1 1 
ATOM   269  C CD2 . TYR A 1 53  ? -6.319  -10.380 -2.507  1.00 6.81  ? 54  TYR A CD2 1 
ATOM   270  C CE1 . TYR A 1 53  ? -7.606  -12.799 -2.923  1.00 6.62  ? 54  TYR A CE1 1 
ATOM   271  C CE2 . TYR A 1 53  ? -7.339  -10.466 -3.432  1.00 6.74  ? 54  TYR A CE2 1 
ATOM   272  C CZ  . TYR A 1 53  ? -7.981  -11.677 -3.623  1.00 7.21  ? 54  TYR A CZ  1 
ATOM   273  O OH  . TYR A 1 53  ? -8.998  -11.771 -4.530  1.00 9.34  ? 54  TYR A OH  1 
ATOM   274  N N   . ALA A 1 54  ? -3.004  -9.695  -2.648  1.00 3.79  ? 55  ALA A N   1 
ATOM   275  C CA  . ALA A 1 54  ? -2.873  -8.856  -3.825  1.00 4.03  ? 55  ALA A CA  1 
ATOM   276  C C   . ALA A 1 54  ? -1.702  -9.286  -4.704  1.00 4.01  ? 55  ALA A C   1 
ATOM   277  O O   . ALA A 1 54  ? -1.859  -9.458  -5.913  1.00 3.95  ? 55  ALA A O   1 
ATOM   278  C CB  . ALA A 1 54  ? -2.707  -7.399  -3.400  1.00 3.95  ? 55  ALA A CB  1 
ATOM   279  N N   . GLN A 1 55  ? -0.532  -9.464  -4.100  1.00 4.05  ? 56  GLN A N   1 
ATOM   280  C CA  . GLN A 1 55  ? 0.654   -9.805  -4.895  1.00 4.50  ? 56  GLN A CA  1 
ATOM   281  C C   . GLN A 1 55  ? 0.466   -11.153 -5.591  1.00 4.71  ? 56  GLN A C   1 
ATOM   282  O O   . GLN A 1 55  ? 0.826   -11.323 -6.752  1.00 4.94  ? 56  GLN A O   1 
ATOM   283  C CB  . GLN A 1 55  ? 1.937   -9.751  -4.051  1.00 4.79  ? 56  GLN A CB  1 
ATOM   284  C CG  . GLN A 1 55  ? 2.056   -10.769 -2.924  1.00 4.87  ? 56  GLN A CG  1 
ATOM   285  C CD  . GLN A 1 55  ? 2.413   -12.173 -3.412  1.00 4.42  ? 56  GLN A CD  1 
ATOM   286  O OE1 . GLN A 1 55  ? 2.951   -12.355 -4.504  1.00 5.00  ? 56  GLN A OE1 1 
ATOM   287  N NE2 . GLN A 1 55  ? 2.095   -13.172 -2.605  1.00 4.46  ? 56  GLN A NE2 1 
ATOM   288  N N   . SER A 1 56  ? -0.123  -12.109 -4.879  1.00 4.90  ? 57  SER A N   1 
ATOM   289  C CA  . SER A 1 56  ? -0.311  -13.433 -5.443  1.00 5.71  ? 57  SER A CA  1 
ATOM   290  C C   . SER A 1 56  ? -1.294  -13.377 -6.600  1.00 5.42  ? 57  SER A C   1 
ATOM   291  O O   . SER A 1 56  ? -1.086  -14.023 -7.621  1.00 5.71  ? 57  SER A O   1 
ATOM   292  C CB  . SER A 1 56  ? -0.797  -14.413 -4.386  1.00 5.53  ? 57  SER A CB  1 
ATOM   293  O OG  . SER A 1 56  ? -0.741  -15.730 -4.902  1.00 7.50  ? 57  SER A OG  1 
ATOM   294  N N   . ALA A 1 57  ? -2.353  -12.592 -6.435  1.00 5.87  ? 58  ALA A N   1 
ATOM   295  C CA  . ALA A 1 57  ? -3.368  -12.430 -7.471  1.00 6.37  ? 58  ALA A CA  1 
ATOM   296  C C   . ALA A 1 57  ? -2.806  -11.726 -8.701  1.00 7.46  ? 58  ALA A C   1 
ATOM   297  O O   . ALA A 1 57  ? -3.123  -12.094 -9.824  1.00 7.42  ? 58  ALA A O   1 
ATOM   298  C CB  . ALA A 1 57  ? -4.552  -11.650 -6.924  1.00 6.84  ? 58  ALA A CB  1 
ATOM   299  N N   . LEU A 1 58  ? -1.972  -10.711 -8.478  1.00 8.01  ? 59  LEU A N   1 
ATOM   300  C CA  . LEU A 1 58  ? -1.368  -9.976  -9.579  1.00 8.83  ? 59  LEU A CA  1 
ATOM   301  C C   . LEU A 1 58  ? -0.449  -10.887 -10.376 1.00 8.90  ? 59  LEU A C   1 
ATOM   302  O O   . LEU A 1 58  ? -0.466  -10.866 -11.602 1.00 9.93  ? 59  LEU A O   1 
ATOM   303  C CB  . LEU A 1 58  ? -0.573  -8.779  -9.061  1.00 8.86  ? 59  LEU A CB  1 
ATOM   304  C CG  . LEU A 1 58  ? -0.268  -7.732  -10.138 1.00 11.13 ? 59  LEU A CG  1 
ATOM   305  C CD1 . LEU A 1 58  ? -1.494  -6.900  -10.481 1.00 10.45 ? 59  LEU A CD1 1 
ATOM   306  C CD2 . LEU A 1 58  ? 0.872   -6.830  -9.706  1.00 12.83 ? 59  LEU A CD2 1 
ATOM   307  N N   . GLY A 1 59  ? 0.331   -11.691 -9.663  1.00 9.08  ? 60  GLY A N   1 
ATOM   308  C CA  . GLY A 1 59  ? 1.384   -12.494 -10.261 1.00 9.25  ? 60  GLY A CA  1 
ATOM   309  C C   . GLY A 1 59  ? 2.704   -11.773 -10.065 1.00 9.18  ? 60  GLY A C   1 
ATOM   310  O O   . GLY A 1 59  ? 2.762   -10.722 -9.414  1.00 8.77  ? 60  GLY A O   1 
ATOM   311  N N   . ASP A 1 60  ? 3.766   -12.333 -10.633 1.00 9.23  ? 61  ASP A N   1 
ATOM   312  C CA  . ASP A 1 60  ? 5.098   -11.764 -10.463 1.00 9.79  ? 61  ASP A CA  1 
ATOM   313  C C   . ASP A 1 60  ? 5.123   -10.333 -10.954 1.00 9.05  ? 61  ASP A C   1 
ATOM   314  O O   . ASP A 1 60  ? 4.818   -10.054 -12.113 1.00 8.36  ? 61  ASP A O   1 
ATOM   315  C CB  . ASP A 1 60  ? 6.131   -12.579 -11.226 1.00 10.66 ? 61  ASP A CB  1 
ATOM   316  C CG  . ASP A 1 60  ? 6.421   -13.913 -10.573 1.00 13.27 ? 61  ASP A CG  1 
ATOM   317  O OD1 . ASP A 1 60  ? 6.069   -14.107 -9.391  1.00 15.36 ? 61  ASP A OD1 1 
ATOM   318  O OD2 . ASP A 1 60  ? 7.010   -14.771 -11.258 1.00 17.26 ? 61  ASP A OD2 1 
ATOM   319  N N   . VAL A 1 61  ? 5.499   -9.433  -10.061 1.00 8.49  ? 62  VAL A N   1 
ATOM   320  C CA  . VAL A 1 61  ? 5.484   -8.021  -10.365 1.00 8.06  ? 62  VAL A CA  1 
ATOM   321  C C   . VAL A 1 61  ? 6.704   -7.682  -11.203 1.00 8.08  ? 62  VAL A C   1 
ATOM   322  O O   . VAL A 1 61  ? 7.828   -8.013  -10.845 1.00 8.16  ? 62  VAL A O   1 
ATOM   323  C CB  . VAL A 1 61  ? 5.486   -7.184  -9.081  1.00 8.17  ? 62  VAL A CB  1 
ATOM   324  C CG1 . VAL A 1 61  ? 5.537   -5.727  -9.421  1.00 7.56  ? 62  VAL A CG1 1 
ATOM   325  C CG2 . VAL A 1 61  ? 4.233   -7.495  -8.268  1.00 7.79  ? 62  VAL A CG2 1 
ATOM   326  N N   . VAL A 1 62  ? 6.476   -7.018  -12.320 1.00 7.98  ? 63  VAL A N   1 
ATOM   327  C CA  . VAL A 1 62  ? 7.558   -6.698  -13.231 1.00 8.54  ? 63  VAL A CA  1 
ATOM   328  C C   . VAL A 1 62  ? 7.864   -5.205  -13.208 1.00 9.18  ? 63  VAL A C   1 
ATOM   329  O O   . VAL A 1 62  ? 8.952   -4.763  -13.593 1.00 9.14  ? 63  VAL A O   1 
ATOM   330  C CB  . VAL A 1 62  ? 7.241   -7.190  -14.668 1.00 8.72  ? 63  VAL A CB  1 
ATOM   331  C CG1 . VAL A 1 62  ? 7.114   -8.708  -14.678 1.00 8.99  ? 63  VAL A CG1 1 
ATOM   332  C CG2 . VAL A 1 62  ? 5.970   -6.561  -15.191 1.00 9.08  ? 63  VAL A CG2 1 
ATOM   333  N N   . PHE A 1 63  ? 6.894   -4.426  -12.752 1.00 9.27  ? 64  PHE A N   1 
ATOM   334  C CA  . PHE A 1 63  ? 7.073   -2.999  -12.684 1.00 9.44  ? 64  PHE A CA  1 
ATOM   335  C C   . PHE A 1 63  ? 6.154   -2.389  -11.661 1.00 9.39  ? 64  PHE A C   1 
ATOM   336  O O   . PHE A 1 63  ? 4.991   -2.749  -11.576 1.00 8.83  ? 64  PHE A O   1 
ATOM   337  C CB  . PHE A 1 63  ? 6.814   -2.344  -14.037 1.00 9.73  ? 64  PHE A CB  1 
ATOM   338  C CG  . PHE A 1 63  ? 7.143   -0.883  -14.054 1.00 12.02 ? 64  PHE A CG  1 
ATOM   339  C CD1 . PHE A 1 63  ? 8.467   -0.457  -13.962 1.00 14.19 ? 64  PHE A CD1 1 
ATOM   340  C CD2 . PHE A 1 63  ? 6.135   0.069   -14.138 1.00 14.75 ? 64  PHE A CD2 1 
ATOM   341  C CE1 . PHE A 1 63  ? 8.780   0.903   -13.953 1.00 15.42 ? 64  PHE A CE1 1 
ATOM   342  C CE2 . PHE A 1 63  ? 6.437   1.429   -14.138 1.00 14.82 ? 64  PHE A CE2 1 
ATOM   343  C CZ  . PHE A 1 63  ? 7.760   1.843   -14.041 1.00 15.56 ? 64  PHE A CZ  1 
ATOM   344  N N   . VAL A 1 64  ? 6.683   -1.433  -10.909 1.00 9.37  ? 65  VAL A N   1 
ATOM   345  C CA  . VAL A 1 64  ? 5.879   -0.704  -9.950  1.00 9.77  ? 65  VAL A CA  1 
ATOM   346  C C   . VAL A 1 64  ? 6.048   0.760   -10.298 1.00 10.39 ? 65  VAL A C   1 
ATOM   347  O O   . VAL A 1 64  ? 7.170   1.269   -10.314 1.00 10.62 ? 65  VAL A O   1 
ATOM   348  C CB  . VAL A 1 64  ? 6.350   -0.946  -8.505  1.00 9.85  ? 65  VAL A CB  1 
ATOM   349  C CG1 . VAL A 1 64  ? 5.446   -0.221  -7.533  1.00 10.38 ? 65  VAL A CG1 1 
ATOM   350  C CG2 . VAL A 1 64  ? 6.375   -2.440  -8.186  1.00 9.14  ? 65  VAL A CG2 1 
ATOM   351  N N   . GLN A 1 65  ? 4.942   1.417   -10.621 1.00 10.92 ? 66  GLN A N   1 
ATOM   352  C CA  . GLN A 1 65  ? 4.974   2.842   -10.872 1.00 11.84 ? 66  GLN A CA  1 
ATOM   353  C C   . GLN A 1 65  ? 4.602   3.512   -9.570  1.00 11.68 ? 66  GLN A C   1 
ATOM   354  O O   . GLN A 1 65  ? 3.481   3.364   -9.083  1.00 11.34 ? 66  GLN A O   1 
ATOM   355  C CB  . GLN A 1 65  ? 4.027   3.251   -12.003 1.00 12.38 ? 66  GLN A CB  1 
ATOM   356  C CG  . GLN A 1 65  ? 4.049   4.754   -12.318 1.00 16.05 ? 66  GLN A CG  1 
ATOM   357  C CD  . GLN A 1 65  ? 5.450   5.280   -12.643 1.00 20.41 ? 66  GLN A CD  1 
ATOM   358  O OE1 . GLN A 1 65  ? 6.078   4.864   -13.625 1.00 23.33 ? 66  GLN A OE1 1 
ATOM   359  N NE2 . GLN A 1 65  ? 5.945   6.200   -11.816 1.00 21.97 ? 66  GLN A NE2 1 
ATOM   360  N N   . LEU A 1 66  ? 5.577   4.209   -8.998  1.00 11.85 ? 67  LEU A N   1 
ATOM   361  C CA  . LEU A 1 66  ? 5.405   4.900   -7.727  1.00 12.22 ? 67  LEU A CA  1 
ATOM   362  C C   . LEU A 1 66  ? 5.302   6.403   -7.987  1.00 11.96 ? 67  LEU A C   1 
ATOM   363  O O   . LEU A 1 66  ? 5.916   6.899   -8.925  1.00 11.23 ? 67  LEU A O   1 
ATOM   364  C CB  . LEU A 1 66  ? 6.599   4.607   -6.813  1.00 13.00 ? 67  LEU A CB  1 
ATOM   365  C CG  . LEU A 1 66  ? 6.856   3.147   -6.399  1.00 14.85 ? 67  LEU A CG  1 
ATOM   366  C CD1 . LEU A 1 66  ? 8.290   2.990   -5.895  1.00 16.23 ? 67  LEU A CD1 1 
ATOM   367  C CD2 . LEU A 1 66  ? 5.855   2.683   -5.340  1.00 15.23 ? 67  LEU A CD2 1 
ATOM   368  N N   . PRO A 1 67  ? 4.540   7.123   -7.147  1.00 11.48 ? 68  PRO A N   1 
ATOM   369  C CA  . PRO A 1 67  ? 4.452   8.571   -7.261  1.00 11.14 ? 68  PRO A CA  1 
ATOM   370  C C   . PRO A 1 67  ? 5.764   9.204   -6.830  1.00 10.32 ? 68  PRO A C   1 
ATOM   371  O O   . PRO A 1 67  ? 6.568   8.584   -6.127  1.00 9.98  ? 68  PRO A O   1 
ATOM   372  C CB  . PRO A 1 67  ? 3.360   8.934   -6.258  1.00 11.52 ? 68  PRO A CB  1 
ATOM   373  C CG  . PRO A 1 67  ? 3.468   7.895   -5.225  1.00 11.18 ? 68  PRO A CG  1 
ATOM   374  C CD  . PRO A 1 67  ? 3.875   6.631   -5.930  1.00 11.92 ? 68  PRO A CD  1 
ATOM   375  N N   . VAL A 1 68  ? 5.956   10.440  -7.256  1.00 10.05 ? 69  VAL A N   1 
ATOM   376  C CA  . VAL A 1 68  ? 7.117   11.237  -6.898  1.00 9.95  ? 69  VAL A CA  1 
ATOM   377  C C   . VAL A 1 68  ? 7.035   11.634  -5.422  1.00 9.29  ? 69  VAL A C   1 
ATOM   378  O O   . VAL A 1 68  ? 5.959   11.954  -4.922  1.00 8.72  ? 69  VAL A O   1 
ATOM   379  C CB  . VAL A 1 68  ? 7.139   12.476  -7.825  1.00 10.34 ? 69  VAL A CB  1 
ATOM   380  C CG1 . VAL A 1 68  ? 7.930   13.601  -7.250  1.00 11.99 ? 69  VAL A CG1 1 
ATOM   381  C CG2 . VAL A 1 68  ? 7.656   12.083  -9.200  1.00 11.78 ? 69  VAL A CG2 1 
ATOM   382  N N   . ILE A 1 69  ? 8.165   11.599  -4.716  1.00 8.04  ? 70  ILE A N   1 
ATOM   383  C CA  . ILE A 1 69  ? 8.184   12.058  -3.328  1.00 7.75  ? 70  ILE A CA  1 
ATOM   384  C C   . ILE A 1 69  ? 7.824   13.540  -3.318  1.00 7.79  ? 70  ILE A C   1 
ATOM   385  O O   . ILE A 1 69  ? 8.353   14.308  -4.114  1.00 7.54  ? 70  ILE A O   1 
ATOM   386  C CB  . ILE A 1 69  ? 9.552   11.806  -2.649  1.00 7.48  ? 70  ILE A CB  1 
ATOM   387  C CG1 . ILE A 1 69  ? 9.719   10.305  -2.379  1.00 7.65  ? 70  ILE A CG1 1 
ATOM   388  C CG2 . ILE A 1 69  ? 9.681   12.619  -1.353  1.00 6.86  ? 70  ILE A CG2 1 
ATOM   389  C CD1 . ILE A 1 69  ? 11.092  9.913   -1.849  1.00 7.53  ? 70  ILE A CD1 1 
ATOM   390  N N   . GLY A 1 70  ? 6.906   13.912  -2.430  1.00 8.25  ? 71  GLY A N   1 
ATOM   391  C CA  . GLY A 1 70  ? 6.360   15.263  -2.371  1.00 9.20  ? 71  GLY A CA  1 
ATOM   392  C C   . GLY A 1 70  ? 4.963   15.353  -2.958  1.00 9.87  ? 71  GLY A C   1 
ATOM   393  O O   . GLY A 1 70  ? 4.289   16.366  -2.797  1.00 10.08 ? 71  GLY A O   1 
ATOM   394  N N   . THR A 1 71  ? 4.527   14.295  -3.638  1.00 10.13 ? 72  THR A N   1 
ATOM   395  C CA  . THR A 1 71  ? 3.205   14.252  -4.266  1.00 10.56 ? 72  THR A CA  1 
ATOM   396  C C   . THR A 1 71  ? 2.123   14.315  -3.196  1.00 11.02 ? 72  THR A C   1 
ATOM   397  O O   . THR A 1 71  ? 2.057   13.454  -2.314  1.00 10.68 ? 72  THR A O   1 
ATOM   398  C CB  . THR A 1 71  ? 3.034   12.970  -5.110  1.00 10.38 ? 72  THR A CB  1 
ATOM   399  O OG1 . THR A 1 71  ? 3.963   12.995  -6.194  1.00 11.43 ? 72  THR A OG1 1 
ATOM   400  C CG2 . THR A 1 71  ? 1.621   12.854  -5.676  1.00 10.87 ? 72  THR A CG2 1 
ATOM   401  N N   . ALA A 1 72  ? 1.292   15.355  -3.254  1.00 11.26 ? 73  ALA A N   1 
ATOM   402  C CA  . ALA A 1 72  ? 0.123   15.418  -2.384  1.00 11.69 ? 73  ALA A CA  1 
ATOM   403  C C   . ALA A 1 72  ? -0.940  14.468  -2.930  1.00 11.83 ? 73  ALA A C   1 
ATOM   404  O O   . ALA A 1 72  ? -1.257  14.493  -4.124  1.00 12.15 ? 73  ALA A O   1 
ATOM   405  C CB  . ALA A 1 72  ? -0.404  16.843  -2.297  1.00 11.73 ? 73  ALA A CB  1 
ATOM   406  N N   . VAL A 1 73  ? -1.470  13.611  -2.062  1.00 11.63 ? 74  VAL A N   1 
ATOM   407  C CA  . VAL A 1 73  ? -2.482  12.645  -2.467  1.00 11.42 ? 74  VAL A CA  1 
ATOM   408  C C   . VAL A 1 73  ? -3.708  12.777  -1.583  1.00 10.96 ? 74  VAL A C   1 
ATOM   409  O O   . VAL A 1 73  ? -3.599  13.160  -0.426  1.00 10.55 ? 74  VAL A O   1 
ATOM   410  C CB  . VAL A 1 73  ? -1.973  11.171  -2.428  1.00 11.37 ? 74  VAL A CB  1 
ATOM   411  C CG1 . VAL A 1 73  ? -0.893  10.942  -3.488  1.00 12.45 ? 74  VAL A CG1 1 
ATOM   412  C CG2 . VAL A 1 73  ? -1.477  10.766  -1.027  1.00 10.79 ? 74  VAL A CG2 1 
ATOM   413  N N   . THR A 1 74  ? -4.868  12.494  -2.159  1.00 11.62 ? 75  THR A N   1 
ATOM   414  C CA  . THR A 1 74  ? -6.107  12.427  -1.406  1.00 11.36 ? 75  THR A CA  1 
ATOM   415  C C   . THR A 1 74  ? -6.508  10.959  -1.300  1.00 11.23 ? 75  THR A C   1 
ATOM   416  O O   . THR A 1 74  ? -6.167  10.148  -2.158  1.00 11.25 ? 75  THR A O   1 
ATOM   417  C CB  . THR A 1 74  ? -7.236  13.252  -2.065  1.00 11.75 ? 75  THR A CB  1 
ATOM   418  O OG1 . THR A 1 74  ? -7.421  12.823  -3.417  1.00 12.55 ? 75  THR A OG1 1 
ATOM   419  C CG2 . THR A 1 74  ? -6.883  14.735  -2.072  1.00 11.64 ? 75  THR A CG2 1 
ATOM   420  N N   . ALA A 1 75  ? -7.217  10.629  -0.229  1.00 10.84 ? 76  ALA A N   1 
ATOM   421  C CA  . ALA A 1 75  ? -7.690  9.274   0.011   1.00 10.48 ? 76  ALA A CA  1 
ATOM   422  C C   . ALA A 1 75  ? -8.410  8.721   -1.218  1.00 10.55 ? 76  ALA A C   1 
ATOM   423  O O   . ALA A 1 75  ? -9.320  9.351   -1.757  1.00 9.59  ? 76  ALA A O   1 
ATOM   424  C CB  . ALA A 1 75  ? -8.602  9.272   1.207   1.00 10.30 ? 76  ALA A CB  1 
ATOM   425  N N   . GLY A 1 76  ? -7.972  7.550   -1.672  1.00 10.43 ? 77  GLY A N   1 
ATOM   426  C CA  . GLY A 1 76  ? -8.551  6.906   -2.844  1.00 11.70 ? 77  GLY A CA  1 
ATOM   427  C C   . GLY A 1 76  ? -8.003  7.361   -4.185  1.00 11.85 ? 77  GLY A C   1 
ATOM   428  O O   . GLY A 1 76  ? -8.348  6.799   -5.215  1.00 12.92 ? 77  GLY A O   1 
ATOM   429  N N   . GLU A 1 77  ? -7.166  8.393   -4.191  1.00 12.91 ? 78  GLU A N   1 
ATOM   430  C CA  . GLU A 1 77  ? -6.577  8.870   -5.442  1.00 13.24 ? 78  GLU A CA  1 
ATOM   431  C C   . GLU A 1 77  ? -5.610  7.816   -5.967  1.00 12.98 ? 78  GLU A C   1 
ATOM   432  O O   . GLU A 1 77  ? -4.885  7.199   -5.187  1.00 12.62 ? 78  GLU A O   1 
ATOM   433  C CB  . GLU A 1 77  ? -5.840  10.193  -5.227  1.00 13.55 ? 78  GLU A CB  1 
ATOM   434  C CG  . GLU A 1 77  ? -5.203  10.765  -6.493  1.00 15.41 ? 78  GLU A CG  1 
ATOM   435  C CD  . GLU A 1 77  ? -4.572  12.125  -6.276  1.00 17.52 ? 78  GLU A CD  1 
ATOM   436  O OE1 . GLU A 1 77  ? -4.578  12.621  -5.128  1.00 17.12 ? 78  GLU A OE1 1 
ATOM   437  O OE2 . GLU A 1 77  ? -4.063  12.701  -7.262  1.00 19.55 ? 78  GLU A OE2 1 
ATOM   438  N N   . THR A 1 78  ? -5.610  7.604   -7.284  1.00 12.87 ? 79  THR A N   1 
ATOM   439  C CA  . THR A 1 78  ? -4.607  6.749   -7.917  1.00 12.87 ? 79  THR A CA  1 
ATOM   440  C C   . THR A 1 78  ? -3.259  7.458   -7.839  1.00 12.70 ? 79  THR A C   1 
ATOM   441  O O   . THR A 1 78  ? -3.124  8.604   -8.288  1.00 13.22 ? 79  THR A O   1 
ATOM   442  C CB  . THR A 1 78  ? -4.970  6.449   -9.382  1.00 13.10 ? 79  THR A CB  1 
ATOM   443  O OG1 . THR A 1 78  ? -6.282  5.887   -9.434  1.00 13.92 ? 79  THR A OG1 1 
ATOM   444  C CG2 . THR A 1 78  ? -3.974  5.467   -10.009 1.00 13.88 ? 79  THR A CG2 1 
ATOM   445  N N   . PHE A 1 79  ? -2.273  6.800   -7.237  1.00 12.22 ? 80  PHE A N   1 
ATOM   446  C CA  A PHE A 1 79  ? -0.921  7.334   -7.058  0.50 11.98 ? 80  PHE A CA  1 
ATOM   447  C CA  B PHE A 1 79  ? -0.951  7.413   -7.232  0.50 11.91 ? 80  PHE A CA  1 
ATOM   448  C C   . PHE A 1 79  ? 0.121   6.517   -7.823  1.00 11.70 ? 80  PHE A C   1 
ATOM   449  O O   . PHE A 1 79  ? 1.289   6.869   -7.862  1.00 11.78 ? 80  PHE A O   1 
ATOM   450  C CB  A PHE A 1 79  ? -0.543  7.406   -5.560  0.50 11.80 ? 80  PHE A CB  1 
ATOM   451  C CB  B PHE A 1 79  ? -0.572  8.027   -5.872  0.50 11.87 ? 80  PHE A CB  1 
ATOM   452  C CG  A PHE A 1 79  ? -0.288  6.056   -4.892  0.50 11.52 ? 80  PHE A CG  1 
ATOM   453  C CG  B PHE A 1 79  ? -0.524  7.054   -4.731  0.50 11.02 ? 80  PHE A CG  1 
ATOM   454  C CD1 A PHE A 1 79  ? 0.744   5.222   -5.303  0.50 11.38 ? 80  PHE A CD1 1 
ATOM   455  C CD1 B PHE A 1 79  ? -0.928  5.738   -4.878  0.50 10.92 ? 80  PHE A CD1 1 
ATOM   456  C CD2 A PHE A 1 79  ? -1.051  5.654   -3.810  0.50 10.81 ? 80  PHE A CD2 1 
ATOM   457  C CD2 B PHE A 1 79  ? -0.102  7.477   -3.485  0.50 9.37  ? 80  PHE A CD2 1 
ATOM   458  C CE1 A PHE A 1 79  ? 0.982   4.006   -4.676  0.50 11.15 ? 80  PHE A CE1 1 
ATOM   459  C CE1 B PHE A 1 79  ? -0.886  4.860   -3.815  0.50 10.19 ? 80  PHE A CE1 1 
ATOM   460  C CE2 A PHE A 1 79  ? -0.816  4.435   -3.176  0.50 10.82 ? 80  PHE A CE2 1 
ATOM   461  C CE2 B PHE A 1 79  ? -0.068  6.607   -2.417  0.50 8.90  ? 80  PHE A CE2 1 
ATOM   462  C CZ  A PHE A 1 79  ? 0.200   3.614   -3.610  0.50 10.95 ? 80  PHE A CZ  1 
ATOM   463  C CZ  B PHE A 1 79  ? -0.455  5.296   -2.581  0.50 9.31  ? 80  PHE A CZ  1 
ATOM   464  N N   . GLY A 1 80  ? -0.307  5.383   -8.355  1.00 11.50 ? 81  GLY A N   1 
ATOM   465  C CA  . GLY A 1 80  ? 0.627   4.493   -8.989  1.00 10.66 ? 81  GLY A CA  1 
ATOM   466  C C   . GLY A 1 80  ? -0.048  3.278   -9.561  1.00 10.49 ? 81  GLY A C   1 
ATOM   467  O O   . GLY A 1 80  ? -1.276  3.176   -9.600  1.00 9.97  ? 81  GLY A O   1 
ATOM   468  N N   . GLU A 1 81  ? 0.774   2.353   -10.022 1.00 10.73 ? 82  GLU A N   1 
ATOM   469  C CA  . GLU A 1 81  ? 0.255   1.101   -10.520 1.00 11.08 ? 82  GLU A CA  1 
ATOM   470  C C   . GLU A 1 81  ? 1.270   0.006   -10.327 1.00 9.97  ? 82  GLU A C   1 
ATOM   471  O O   . GLU A 1 81  ? 2.471   0.250   -10.260 1.00 10.11 ? 82  GLU A O   1 
ATOM   472  C CB  . GLU A 1 81  ? -0.238  1.196   -11.976 1.00 12.12 ? 82  GLU A CB  1 
ATOM   473  C CG  . GLU A 1 81  ? 0.742   1.675   -13.017 1.00 15.95 ? 82  GLU A CG  1 
ATOM   474  C CD  . GLU A 1 81  ? 0.155   1.647   -14.437 1.00 19.63 ? 82  GLU A CD  1 
ATOM   475  O OE1 . GLU A 1 81  ? -1.053  1.906   -14.624 1.00 22.13 ? 82  GLU A OE1 1 
ATOM   476  O OE2 . GLU A 1 81  ? 0.910   1.358   -15.381 1.00 22.95 ? 82  GLU A OE2 1 
ATOM   477  N N   . VAL A 1 82  ? 0.758   -1.202  -10.178 1.00 9.21  ? 83  VAL A N   1 
ATOM   478  C CA  A VAL A 1 82  ? 1.598   -2.376  -10.080 0.50 8.61  ? 83  VAL A CA  1 
ATOM   479  C CA  B VAL A 1 82  ? 1.589   -2.395  -10.078 0.50 8.71  ? 83  VAL A CA  1 
ATOM   480  C C   . VAL A 1 82  ? 1.314   -3.257  -11.299 1.00 8.76  ? 83  VAL A C   1 
ATOM   481  O O   . VAL A 1 82  ? 0.162   -3.424  -11.704 1.00 8.04  ? 83  VAL A O   1 
ATOM   482  C CB  A VAL A 1 82  ? 1.400   -3.092  -8.721  0.50 8.72  ? 83  VAL A CB  1 
ATOM   483  C CB  B VAL A 1 82  ? 1.319   -3.192  -8.783  0.50 8.84  ? 83  VAL A CB  1 
ATOM   484  C CG1 A VAL A 1 82  ? -0.030  -3.617  -8.570  0.50 8.23  ? 83  VAL A CG1 1 
ATOM   485  C CG1 B VAL A 1 82  ? 2.167   -2.662  -7.639  0.50 8.68  ? 83  VAL A CG1 1 
ATOM   486  C CG2 A VAL A 1 82  ? 2.428   -4.181  -8.530  0.50 7.63  ? 83  VAL A CG2 1 
ATOM   487  C CG2 B VAL A 1 82  ? -0.164  -3.153  -8.421  0.50 7.96  ? 83  VAL A CG2 1 
ATOM   488  N N   . GLU A 1 83  ? 2.374   -3.777  -11.899 1.00 8.66  ? 84  GLU A N   1 
ATOM   489  C CA  . GLU A 1 83  ? 2.243   -4.478  -13.156 1.00 9.60  ? 84  GLU A CA  1 
ATOM   490  C C   . GLU A 1 83  ? 2.918   -5.834  -13.088 1.00 9.14  ? 84  GLU A C   1 
ATOM   491  O O   . GLU A 1 83  ? 4.075   -5.931  -12.701 1.00 8.53  ? 84  GLU A O   1 
ATOM   492  C CB  . GLU A 1 83  ? 2.882   -3.636  -14.252 1.00 10.12 ? 84  GLU A CB  1 
ATOM   493  C CG  . GLU A 1 83  ? 2.908   -4.258  -15.617 1.00 13.91 ? 84  GLU A CG  1 
ATOM   494  C CD  . GLU A 1 83  ? 3.329   -3.262  -16.677 1.00 17.57 ? 84  GLU A CD  1 
ATOM   495  O OE1 . GLU A 1 83  ? 3.699   -2.127  -16.317 1.00 19.94 ? 84  GLU A OE1 1 
ATOM   496  O OE2 . GLU A 1 83  ? 3.275   -3.613  -17.873 1.00 20.55 ? 84  GLU A OE2 1 
ATOM   497  N N   . SER A 1 84  ? 2.174   -6.873  -13.458 1.00 8.99  ? 85  SER A N   1 
ATOM   498  C CA  . SER A 1 84  ? 2.747   -8.192  -13.690 1.00 9.38  ? 85  SER A CA  1 
ATOM   499  C C   . SER A 1 84  ? 2.741   -8.403  -15.198 1.00 10.03 ? 85  SER A C   1 
ATOM   500  O O   . SER A 1 84  ? 2.318   -7.510  -15.935 1.00 10.11 ? 85  SER A O   1 
ATOM   501  C CB  . SER A 1 84  ? 1.911   -9.261  -12.996 1.00 9.68  ? 85  SER A CB  1 
ATOM   502  O OG  . SER A 1 84  ? 0.601   -9.333  -13.528 1.00 8.85  ? 85  SER A OG  1 
ATOM   503  N N   . THR A 1 85  ? 3.190   -9.559  -15.684 1.00 10.83 ? 86  THR A N   1 
ATOM   504  C CA  . THR A 1 85  ? 3.124   -9.789  -17.137 1.00 11.82 ? 86  THR A CA  1 
ATOM   505  C C   . THR A 1 85  ? 1.682   -9.923  -17.606 1.00 11.81 ? 86  THR A C   1 
ATOM   506  O O   . THR A 1 85  ? 1.380   -9.700  -18.774 1.00 12.43 ? 86  THR A O   1 
ATOM   507  C CB  . THR A 1 85  ? 3.928   -11.019 -17.614 1.00 12.18 ? 86  THR A CB  1 
ATOM   508  O OG1 . THR A 1 85  ? 3.502   -12.180 -16.891 1.00 15.10 ? 86  THR A OG1 1 
ATOM   509  C CG2 . THR A 1 85  ? 5.423   -10.799 -17.422 1.00 12.32 ? 86  THR A CG2 1 
ATOM   510  N N   . LYS A 1 86  ? 0.789   -10.253 -16.679 1.00 11.79 ? 87  LYS A N   1 
ATOM   511  C CA  . LYS A 1 86  ? -0.602  -10.468 -17.024 1.00 12.02 ? 87  LYS A CA  1 
ATOM   512  C C   . LYS A 1 86  ? -1.505  -9.281  -16.696 1.00 11.69 ? 87  LYS A C   1 
ATOM   513  O O   . LYS A 1 86  ? -2.449  -8.985  -17.433 1.00 12.00 ? 87  LYS A O   1 
ATOM   514  C CB  . LYS A 1 86  ? -1.114  -11.728 -16.335 1.00 12.15 ? 87  LYS A CB  1 
ATOM   515  C CG  . LYS A 1 86  ? -2.558  -12.064 -16.685 1.00 14.34 ? 87  LYS A CG  1 
ATOM   516  C CD  . LYS A 1 86  ? -3.039  -13.267 -15.901 1.00 16.22 ? 87  LYS A CD  1 
ATOM   517  C CE  . LYS A 1 86  ? -4.322  -13.814 -16.499 1.00 15.56 ? 87  LYS A CE  1 
ATOM   518  N NZ  . LYS A 1 86  ? -5.521  -13.011 -16.158 1.00 17.22 ? 87  LYS A NZ  1 
ATOM   519  N N   . SER A 1 87  ? -1.212  -8.598  -15.598 1.00 11.15 ? 88  SER A N   1 
ATOM   520  C CA  . SER A 1 87  ? -2.167  -7.645  -15.048 1.00 11.07 ? 88  SER A CA  1 
ATOM   521  C C   . SER A 1 87  ? -1.529  -6.313  -14.700 1.00 11.36 ? 88  SER A C   1 
ATOM   522  O O   . SER A 1 87  ? -0.355  -6.241  -14.344 1.00 10.75 ? 88  SER A O   1 
ATOM   523  C CB  . SER A 1 87  ? -2.821  -8.231  -13.803 1.00 11.18 ? 88  SER A CB  1 
ATOM   524  O OG  . SER A 1 87  ? -3.383  -9.503  -14.067 1.00 12.39 ? 88  SER A OG  1 
ATOM   525  N N   . VAL A 1 88  ? -2.319  -5.253  -14.825 1.00 11.43 ? 89  VAL A N   1 
ATOM   526  C CA  . VAL A 1 88  ? -1.922  -3.946  -14.334 1.00 11.83 ? 89  VAL A CA  1 
ATOM   527  C C   . VAL A 1 88  ? -3.011  -3.537  -13.361 1.00 11.49 ? 89  VAL A C   1 
ATOM   528  O O   . VAL A 1 88  ? -4.205  -3.677  -13.658 1.00 11.88 ? 89  VAL A O   1 
ATOM   529  C CB  . VAL A 1 88  ? -1.760  -2.917  -15.464 1.00 11.95 ? 89  VAL A CB  1 
ATOM   530  C CG1 . VAL A 1 88  ? -1.284  -1.580  -14.900 1.00 12.94 ? 89  VAL A CG1 1 
ATOM   531  C CG2 . VAL A 1 88  ? -0.769  -3.422  -16.505 1.00 13.75 ? 89  VAL A CG2 1 
ATOM   532  N N   . SER A 1 89  ? -2.599  -3.073  -12.188 1.00 10.89 ? 90  SER A N   1 
ATOM   533  C CA  A SER A 1 89  ? -3.555  -2.656  -11.185 0.50 10.70 ? 90  SER A CA  1 
ATOM   534  C CA  B SER A 1 89  ? -3.536  -2.684  -11.139 0.50 10.87 ? 90  SER A CA  1 
ATOM   535  C C   . SER A 1 89  ? -3.180  -1.303  -10.615 1.00 10.62 ? 90  SER A C   1 
ATOM   536  O O   . SER A 1 89  ? -2.009  -1.015  -10.366 1.00 10.44 ? 90  SER A O   1 
ATOM   537  C CB  A SER A 1 89  ? -3.654  -3.688  -10.071 0.50 10.73 ? 90  SER A CB  1 
ATOM   538  C CB  B SER A 1 89  ? -3.501  -3.681  -9.980  0.50 10.98 ? 90  SER A CB  1 
ATOM   539  O OG  A SER A 1 89  ? -4.798  -3.443  -9.276  0.50 10.95 ? 90  SER A OG  1 
ATOM   540  O OG  B SER A 1 89  ? -4.111  -4.914  -10.316 0.50 12.08 ? 90  SER A OG  1 
ATOM   541  N N   . ASP A 1 90  ? -4.192  -0.470  -10.441 1.00 10.17 ? 91  ASP A N   1 
ATOM   542  C CA  . ASP A 1 90  ? -3.991  0.839   -9.854  1.00 10.14 ? 91  ASP A CA  1 
ATOM   543  C C   . ASP A 1 90  ? -3.651  0.714   -8.387  1.00 9.66  ? 91  ASP A C   1 
ATOM   544  O O   . ASP A 1 90  ? -4.080  -0.208  -7.709  1.00 9.59  ? 91  ASP A O   1 
ATOM   545  C CB  . ASP A 1 90  ? -5.241  1.699   -10.030 1.00 10.78 ? 91  ASP A CB  1 
ATOM   546  C CG  . ASP A 1 90  ? -5.320  2.335   -11.406 1.00 12.58 ? 91  ASP A CG  1 
ATOM   547  O OD1 . ASP A 1 90  ? -4.300  2.384   -12.127 1.00 14.76 ? 91  ASP A OD1 1 
ATOM   548  O OD2 . ASP A 1 90  ? -6.407  2.814   -11.762 1.00 17.51 ? 91  ASP A OD2 1 
ATOM   549  N N   . LEU A 1 91  ? -2.868  1.663   -7.904  1.00 9.09  ? 92  LEU A N   1 
ATOM   550  C CA  . LEU A 1 91  ? -2.569  1.747   -6.497  1.00 9.23  ? 92  LEU A CA  1 
ATOM   551  C C   . LEU A 1 91  ? -3.242  3.020   -6.039  1.00 8.94  ? 92  LEU A C   1 
ATOM   552  O O   . LEU A 1 91  ? -3.110  4.054   -6.690  1.00 8.94  ? 92  LEU A O   1 
ATOM   553  C CB  . LEU A 1 91  ? -1.061  1.814   -6.286  1.00 9.25  ? 92  LEU A CB  1 
ATOM   554  C CG  . LEU A 1 91  ? -0.269  0.562   -6.666  1.00 10.19 ? 92  LEU A CG  1 
ATOM   555  C CD1 . LEU A 1 91  ? 1.233   0.850   -6.634  1.00 9.00  ? 92  LEU A CD1 1 
ATOM   556  C CD2 . LEU A 1 91  ? -0.633  -0.585  -5.724  1.00 11.42 ? 92  LEU A CD2 1 
ATOM   557  N N   . TYR A 1 92  ? -3.999  2.931   -4.953  1.00 8.59  ? 93  TYR A N   1 
ATOM   558  C CA  . TYR A 1 92  ? -4.743  4.077   -4.436  1.00 8.39  ? 93  TYR A CA  1 
ATOM   559  C C   . TYR A 1 92  ? -4.157  4.563   -3.130  1.00 8.15  ? 93  TYR A C   1 
ATOM   560  O O   . TYR A 1 92  ? -3.685  3.761   -2.318  1.00 7.70  ? 93  TYR A O   1 
ATOM   561  C CB  . TYR A 1 92  ? -6.197  3.696   -4.200  1.00 8.55  ? 93  TYR A CB  1 
ATOM   562  C CG  . TYR A 1 92  ? -6.889  3.161   -5.414  1.00 9.90  ? 93  TYR A CG  1 
ATOM   563  C CD1 . TYR A 1 92  ? -7.067  3.959   -6.546  1.00 10.27 ? 93  TYR A CD1 1 
ATOM   564  C CD2 . TYR A 1 92  ? -7.351  1.857   -5.446  1.00 11.08 ? 93  TYR A CD2 1 
ATOM   565  C CE1 . TYR A 1 92  ? -7.691  3.473   -7.666  1.00 10.89 ? 93  TYR A CE1 1 
ATOM   566  C CE2 . TYR A 1 92  ? -7.987  1.359   -6.572  1.00 12.87 ? 93  TYR A CE2 1 
ATOM   567  C CZ  . TYR A 1 92  ? -8.149  2.177   -7.674  1.00 11.54 ? 93  TYR A CZ  1 
ATOM   568  O OH  . TYR A 1 92  ? -8.777  1.686   -8.788  1.00 13.67 ? 93  TYR A OH  1 
ATOM   569  N N   . ALA A 1 93  ? -4.172  5.875   -2.919  1.00 7.41  ? 94  ALA A N   1 
ATOM   570  C CA  . ALA A 1 93  ? -3.745  6.416   -1.634  1.00 7.38  ? 94  ALA A CA  1 
ATOM   571  C C   . ALA A 1 93  ? -4.747  5.943   -0.592  1.00 7.05  ? 94  ALA A C   1 
ATOM   572  O O   . ALA A 1 93  ? -5.940  6.176   -0.746  1.00 7.45  ? 94  ALA A O   1 
ATOM   573  C CB  . ALA A 1 93  ? -3.693  7.924   -1.683  1.00 7.05  ? 94  ALA A CB  1 
ATOM   574  N N   . PRO A 1 94  ? -4.283  5.223   0.447   1.00 7.47  ? 95  PRO A N   1 
ATOM   575  C CA  . PRO A 1 94  ? -5.264  4.747   1.431   1.00 7.13  ? 95  PRO A CA  1 
ATOM   576  C C   . PRO A 1 94  ? -5.751  5.894   2.312   1.00 7.17  ? 95  PRO A C   1 
ATOM   577  O O   . PRO A 1 94  ? -6.866  5.854   2.849   1.00 6.94  ? 95  PRO A O   1 
ATOM   578  C CB  . PRO A 1 94  ? -4.480  3.722   2.262   1.00 7.53  ? 95  PRO A CB  1 
ATOM   579  C CG  . PRO A 1 94  ? -3.221  3.455   1.501   1.00 8.08  ? 95  PRO A CG  1 
ATOM   580  C CD  . PRO A 1 94  ? -2.935  4.677   0.689   1.00 7.39  ? 95  PRO A CD  1 
ATOM   581  N N   . ILE A 1 95  ? -4.902  6.907   2.438   1.00 6.90  ? 96  ILE A N   1 
ATOM   582  C CA  . ILE A 1 95  ? -5.191  8.093   3.228   1.00 7.13  ? 96  ILE A CA  1 
ATOM   583  C C   . ILE A 1 95  ? -4.682  9.308   2.465   1.00 7.46  ? 96  ILE A C   1 
ATOM   584  O O   . ILE A 1 95  ? -3.864  9.171   1.552   1.00 6.17  ? 96  ILE A O   1 
ATOM   585  C CB  . ILE A 1 95  ? -4.531  8.021   4.640   1.00 7.53  ? 96  ILE A CB  1 
ATOM   586  C CG1 . ILE A 1 95  ? -2.996  8.079   4.550   1.00 8.46  ? 96  ILE A CG1 1 
ATOM   587  C CG2 . ILE A 1 95  ? -5.008  6.776   5.394   1.00 6.97  ? 96  ILE A CG2 1 
ATOM   588  C CD1 . ILE A 1 95  ? -2.314  8.594   5.816   1.00 10.07 ? 96  ILE A CD1 1 
ATOM   589  N N   . SER A 1 96  ? -5.174  10.488  2.843   1.00 6.87  ? 97  SER A N   1 
ATOM   590  C CA  . SER A 1 96  ? -4.690  11.740  2.292   1.00 7.30  ? 97  SER A CA  1 
ATOM   591  C C   . SER A 1 96  ? -3.392  12.135  2.978   1.00 7.21  ? 97  SER A C   1 
ATOM   592  O O   . SER A 1 96  ? -3.193  11.856  4.161   1.00 7.47  ? 97  SER A O   1 
ATOM   593  C CB  . SER A 1 96  ? -5.723  12.846  2.510   1.00 7.01  ? 97  SER A CB  1 
ATOM   594  O OG  . SER A 1 96  ? -6.909  12.545  1.808   1.00 7.55  ? 97  SER A OG  1 
ATOM   595  N N   . GLY A 1 97  ? -2.518  12.787  2.228   1.00 7.29  ? 98  GLY A N   1 
ATOM   596  C CA  . GLY A 1 97  ? -1.253  13.247  2.773   1.00 7.31  ? 98  GLY A CA  1 
ATOM   597  C C   . GLY A 1 97  ? -0.276  13.459  1.641   1.00 7.30  ? 98  GLY A C   1 
ATOM   598  O O   . GLY A 1 97  ? -0.676  13.671  0.500   1.00 8.34  ? 98  GLY A O   1 
ATOM   599  N N   . LYS A 1 98  ? 1.007   13.431  1.978   1.00 7.22  ? 99  LYS A N   1 
ATOM   600  C CA  . LYS A 1 98  ? 2.062   13.665  1.004   1.00 6.94  ? 99  LYS A CA  1 
ATOM   601  C C   . LYS A 1 98  ? 2.967   12.453  0.982   1.00 6.32  ? 99  LYS A C   1 
ATOM   602  O O   . LYS A 1 98  ? 3.334   11.914  2.028   1.00 6.61  ? 99  LYS A O   1 
ATOM   603  C CB  . LYS A 1 98  ? 2.868   14.930  1.348   1.00 7.17  ? 99  LYS A CB  1 
ATOM   604  N N   . VAL A 1 99  ? 3.304   12.012  -0.221  1.00 6.24  ? 100 VAL A N   1 
ATOM   605  C CA  . VAL A 1 99  ? 4.220   10.898  -0.374  1.00 6.25  ? 100 VAL A CA  1 
ATOM   606  C C   . VAL A 1 99  ? 5.573   11.342  0.158   1.00 6.45  ? 100 VAL A C   1 
ATOM   607  O O   . VAL A 1 99  ? 6.137   12.309  -0.338  1.00 7.15  ? 100 VAL A O   1 
ATOM   608  C CB  . VAL A 1 99  ? 4.306   10.473  -1.836  1.00 5.95  ? 100 VAL A CB  1 
ATOM   609  C CG1 . VAL A 1 99  ? 5.408   9.438   -2.036  1.00 6.03  ? 100 VAL A CG1 1 
ATOM   610  C CG2 . VAL A 1 99  ? 2.939   9.912   -2.270  1.00 6.90  ? 100 VAL A CG2 1 
ATOM   611  N N   . SER A 1 100 ? 6.079   10.643  1.170   1.00 6.74  ? 101 SER A N   1 
ATOM   612  C CA  . SER A 1 100 ? 7.312   11.074  1.834   1.00 6.98  ? 101 SER A CA  1 
ATOM   613  C C   . SER A 1 100 ? 8.471   10.139  1.542   1.00 6.97  ? 101 SER A C   1 
ATOM   614  O O   . SER A 1 100 ? 9.637   10.491  1.739   1.00 6.83  ? 101 SER A O   1 
ATOM   615  C CB  . SER A 1 100 ? 7.099   11.199  3.339   1.00 7.25  ? 101 SER A CB  1 
ATOM   616  O OG  . SER A 1 100 ? 6.459   10.045  3.852   1.00 8.19  ? 101 SER A OG  1 
ATOM   617  N N   . GLU A 1 101 ? 8.144   8.939   1.078   1.00 6.71  ? 102 GLU A N   1 
ATOM   618  C CA  . GLU A 1 101 ? 9.161   7.957   0.736   1.00 7.30  ? 102 GLU A CA  1 
ATOM   619  C C   . GLU A 1 101 ? 8.597   7.035   -0.307  1.00 6.93  ? 102 GLU A C   1 
ATOM   620  O O   . GLU A 1 101 ? 7.390   6.833   -0.379  1.00 6.79  ? 102 GLU A O   1 
ATOM   621  C CB  . GLU A 1 101 ? 9.540   7.102   1.949   1.00 7.52  ? 102 GLU A CB  1 
ATOM   622  C CG  . GLU A 1 101 ? 10.766  7.545   2.705   1.00 10.40 ? 102 GLU A CG  1 
ATOM   623  C CD  . GLU A 1 101 ? 11.950  7.925   1.814   1.00 11.38 ? 102 GLU A CD  1 
ATOM   624  O OE1 . GLU A 1 101 ? 12.073  7.427   0.670   1.00 10.98 ? 102 GLU A OE1 1 
ATOM   625  O OE2 . GLU A 1 101 ? 12.767  8.741   2.289   1.00 14.29 ? 102 GLU A OE2 1 
ATOM   626  N N   . VAL A 1 102 ? 9.487   6.488   -1.121  1.00 6.94  ? 103 VAL A N   1 
ATOM   627  C CA  . VAL A 1 102 ? 9.112   5.427   -2.031  1.00 6.78  ? 103 VAL A CA  1 
ATOM   628  C C   . VAL A 1 102 ? 10.193  4.373   -1.948  1.00 6.70  ? 103 VAL A C   1 
ATOM   629  O O   . VAL A 1 102 ? 11.345  4.674   -1.611  1.00 6.22  ? 103 VAL A O   1 
ATOM   630  C CB  . VAL A 1 102 ? 8.926   5.920   -3.491  1.00 7.00  ? 103 VAL A CB  1 
ATOM   631  C CG1 . VAL A 1 102 ? 7.767   6.891   -3.589  1.00 6.96  ? 103 VAL A CG1 1 
ATOM   632  C CG2 . VAL A 1 102 ? 10.199  6.554   -4.021  1.00 8.74  ? 103 VAL A CG2 1 
ATOM   633  N N   . ASN A 1 103 ? 9.827   3.133   -2.236  1.00 6.52  ? 104 ASN A N   1 
ATOM   634  C CA  . ASN A 1 103 ? 10.777  2.054   -2.101  1.00 6.25  ? 104 ASN A CA  1 
ATOM   635  C C   . ASN A 1 103 ? 11.553  1.887   -3.393  1.00 6.30  ? 104 ASN A C   1 
ATOM   636  O O   . ASN A 1 103 ? 11.048  1.315   -4.360  1.00 6.53  ? 104 ASN A O   1 
ATOM   637  C CB  . ASN A 1 103 ? 10.067  0.758   -1.736  1.00 6.00  ? 104 ASN A CB  1 
ATOM   638  C CG  . ASN A 1 103 ? 11.025  -0.360  -1.422  1.00 6.20  ? 104 ASN A CG  1 
ATOM   639  O OD1 . ASN A 1 103 ? 12.246  -0.209  -1.530  1.00 6.85  ? 104 ASN A OD1 1 
ATOM   640  N ND2 . ASN A 1 103 ? 10.481  -1.498  -1.042  1.00 6.78  ? 104 ASN A ND2 1 
ATOM   641  N N   . SER A 1 104 ? 12.781  2.385   -3.397  1.00 6.11  ? 105 SER A N   1 
ATOM   642  C CA  . SER A 1 104 ? 13.612  2.360   -4.590  1.00 6.49  ? 105 SER A CA  1 
ATOM   643  C C   . SER A 1 104 ? 14.072  0.953   -4.947  1.00 6.58  ? 105 SER A C   1 
ATOM   644  O O   . SER A 1 104 ? 14.496  0.708   -6.075  1.00 6.55  ? 105 SER A O   1 
ATOM   645  C CB  . SER A 1 104 ? 14.817  3.279   -4.407  1.00 6.65  ? 105 SER A CB  1 
ATOM   646  O OG  . SER A 1 104 ? 15.577  2.888   -3.281  1.00 8.14  ? 105 SER A OG  1 
ATOM   647  N N   . ASP A 1 105 ? 13.983  0.036   -3.984  1.00 6.40  ? 106 ASP A N   1 
ATOM   648  C CA  . ASP A 1 105 ? 14.359  -1.361  -4.215  1.00 6.80  ? 106 ASP A CA  1 
ATOM   649  C C   . ASP A 1 105 ? 13.494  -1.993  -5.286  1.00 6.65  ? 106 ASP A C   1 
ATOM   650  O O   . ASP A 1 105 ? 13.909  -2.951  -5.941  1.00 7.38  ? 106 ASP A O   1 
ATOM   651  C CB  . ASP A 1 105 ? 14.231  -2.178  -2.941  1.00 6.51  ? 106 ASP A CB  1 
ATOM   652  C CG  . ASP A 1 105 ? 15.266  -1.815  -1.908  1.00 7.53  ? 106 ASP A CG  1 
ATOM   653  O OD1 . ASP A 1 105 ? 16.205  -1.068  -2.229  1.00 7.94  ? 106 ASP A OD1 1 
ATOM   654  O OD2 . ASP A 1 105 ? 15.133  -2.289  -0.773  1.00 9.64  ? 106 ASP A OD2 1 
ATOM   655  N N   . LEU A 1 106 ? 12.281  -1.468  -5.450  1.00 6.81  ? 107 LEU A N   1 
ATOM   656  C CA  . LEU A 1 106 ? 11.335  -2.014  -6.403  1.00 6.53  ? 107 LEU A CA  1 
ATOM   657  C C   . LEU A 1 106 ? 11.652  -1.699  -7.854  1.00 6.99  ? 107 LEU A C   1 
ATOM   658  O O   . LEU A 1 106 ? 11.042  -2.276  -8.750  1.00 6.64  ? 107 LEU A O   1 
ATOM   659  C CB  . LEU A 1 106 ? 9.916   -1.556  -6.075  1.00 6.82  ? 107 LEU A CB  1 
ATOM   660  C CG  . LEU A 1 106 ? 9.483   -1.866  -4.650  1.00 5.95  ? 107 LEU A CG  1 
ATOM   661  C CD1 . LEU A 1 106 ? 8.037   -1.459  -4.479  1.00 5.60  ? 107 LEU A CD1 1 
ATOM   662  C CD2 . LEU A 1 106 ? 9.694   -3.352  -4.308  1.00 5.74  ? 107 LEU A CD2 1 
ATOM   663  N N   . ASP A 1 107 ? 12.596  -0.786  -8.072  1.00 7.04  ? 108 ASP A N   1 
ATOM   664  C CA  . ASP A 1 107 ? 13.062  -0.466  -9.417  1.00 8.36  ? 108 ASP A CA  1 
ATOM   665  C C   . ASP A 1 107 ? 13.755  -1.675  -10.003 1.00 7.84  ? 108 ASP A C   1 
ATOM   666  O O   . ASP A 1 107 ? 13.359  -2.167  -11.061 1.00 8.16  ? 108 ASP A O   1 
ATOM   667  C CB  . ASP A 1 107 ? 14.041  0.714   -9.398  1.00 8.94  ? 108 ASP A CB  1 
ATOM   668  C CG  . ASP A 1 107 ? 13.377  2.011   -9.051  1.00 12.81 ? 108 ASP A CG  1 
ATOM   669  O OD1 . ASP A 1 107 ? 12.158  2.131   -9.313  1.00 17.17 ? 108 ASP A OD1 1 
ATOM   670  O OD2 . ASP A 1 107 ? 14.072  2.917   -8.518  1.00 16.24 ? 108 ASP A OD2 1 
ATOM   671  N N   . GLY A 1 108 ? 14.776  -2.159  -9.299  1.00 7.25  ? 109 GLY A N   1 
ATOM   672  C CA  . GLY A 1 108 ? 15.539  -3.313  -9.749  1.00 7.38  ? 109 GLY A CA  1 
ATOM   673  C C   . GLY A 1 108 ? 14.935  -4.633  -9.325  1.00 7.01  ? 109 GLY A C   1 
ATOM   674  O O   . GLY A 1 108 ? 15.113  -5.646  -9.992  1.00 6.94  ? 109 GLY A O   1 
ATOM   675  N N   . THR A 1 109 ? 14.224  -4.635  -8.205  1.00 6.56  ? 110 THR A N   1 
ATOM   676  C CA  . THR A 1 109 ? 13.685  -5.879  -7.684  1.00 5.82  ? 110 THR A CA  1 
ATOM   677  C C   . THR A 1 109 ? 12.197  -5.726  -7.363  1.00 5.97  ? 110 THR A C   1 
ATOM   678  O O   . THR A 1 109 ? 11.799  -5.805  -6.185  1.00 5.38  ? 110 THR A O   1 
ATOM   679  C CB  . THR A 1 109 ? 14.477  -6.346  -6.445  1.00 6.57  ? 110 THR A CB  1 
ATOM   680  O OG1 . THR A 1 109 ? 15.879  -6.124  -6.662  1.00 5.52  ? 110 THR A OG1 1 
ATOM   681  C CG2 . THR A 1 109 ? 14.226  -7.821  -6.171  1.00 5.72  ? 110 THR A CG2 1 
ATOM   682  N N   . PRO A 1 110 ? 11.371  -5.512  -8.411  1.00 5.86  ? 111 PRO A N   1 
ATOM   683  C CA  . PRO A 1 110 ? 9.927   -5.370  -8.204  1.00 5.79  ? 111 PRO A CA  1 
ATOM   684  C C   . PRO A 1 110 ? 9.310   -6.605  -7.551  1.00 6.42  ? 111 PRO A C   1 
ATOM   685  O O   . PRO A 1 110 ? 8.289   -6.502  -6.860  1.00 6.62  ? 111 PRO A O   1 
ATOM   686  C CB  . PRO A 1 110 ? 9.383   -5.152  -9.621  1.00 5.91  ? 111 PRO A CB  1 
ATOM   687  C CG  . PRO A 1 110 ? 10.460  -5.670  -10.546 1.00 6.31  ? 111 PRO A CG  1 
ATOM   688  C CD  . PRO A 1 110 ? 11.737  -5.341  -9.832  1.00 5.17  ? 111 PRO A CD  1 
ATOM   689  N N   . GLN A 1 111 ? 9.937   -7.762  -7.724  1.00 6.49  ? 112 GLN A N   1 
ATOM   690  C CA  . GLN A 1 111 ? 9.400   -8.962  -7.098  1.00 7.46  ? 112 GLN A CA  1 
ATOM   691  C C   . GLN A 1 111 ? 9.463   -9.005  -5.577  1.00 6.67  ? 112 GLN A C   1 
ATOM   692  O O   . GLN A 1 111 ? 8.880   -9.894  -4.979  1.00 6.49  ? 112 GLN A O   1 
ATOM   693  C CB  . GLN A 1 111 ? 9.969   -10.224 -7.731  1.00 8.34  ? 112 GLN A CB  1 
ATOM   694  C CG  . GLN A 1 111 ? 9.416   -10.431 -9.132  1.00 13.36 ? 112 GLN A CG  1 
ATOM   695  C CD  . GLN A 1 111 ? 9.605   -11.847 -9.649  1.00 17.59 ? 112 GLN A CD  1 
ATOM   696  O OE1 . GLN A 1 111 ? 9.666   -12.804 -8.874  1.00 21.60 ? 112 GLN A OE1 1 
ATOM   697  N NE2 . GLN A 1 111 ? 9.703   -11.983 -10.969 1.00 19.09 ? 112 GLN A NE2 1 
ATOM   698  N N   . LEU A 1 112 ? 10.112  -8.025  -4.947  1.00 5.77  ? 113 LEU A N   1 
ATOM   699  C CA  . LEU A 1 112 ? 10.012  -7.899  -3.500  1.00 5.39  ? 113 LEU A CA  1 
ATOM   700  C C   . LEU A 1 112 ? 8.572   -7.732  -3.066  1.00 5.28  ? 113 LEU A C   1 
ATOM   701  O O   . LEU A 1 112 ? 8.212   -8.138  -1.970  1.00 4.83  ? 113 LEU A O   1 
ATOM   702  C CB  . LEU A 1 112 ? 10.845  -6.736  -2.972  1.00 5.44  ? 113 LEU A CB  1 
ATOM   703  C CG  . LEU A 1 112 ? 12.351  -6.888  -3.110  1.00 5.59  ? 113 LEU A CG  1 
ATOM   704  C CD1 . LEU A 1 112 ? 13.001  -5.547  -2.782  1.00 5.25  ? 113 LEU A CD1 1 
ATOM   705  C CD2 . LEU A 1 112 ? 12.861  -8.011  -2.190  1.00 5.84  ? 113 LEU A CD2 1 
ATOM   706  N N   . VAL A 1 113 ? 7.749   -7.140  -3.932  1.00 5.72  ? 114 VAL A N   1 
ATOM   707  C CA  . VAL A 1 113 ? 6.319   -7.029  -3.658  1.00 5.52  ? 114 VAL A CA  1 
ATOM   708  C C   . VAL A 1 113 ? 5.699   -8.421  -3.491  1.00 5.58  ? 114 VAL A C   1 
ATOM   709  O O   . VAL A 1 113 ? 4.863   -8.638  -2.624  1.00 5.23  ? 114 VAL A O   1 
ATOM   710  C CB  . VAL A 1 113 ? 5.594   -6.229  -4.771  1.00 5.83  ? 114 VAL A CB  1 
ATOM   711  C CG1 . VAL A 1 113 ? 4.084   -6.232  -4.544  1.00 5.67  ? 114 VAL A CG1 1 
ATOM   712  C CG2 . VAL A 1 113 ? 6.127   -4.792  -4.818  1.00 5.70  ? 114 VAL A CG2 1 
ATOM   713  N N   . ASN A 1 114 ? 6.108   -9.354  -4.337  1.00 5.23  ? 115 ASN A N   1 
ATOM   714  C CA  . ASN A 1 114 ? 5.660   -10.736 -4.228  1.00 5.95  ? 115 ASN A CA  1 
ATOM   715  C C   . ASN A 1 114 ? 6.264   -11.499 -3.064  1.00 5.92  ? 115 ASN A C   1 
ATOM   716  O O   . ASN A 1 114 ? 5.551   -12.200 -2.334  1.00 6.27  ? 115 ASN A O   1 
ATOM   717  C CB  . ASN A 1 114 ? 5.983   -11.500 -5.510  1.00 6.02  ? 115 ASN A CB  1 
ATOM   718  C CG  . ASN A 1 114 ? 5.356   -10.883 -6.721  1.00 7.24  ? 115 ASN A CG  1 
ATOM   719  O OD1 . ASN A 1 114 ? 6.051   -10.311 -7.564  1.00 9.08  ? 115 ASN A OD1 1 
ATOM   720  N ND2 . ASN A 1 114 ? 4.033   -10.976 -6.819  1.00 6.37  ? 115 ASN A ND2 1 
ATOM   721  N N   . SER A 1 115 ? 7.573   -11.372 -2.898  1.00 5.57  ? 116 SER A N   1 
ATOM   722  C CA  A SER A 1 115 ? 8.307   -12.201 -1.942  0.70 5.83  ? 116 SER A CA  1 
ATOM   723  C CA  B SER A 1 115 ? 8.284   -12.213 -1.945  0.30 5.84  ? 116 SER A CA  1 
ATOM   724  C C   . SER A 1 115 ? 8.132   -11.745 -0.504  1.00 5.58  ? 116 SER A C   1 
ATOM   725  O O   . SER A 1 115 ? 8.218   -12.549 0.421   1.00 5.85  ? 116 SER A O   1 
ATOM   726  C CB  A SER A 1 115 ? 9.798   -12.220 -2.278  0.70 5.94  ? 116 SER A CB  1 
ATOM   727  C CB  B SER A 1 115 ? 9.756   -12.312 -2.326  0.30 5.88  ? 116 SER A CB  1 
ATOM   728  O OG  A SER A 1 115 ? 10.361  -10.926 -2.141  0.70 5.33  ? 116 SER A OG  1 
ATOM   729  O OG  B SER A 1 115 ? 9.883   -12.782 -3.656  0.30 6.31  ? 116 SER A OG  1 
ATOM   730  N N   . ASP A 1 116 ? 7.903   -10.449 -0.320  1.00 5.46  ? 117 ASP A N   1 
ATOM   731  C CA  . ASP A 1 116 ? 7.835   -9.890  1.014   1.00 5.37  ? 117 ASP A CA  1 
ATOM   732  C C   . ASP A 1 116 ? 6.917   -8.662  1.047   1.00 5.18  ? 117 ASP A C   1 
ATOM   733  O O   . ASP A 1 116 ? 7.370   -7.555  1.340   1.00 5.33  ? 117 ASP A O   1 
ATOM   734  C CB  . ASP A 1 116 ? 9.262   -9.561  1.502   1.00 5.67  ? 117 ASP A CB  1 
ATOM   735  C CG  . ASP A 1 116 ? 9.332   -9.333  2.999   1.00 7.02  ? 117 ASP A CG  1 
ATOM   736  O OD1 . ASP A 1 116 ? 8.385   -9.710  3.725   1.00 9.10  ? 117 ASP A OD1 1 
ATOM   737  O OD2 . ASP A 1 116 ? 10.333  -8.747  3.455   1.00 7.20  ? 117 ASP A OD2 1 
ATOM   738  N N   . PRO A 1 117 ? 5.615   -8.857  0.745   1.00 5.16  ? 118 PRO A N   1 
ATOM   739  C CA  . PRO A 1 117 ? 4.675   -7.748  0.517   1.00 5.39  ? 118 PRO A CA  1 
ATOM   740  C C   . PRO A 1 117 ? 4.528   -6.814  1.710   1.00 5.41  ? 118 PRO A C   1 
ATOM   741  O O   . PRO A 1 117 ? 4.247   -5.628  1.530   1.00 5.37  ? 118 PRO A O   1 
ATOM   742  C CB  . PRO A 1 117 ? 3.343   -8.465  0.218   1.00 5.21  ? 118 PRO A CB  1 
ATOM   743  C CG  . PRO A 1 117 ? 3.508   -9.836  0.808   1.00 5.79  ? 118 PRO A CG  1 
ATOM   744  C CD  . PRO A 1 117 ? 4.959   -10.161 0.553   1.00 5.15  ? 118 PRO A CD  1 
ATOM   745  N N   . TYR A 1 118 ? 4.746   -7.346  2.911   1.00 5.76  ? 119 TYR A N   1 
ATOM   746  C CA  . TYR A 1 118 ? 4.617   -6.553  4.134   1.00 5.39  ? 119 TYR A CA  1 
ATOM   747  C C   . TYR A 1 118 ? 5.954   -6.120  4.680   1.00 5.97  ? 119 TYR A C   1 
ATOM   748  O O   . TYR A 1 118 ? 6.015   -5.463  5.711   1.00 6.37  ? 119 TYR A O   1 
ATOM   749  C CB  . TYR A 1 118 ? 3.900   -7.357  5.211   1.00 5.37  ? 119 TYR A CB  1 
ATOM   750  C CG  . TYR A 1 118 ? 2.557   -7.832  4.783   1.00 4.80  ? 119 TYR A CG  1 
ATOM   751  C CD1 . TYR A 1 118 ? 1.539   -6.929  4.540   1.00 4.09  ? 119 TYR A CD1 1 
ATOM   752  C CD2 . TYR A 1 118 ? 2.302   -9.192  4.619   1.00 6.10  ? 119 TYR A CD2 1 
ATOM   753  C CE1 . TYR A 1 118 ? 0.287   -7.359  4.144   1.00 5.22  ? 119 TYR A CE1 1 
ATOM   754  C CE2 . TYR A 1 118 ? 1.074   -9.633  4.222   1.00 4.71  ? 119 TYR A CE2 1 
ATOM   755  C CZ  . TYR A 1 118 ? 0.065   -8.707  3.996   1.00 4.28  ? 119 TYR A CZ  1 
ATOM   756  O OH  . TYR A 1 118 ? -1.169  -9.122  3.608   1.00 3.99  ? 119 TYR A OH  1 
ATOM   757  N N   . GLY A 1 119 ? 7.027   -6.521  4.016   1.00 5.62  ? 120 GLY A N   1 
ATOM   758  C CA  . GLY A 1 119 ? 8.360   -6.181  4.505   1.00 6.24  ? 120 GLY A CA  1 
ATOM   759  C C   . GLY A 1 119 ? 9.090   -5.373  3.471   1.00 5.91  ? 120 GLY A C   1 
ATOM   760  O O   . GLY A 1 119 ? 8.792   -4.196  3.252   1.00 6.39  ? 120 GLY A O   1 
ATOM   761  N N   . ALA A 1 120 ? 10.018  -6.054  2.809   1.00 6.14  ? 121 ALA A N   1 
ATOM   762  C CA  . ALA A 1 120 ? 10.916  -5.477  1.822   1.00 6.17  ? 121 ALA A CA  1 
ATOM   763  C C   . ALA A 1 120 ? 10.174  -4.948  0.596   1.00 6.00  ? 121 ALA A C   1 
ATOM   764  O O   . ALA A 1 120 ? 10.688  -4.093  -0.121  1.00 6.15  ? 121 ALA A O   1 
ATOM   765  C CB  . ALA A 1 120 ? 11.940  -6.523  1.406   1.00 6.79  ? 121 ALA A CB  1 
ATOM   766  N N   . GLY A 1 121 ? 8.964   -5.451  0.371   1.00 5.50  ? 122 GLY A N   1 
ATOM   767  C CA  . GLY A 1 121 ? 8.166   -5.049  -0.785  1.00 4.98  ? 122 GLY A CA  1 
ATOM   768  C C   . GLY A 1 121 ? 7.210   -3.902  -0.545  1.00 4.46  ? 122 GLY A C   1 
ATOM   769  O O   . GLY A 1 121 ? 6.304   -3.678  -1.342  1.00 5.08  ? 122 GLY A O   1 
ATOM   770  N N   . TRP A 1 122 ? 7.394   -3.182  0.560   1.00 4.72  ? 123 TRP A N   1 
ATOM   771  C CA  . TRP A 1 122 ? 6.612   -1.978  0.830   1.00 4.76  ? 123 TRP A CA  1 
ATOM   772  C C   . TRP A 1 122 ? 6.724   -1.014  -0.348  1.00 5.18  ? 123 TRP A C   1 
ATOM   773  O O   . TRP A 1 122 ? 7.725   -1.023  -1.065  1.00 5.50  ? 123 TRP A O   1 
ATOM   774  C CB  . TRP A 1 122 ? 7.069   -1.309  2.131   1.00 4.37  ? 123 TRP A CB  1 
ATOM   775  C CG  . TRP A 1 122 ? 8.462   -0.775  2.083   1.00 5.16  ? 123 TRP A CG  1 
ATOM   776  C CD1 . TRP A 1 122 ? 9.622   -1.472  2.296   1.00 6.65  ? 123 TRP A CD1 1 
ATOM   777  C CD2 . TRP A 1 122 ? 8.848   0.570   1.799   1.00 5.93  ? 123 TRP A CD2 1 
ATOM   778  N NE1 . TRP A 1 122 ? 10.708  -0.638  2.159   1.00 7.06  ? 123 TRP A NE1 1 
ATOM   779  C CE2 . TRP A 1 122 ? 10.261  0.621   1.852   1.00 7.78  ? 123 TRP A CE2 1 
ATOM   780  C CE3 . TRP A 1 122 ? 8.137   1.745   1.503   1.00 7.12  ? 123 TRP A CE3 1 
ATOM   781  C CZ2 . TRP A 1 122 ? 10.979  1.802   1.628   1.00 8.12  ? 123 TRP A CZ2 1 
ATOM   782  C CZ3 . TRP A 1 122 ? 8.860   2.924   1.278   1.00 7.65  ? 123 TRP A CZ3 1 
ATOM   783  C CH2 . TRP A 1 122 ? 10.260  2.939   1.342   1.00 7.70  ? 123 TRP A CH2 1 
ATOM   784  N N   . LEU A 1 123 ? 5.700   -0.196  -0.554  1.00 5.30  ? 124 LEU A N   1 
ATOM   785  C CA  . LEU A 1 123 ? 5.677   0.684   -1.722  1.00 5.83  ? 124 LEU A CA  1 
ATOM   786  C C   . LEU A 1 123 ? 6.146   2.091   -1.430  1.00 6.08  ? 124 LEU A C   1 
ATOM   787  O O   . LEU A 1 123 ? 7.021   2.624   -2.108  1.00 6.67  ? 124 LEU A O   1 
ATOM   788  C CB  . LEU A 1 123 ? 4.269   0.741   -2.307  1.00 5.71  ? 124 LEU A CB  1 
ATOM   789  C CG  . LEU A 1 123 ? 3.669   -0.613  -2.682  1.00 7.09  ? 124 LEU A CG  1 
ATOM   790  C CD1 . LEU A 1 123 ? 2.231   -0.405  -3.129  1.00 6.92  ? 124 LEU A CD1 1 
ATOM   791  C CD2 . LEU A 1 123 ? 4.476   -1.275  -3.756  1.00 8.33  ? 124 LEU A CD2 1 
ATOM   792  N N   . LEU A 1 124 ? 5.517   2.719   -0.448  1.00 6.20  ? 125 LEU A N   1 
ATOM   793  C CA  . LEU A 1 124 ? 5.764   4.128   -0.187  1.00 5.84  ? 125 LEU A CA  1 
ATOM   794  C C   . LEU A 1 124 ? 5.290   4.497   1.195   1.00 5.70  ? 125 LEU A C   1 
ATOM   795  O O   . LEU A 1 124 ? 4.586   3.728   1.852   1.00 6.00  ? 125 LEU A O   1 
ATOM   796  C CB  . LEU A 1 124 ? 5.043   5.008   -1.225  1.00 5.56  ? 125 LEU A CB  1 
ATOM   797  C CG  . LEU A 1 124 ? 3.529   4.874   -1.403  1.00 6.36  ? 125 LEU A CG  1 
ATOM   798  C CD1 . LEU A 1 124 ? 2.771   5.596   -0.319  1.00 5.75  ? 125 LEU A CD1 1 
ATOM   799  C CD2 . LEU A 1 124 ? 3.187   5.508   -2.716  1.00 9.72  ? 125 LEU A CD2 1 
ATOM   800  N N   . ASP A 1 125 ? 5.671   5.698   1.614   1.00 5.81  ? 126 ASP A N   1 
ATOM   801  C CA  . ASP A 1 125 ? 5.158   6.280   2.837   1.00 6.43  ? 126 ASP A CA  1 
ATOM   802  C C   . ASP A 1 125 ? 4.323   7.491   2.483   1.00 6.40  ? 126 ASP A C   1 
ATOM   803  O O   . ASP A 1 125 ? 4.622   8.218   1.532   1.00 5.98  ? 126 ASP A O   1 
ATOM   804  C CB  . ASP A 1 125 ? 6.298   6.738   3.752   1.00 6.25  ? 126 ASP A CB  1 
ATOM   805  C CG  . ASP A 1 125 ? 7.112   5.603   4.300   1.00 7.50  ? 126 ASP A CG  1 
ATOM   806  O OD1 . ASP A 1 125 ? 6.713   4.423   4.170   1.00 8.23  ? 126 ASP A OD1 1 
ATOM   807  O OD2 . ASP A 1 125 ? 8.177   5.904   4.877   1.00 8.00  ? 126 ASP A OD2 1 
ATOM   808  N N   . ILE A 1 126 ? 3.271   7.703   3.260   1.00 7.02  ? 127 ILE A N   1 
ATOM   809  C CA  . ILE A 1 126 ? 2.516   8.943   3.197   1.00 7.86  ? 127 ILE A CA  1 
ATOM   810  C C   . ILE A 1 126 ? 2.677   9.632   4.540   1.00 8.76  ? 127 ILE A C   1 
ATOM   811  O O   . ILE A 1 126 ? 2.537   9.014   5.595   1.00 8.04  ? 127 ILE A O   1 
ATOM   812  C CB  . ILE A 1 126 ? 1.019   8.706   2.884   1.00 7.82  ? 127 ILE A CB  1 
ATOM   813  C CG1 . ILE A 1 126 ? 0.855   8.099   1.495   1.00 7.89  ? 127 ILE A CG1 1 
ATOM   814  C CG2 . ILE A 1 126 ? 0.234   10.008  2.919   1.00 7.56  ? 127 ILE A CG2 1 
ATOM   815  C CD1 . ILE A 1 126 ? -0.483  7.436   1.289   1.00 6.70  ? 127 ILE A CD1 1 
ATOM   816  N N   . GLN A 1 127 ? 2.981   10.921  4.482   1.00 9.97  ? 128 GLN A N   1 
ATOM   817  C CA  . GLN A 1 127 ? 3.114   11.710  5.680   1.00 12.24 ? 128 GLN A CA  1 
ATOM   818  C C   . GLN A 1 127 ? 1.924   12.642  5.777   1.00 13.59 ? 128 GLN A C   1 
ATOM   819  O O   . GLN A 1 127 ? 1.508   13.223  4.777   1.00 13.12 ? 128 GLN A O   1 
ATOM   820  C CB  . GLN A 1 127 ? 4.407   12.509  5.618   1.00 11.98 ? 128 GLN A CB  1 
ATOM   821  C CG  . GLN A 1 127 ? 4.854   13.064  6.940   1.00 14.83 ? 128 GLN A CG  1 
ATOM   822  C CD  . GLN A 1 127 ? 6.195   13.755  6.824   1.00 18.24 ? 128 GLN A CD  1 
ATOM   823  O OE1 . GLN A 1 127 ? 6.670   14.034  5.719   1.00 18.34 ? 128 GLN A OE1 1 
ATOM   824  N NE2 . GLN A 1 127 ? 6.820   14.033  7.968   1.00 20.45 ? 128 GLN A NE2 1 
ATOM   825  N N   . VAL A 1 128 ? 1.376   12.776  6.983   1.00 15.95 ? 129 VAL A N   1 
ATOM   826  C CA  . VAL A 1 128 ? 0.280   13.704  7.206   1.00 19.06 ? 129 VAL A CA  1 
ATOM   827  C C   . VAL A 1 128 ? 0.729   14.881  8.060   1.00 20.88 ? 129 VAL A C   1 
ATOM   828  O O   . VAL A 1 128 ? 1.377   14.717  9.094   1.00 21.91 ? 129 VAL A O   1 
ATOM   829  C CB  . VAL A 1 128 ? -0.973  13.030  7.836   1.00 19.06 ? 129 VAL A CB  1 
ATOM   830  C CG1 . VAL A 1 128 ? -1.421  11.859  6.984   1.00 19.66 ? 129 VAL A CG1 1 
ATOM   831  C CG2 . VAL A 1 128 ? -0.705  12.573  9.264   1.00 19.69 ? 129 VAL A CG2 1 
ATOM   832  N N   . ASP A 1 129 ? 0.416   16.069  7.585   1.00 23.34 ? 130 ASP A N   1 
ATOM   833  C CA  . ASP A 1 129 ? 0.437   17.240  8.424   1.00 25.46 ? 130 ASP A CA  1 
ATOM   834  C C   . ASP A 1 129 ? -1.022  17.432  8.832   1.00 26.32 ? 130 ASP A C   1 
ATOM   835  O O   . ASP A 1 129 ? -1.879  17.727  7.984   1.00 26.65 ? 130 ASP A O   1 
ATOM   836  C CB  . ASP A 1 129 ? 0.958   18.446  7.653   1.00 25.70 ? 130 ASP A CB  1 
ATOM   837  C CG  . ASP A 1 129 ? 1.431   19.563  8.568   1.00 28.19 ? 130 ASP A CG  1 
ATOM   838  O OD1 . ASP A 1 129 ? 1.066   19.564  9.769   1.00 30.42 ? 130 ASP A OD1 1 
ATOM   839  O OD2 . ASP A 1 129 ? 2.172   20.450  8.084   1.00 30.95 ? 130 ASP A OD2 1 
ATOM   840  N N   . SER A 1 130 ? -1.301  17.230  10.121  1.00 27.23 ? 131 SER A N   1 
ATOM   841  C CA  . SER A 1 130 ? -2.646  17.410  10.677  1.00 27.96 ? 131 SER A CA  1 
ATOM   842  C C   . SER A 1 130 ? -3.297  18.740  10.259  1.00 28.11 ? 131 SER A C   1 
ATOM   843  O O   . SER A 1 130 ? -4.504  18.914  10.408  1.00 28.11 ? 131 SER A O   1 
ATOM   844  C CB  . SER A 1 130 ? -2.607  17.299  12.204  1.00 28.32 ? 131 SER A CB  1 
ATOM   845  O OG  . SER A 1 130 ? -1.833  18.346  12.764  1.00 29.80 ? 131 SER A OG  1 
ATOM   846  N N   . SER A 1 131 ? -2.493  19.662  9.730   1.00 28.28 ? 132 SER A N   1 
ATOM   847  C CA  . SER A 1 131 ? -2.990  20.937  9.199   1.00 28.58 ? 132 SER A CA  1 
ATOM   848  C C   . SER A 1 131 ? -3.632  20.810  7.808   1.00 28.06 ? 132 SER A C   1 
ATOM   849  O O   . SER A 1 131 ? -4.798  21.191  7.615   1.00 28.61 ? 132 SER A O   1 
ATOM   850  C CB  . SER A 1 131 ? -1.863  21.971  9.167   1.00 28.82 ? 132 SER A CB  1 
ATOM   851  O OG  . SER A 1 131 ? -1.311  22.166  10.461  1.00 30.39 ? 132 SER A OG  1 
ATOM   852  N N   . ASP A 1 132 ? -2.877  20.265  6.852   1.00 27.16 ? 133 ASP A N   1 
ATOM   853  C CA  . ASP A 1 132 ? -3.330  20.136  5.456   1.00 25.79 ? 133 ASP A CA  1 
ATOM   854  C C   . ASP A 1 132 ? -4.362  19.025  5.240   1.00 24.01 ? 133 ASP A C   1 
ATOM   855  O O   . ASP A 1 132 ? -5.275  19.153  4.417   1.00 24.37 ? 133 ASP A O   1 
ATOM   856  C CB  . ASP A 1 132 ? -2.138  19.866  4.528   1.00 26.48 ? 133 ASP A CB  1 
ATOM   857  C CG  . ASP A 1 132 ? -0.971  20.807  4.768   1.00 28.29 ? 133 ASP A CG  1 
ATOM   858  O OD1 . ASP A 1 132 ? -1.164  22.045  4.704   1.00 31.45 ? 133 ASP A OD1 1 
ATOM   859  O OD2 . ASP A 1 132 ? 0.145   20.300  5.009   1.00 29.77 ? 133 ASP A OD2 1 
ATOM   860  N N   . VAL A 1 133 ? -4.185  17.924  5.957   1.00 21.75 ? 134 VAL A N   1 
ATOM   861  C CA  . VAL A 1 133 ? -4.992  16.723  5.756   1.00 18.91 ? 134 VAL A CA  1 
ATOM   862  C C   . VAL A 1 133 ? -5.378  16.137  7.105   1.00 17.49 ? 134 VAL A C   1 
ATOM   863  O O   . VAL A 1 133 ? -4.916  16.607  8.151   1.00 16.59 ? 134 VAL A O   1 
ATOM   864  C CB  . VAL A 1 133 ? -4.245  15.656  4.895   1.00 18.79 ? 134 VAL A CB  1 
ATOM   865  C CG1 . VAL A 1 133 ? -4.021  16.153  3.476   1.00 18.56 ? 134 VAL A CG1 1 
ATOM   866  C CG2 . VAL A 1 133 ? -2.920  15.256  5.533   1.00 18.66 ? 134 VAL A CG2 1 
ATOM   867  N N   . ALA A 1 134 ? -6.223  15.109  7.084   1.00 15.44 ? 135 ALA A N   1 
ATOM   868  C CA  . ALA A 1 134 ? -6.666  14.472  8.317   1.00 14.72 ? 135 ALA A CA  1 
ATOM   869  C C   . ALA A 1 134 ? -5.484  13.892  9.081   1.00 14.32 ? 135 ALA A C   1 
ATOM   870  O O   . ALA A 1 134 ? -4.601  13.261  8.490   1.00 14.14 ? 135 ALA A O   1 
ATOM   871  C CB  . ALA A 1 134 ? -7.693  13.390  8.030   1.00 14.45 ? 135 ALA A CB  1 
ATOM   872  N N   . ALA A 1 135 ? -5.468  14.133  10.390  1.00 13.58 ? 136 ALA A N   1 
ATOM   873  C CA  . ALA A 1 135 ? -4.493  13.512  11.284  1.00 13.27 ? 136 ALA A CA  1 
ATOM   874  C C   . ALA A 1 135 ? -4.672  12.007  11.205  1.00 12.68 ? 136 ALA A C   1 
ATOM   875  O O   . ALA A 1 135 ? -5.762  11.524  10.892  1.00 12.40 ? 136 ALA A O   1 
ATOM   876  C CB  . ALA A 1 135 ? -4.701  13.989  12.705  1.00 13.50 ? 136 ALA A CB  1 
ATOM   877  N N   . LEU A 1 136 ? -3.604  11.261  11.473  1.00 11.94 ? 137 LEU A N   1 
ATOM   878  C CA  . LEU A 1 136 ? -3.675  9.806   11.368  1.00 11.93 ? 137 LEU A CA  1 
ATOM   879  C C   . LEU A 1 136 ? -4.785  9.185   12.198  1.00 11.88 ? 137 LEU A C   1 
ATOM   880  O O   . LEU A 1 136 ? -5.424  8.237   11.757  1.00 11.36 ? 137 LEU A O   1 
ATOM   881  C CB  . LEU A 1 136 ? -2.346  9.158   11.736  1.00 11.64 ? 137 LEU A CB  1 
ATOM   882  C CG  . LEU A 1 136 ? -1.272  9.337   10.679  1.00 12.78 ? 137 LEU A CG  1 
ATOM   883  C CD1 . LEU A 1 136 ? -0.003  8.600   11.092  1.00 13.47 ? 137 LEU A CD1 1 
ATOM   884  C CD2 . LEU A 1 136 ? -1.773  8.851   9.321   1.00 12.71 ? 137 LEU A CD2 1 
ATOM   885  N N   . GLU A 1 137 ? -4.995  9.711   13.403  1.00 12.18 ? 138 GLU A N   1 
ATOM   886  C CA  . GLU A 1 137 ? -6.090  9.248   14.254  1.00 12.79 ? 138 GLU A CA  1 
ATOM   887  C C   . GLU A 1 137 ? -7.406  9.242   13.472  1.00 12.42 ? 138 GLU A C   1 
ATOM   888  O O   . GLU A 1 137 ? -8.151  8.259   13.518  1.00 13.43 ? 138 GLU A O   1 
ATOM   889  C CB  . GLU A 1 137 ? -6.214  10.130  15.498  1.00 12.94 ? 138 GLU A CB  1 
ATOM   890  N N   . SER A 1 138 ? -7.669  10.330  12.745  1.00 12.12 ? 139 SER A N   1 
ATOM   891  C CA  . SER A 1 138 ? -8.863  10.445  11.900  1.00 11.45 ? 139 SER A CA  1 
ATOM   892  C C   . SER A 1 138 ? -8.768  9.523   10.696  1.00 11.10 ? 139 SER A C   1 
ATOM   893  O O   . SER A 1 138 ? -9.697  8.777   10.399  1.00 10.31 ? 139 SER A O   1 
ATOM   894  C CB  . SER A 1 138 ? -9.070  11.883  11.420  1.00 11.52 ? 139 SER A CB  1 
ATOM   895  O OG  . SER A 1 138 ? -9.410  12.738  12.504  1.00 13.98 ? 139 SER A OG  1 
ATOM   896  N N   . ALA A 1 139 ? -7.628  9.578   10.012  1.00 10.55 ? 140 ALA A N   1 
ATOM   897  C CA  . ALA A 1 139 ? -7.432  8.831   8.772   1.00 10.34 ? 140 ALA A CA  1 
ATOM   898  C C   . ALA A 1 139 ? -7.650  7.340   8.976   1.00 10.36 ? 140 ALA A C   1 
ATOM   899  O O   . ALA A 1 139 ? -8.198  6.669   8.107   1.00 10.56 ? 140 ALA A O   1 
ATOM   900  C CB  . ALA A 1 139 ? -6.036  9.099   8.206   1.00 10.54 ? 140 ALA A CB  1 
ATOM   901  N N   . LEU A 1 140 ? -7.211  6.831   10.128  1.00 9.98  ? 141 LEU A N   1 
ATOM   902  C CA  . LEU A 1 140 ? -7.311  5.407   10.462  1.00 10.62 ? 141 LEU A CA  1 
ATOM   903  C C   . LEU A 1 140 ? -8.745  4.884   10.428  1.00 9.93  ? 141 LEU A C   1 
ATOM   904  O O   . LEU A 1 140 ? -8.976  3.723   10.081  1.00 10.06 ? 141 LEU A O   1 
ATOM   905  C CB  . LEU A 1 140 ? -6.700  5.157   11.849  1.00 11.49 ? 141 LEU A CB  1 
ATOM   906  C CG  . LEU A 1 140 ? -6.820  3.795   12.524  1.00 14.26 ? 141 LEU A CG  1 
ATOM   907  C CD1 . LEU A 1 140 ? -5.922  2.803   11.814  1.00 17.18 ? 141 LEU A CD1 1 
ATOM   908  C CD2 . LEU A 1 140 ? -6.434  3.882   13.999  1.00 17.00 ? 141 LEU A CD2 1 
ATOM   909  N N   . THR A 1 141 ? -9.701  5.743   10.773  1.00 9.33  ? 142 THR A N   1 
ATOM   910  C CA  . THR A 1 141 ? -11.107 5.340   10.871  1.00 8.51  ? 142 THR A CA  1 
ATOM   911  C C   . THR A 1 141 ? -11.680 4.787   9.559   1.00 8.26  ? 142 THR A C   1 
ATOM   912  O O   . THR A 1 141 ? -12.654 4.034   9.572   1.00 7.60  ? 142 THR A O   1 
ATOM   913  C CB  . THR A 1 141 ? -12.017 6.501   11.375  1.00 8.66  ? 142 THR A CB  1 
ATOM   914  O OG1 . THR A 1 141 ? -12.075 7.544   10.391  1.00 8.56  ? 142 THR A OG1 1 
ATOM   915  C CG2 . THR A 1 141 ? -11.504 7.068   12.690  1.00 8.88  ? 142 THR A CG2 1 
ATOM   916  N N   . THR A 1 142 ? -11.076 5.168   8.431   1.00 7.82  ? 143 THR A N   1 
ATOM   917  C CA  . THR A 1 142 ? -11.563 4.756   7.121   1.00 7.61  ? 143 THR A CA  1 
ATOM   918  C C   . THR A 1 142 ? -11.004 3.400   6.718   1.00 7.42  ? 143 THR A C   1 
ATOM   919  O O   . THR A 1 142 ? -11.448 2.818   5.741   1.00 7.09  ? 143 THR A O   1 
ATOM   920  C CB  . THR A 1 142 ? -11.187 5.760   6.009   1.00 7.67  ? 143 THR A CB  1 
ATOM   921  O OG1 . THR A 1 142 ? -9.753  5.853   5.915   1.00 8.18  ? 143 THR A OG1 1 
ATOM   922  C CG2 . THR A 1 142 ? -11.770 7.151   6.296   1.00 7.75  ? 143 THR A CG2 1 
ATOM   923  N N   . LEU A 1 143 ? -10.012 2.917   7.450   1.00 7.22  ? 144 LEU A N   1 
ATOM   924  C CA  . LEU A 1 143 ? -9.317  1.705   7.036   1.00 7.30  ? 144 LEU A CA  1 
ATOM   925  C C   . LEU A 1 143 ? -9.912  0.470   7.690   1.00 7.57  ? 144 LEU A C   1 
ATOM   926  O O   . LEU A 1 143 ? -10.624 0.571   8.694   1.00 8.66  ? 144 LEU A O   1 
ATOM   927  C CB  . LEU A 1 143 ? -7.814  1.818   7.339   1.00 7.41  ? 144 LEU A CB  1 
ATOM   928  C CG  . LEU A 1 143 ? -7.137  3.082   6.792   1.00 7.57  ? 144 LEU A CG  1 
ATOM   929  C CD1 . LEU A 1 143 ? -5.692  3.130   7.202   1.00 8.56  ? 144 LEU A CD1 1 
ATOM   930  C CD2 . LEU A 1 143 ? -7.275  3.175   5.276   1.00 8.68  ? 144 LEU A CD2 1 
ATOM   931  N N   . LEU A 1 144 ? -9.623  -0.686  7.107   1.00 6.76  ? 145 LEU A N   1 
ATOM   932  C CA  . LEU A 1 144 ? -10.090 -1.961  7.624   1.00 7.12  ? 145 LEU A CA  1 
ATOM   933  C C   . LEU A 1 144 ? -9.049  -2.559  8.534   1.00 6.95  ? 145 LEU A C   1 
ATOM   934  O O   . LEU A 1 144 ? -7.856  -2.416  8.286   1.00 6.93  ? 145 LEU A O   1 
ATOM   935  C CB  . LEU A 1 144 ? -10.319 -2.922  6.463   1.00 6.99  ? 145 LEU A CB  1 
ATOM   936  C CG  . LEU A 1 144 ? -11.330 -2.503  5.393   1.00 7.15  ? 145 LEU A CG  1 
ATOM   937  C CD1 . LEU A 1 144 ? -11.432 -3.634  4.369   1.00 9.72  ? 145 LEU A CD1 1 
ATOM   938  C CD2 . LEU A 1 144 ? -12.679 -2.243  6.004   1.00 9.89  ? 145 LEU A CD2 1 
ATOM   939  N N   . ASP A 1 145 ? -9.483  -3.233  9.592   1.00 7.29  ? 146 ASP A N   1 
ATOM   940  C CA  . ASP A 1 145 ? -8.543  -4.038  10.371  1.00 8.04  ? 146 ASP A CA  1 
ATOM   941  C C   . ASP A 1 145 ? -8.329  -5.383  9.687   1.00 7.99  ? 146 ASP A C   1 
ATOM   942  O O   . ASP A 1 145 ? -8.973  -5.667  8.674   1.00 7.82  ? 146 ASP A O   1 
ATOM   943  C CB  . ASP A 1 145 ? -8.942  -4.164  11.860  1.00 8.24  ? 146 ASP A CB  1 
ATOM   944  C CG  . ASP A 1 145 ? -10.239 -4.934  12.099  1.00 10.31 ? 146 ASP A CG  1 
ATOM   945  O OD1 . ASP A 1 145 ? -10.782 -5.599  11.192  1.00 7.71  ? 146 ASP A OD1 1 
ATOM   946  O OD2 . ASP A 1 145 ? -10.713 -4.878  13.257  1.00 11.48 ? 146 ASP A OD2 1 
ATOM   947  N N   . ALA A 1 146 ? -7.419  -6.194  10.217  1.00 7.72  ? 147 ALA A N   1 
ATOM   948  C CA  . ALA A 1 146 ? -7.096  -7.490  9.603   1.00 8.23  ? 147 ALA A CA  1 
ATOM   949  C C   . ALA A 1 146 ? -8.324  -8.372  9.404   1.00 8.63  ? 147 ALA A C   1 
ATOM   950  O O   . ALA A 1 146 ? -8.514  -8.967  8.340   1.00 7.71  ? 147 ALA A O   1 
ATOM   951  C CB  . ALA A 1 146 ? -6.060  -8.221  10.421  1.00 8.50  ? 147 ALA A CB  1 
ATOM   952  N N   . GLU A 1 147 ? -9.146  -8.462  10.446  1.00 9.17  ? 148 GLU A N   1 
ATOM   953  C CA  . GLU A 1 147 ? -10.344 -9.283  10.402  1.00 10.15 ? 148 GLU A CA  1 
ATOM   954  C C   . GLU A 1 147 ? -11.296 -8.819  9.294   1.00 9.39  ? 148 GLU A C   1 
ATOM   955  O O   . GLU A 1 147 ? -11.858 -9.650  8.552   1.00 9.52  ? 148 GLU A O   1 
ATOM   956  C CB  . GLU A 1 147 ? -11.041 -9.259  11.767  1.00 11.03 ? 148 GLU A CB  1 
ATOM   957  C CG  . GLU A 1 147 ? -12.329 -10.070 11.831  1.00 15.68 ? 148 GLU A CG  1 
ATOM   958  C CD  . GLU A 1 147 ? -12.982 -10.041 13.213  1.00 21.65 ? 148 GLU A CD  1 
ATOM   959  O OE1 . GLU A 1 147 ? -12.254 -9.850  14.219  1.00 24.52 ? 148 GLU A OE1 1 
ATOM   960  O OE2 . GLU A 1 147 ? -14.225 -10.207 13.288  1.00 24.73 ? 148 GLU A OE2 1 
ATOM   961  N N   . ALA A 1 148 ? -11.470 -7.504  9.190   1.00 8.45  ? 149 ALA A N   1 
ATOM   962  C CA  . ALA A 1 148 ? -12.376 -6.929  8.196   1.00 8.13  ? 149 ALA A CA  1 
ATOM   963  C C   . ALA A 1 148 ? -11.838 -7.219  6.807   1.00 7.55  ? 149 ALA A C   1 
ATOM   964  O O   . ALA A 1 148 ? -12.589 -7.637  5.917   1.00 7.40  ? 149 ALA A O   1 
ATOM   965  C CB  . ALA A 1 148 ? -12.561 -5.429  8.409   1.00 7.80  ? 149 ALA A CB  1 
ATOM   966  N N   . TYR A 1 149 ? -10.534 -7.034  6.633   1.00 6.86  ? 150 TYR A N   1 
ATOM   967  C CA  . TYR A 1 149 ? -9.923  -7.282  5.337   1.00 6.90  ? 150 TYR A CA  1 
ATOM   968  C C   . TYR A 1 149 ? -10.051 -8.751  4.921   1.00 7.26  ? 150 TYR A C   1 
ATOM   969  O O   . TYR A 1 149 ? -10.456 -9.053  3.791   1.00 7.29  ? 150 TYR A O   1 
ATOM   970  C CB  . TYR A 1 149 ? -8.464  -6.828  5.314   1.00 6.25  ? 150 TYR A CB  1 
ATOM   971  C CG  . TYR A 1 149 ? -7.822  -7.122  3.995   1.00 5.94  ? 150 TYR A CG  1 
ATOM   972  C CD1 . TYR A 1 149 ? -8.271  -6.490  2.835   1.00 4.78  ? 150 TYR A CD1 1 
ATOM   973  C CD2 . TYR A 1 149 ? -6.787  -8.049  3.894   1.00 5.73  ? 150 TYR A CD2 1 
ATOM   974  C CE1 . TYR A 1 149 ? -7.703  -6.765  1.615   1.00 5.17  ? 150 TYR A CE1 1 
ATOM   975  C CE2 . TYR A 1 149 ? -6.213  -8.333  2.679   1.00 4.93  ? 150 TYR A CE2 1 
ATOM   976  C CZ  . TYR A 1 149 ? -6.677  -7.688  1.541   1.00 3.80  ? 150 TYR A CZ  1 
ATOM   977  O OH  . TYR A 1 149 ? -6.110  -7.948  0.320   1.00 4.05  ? 150 TYR A OH  1 
ATOM   978  N N   . ARG A 1 150 ? -9.729  -9.655  5.841   1.00 7.86  ? 151 ARG A N   1 
ATOM   979  C CA  . ARG A 1 150 ? -9.911  -11.087 5.616   1.00 9.06  ? 151 ARG A CA  1 
ATOM   980  C C   . ARG A 1 150 ? -11.336 -11.360 5.136   1.00 9.56  ? 151 ARG A C   1 
ATOM   981  O O   . ARG A 1 150 ? -11.540 -12.109 4.179   1.00 9.85  ? 151 ARG A O   1 
ATOM   982  C CB  . ARG A 1 150 ? -9.595  -11.883 6.893   1.00 9.26  ? 151 ARG A CB  1 
ATOM   983  C CG  . ARG A 1 150 ? -9.830  -13.406 6.786   1.00 9.90  ? 151 ARG A CG  1 
ATOM   984  C CD  . ARG A 1 150 ? -8.793  -14.106 5.913   1.00 12.23 ? 151 ARG A CD  1 
ATOM   985  N NE  . ARG A 1 150 ? -7.518  -14.200 6.617   1.00 11.45 ? 151 ARG A NE  1 
ATOM   986  C CZ  . ARG A 1 150 ? -6.360  -14.522 6.053   1.00 12.21 ? 151 ARG A CZ  1 
ATOM   987  N NH1 . ARG A 1 150 ? -6.290  -14.792 4.752   1.00 11.01 ? 151 ARG A NH1 1 
ATOM   988  N NH2 . ARG A 1 150 ? -5.268  -14.561 6.800   1.00 12.08 ? 151 ARG A NH2 1 
ATOM   989  N N   . GLY A 1 151 ? -12.303 -10.715 5.781   1.00 9.97  ? 152 GLY A N   1 
ATOM   990  C CA  . GLY A 1 151 ? -13.722 -10.874 5.459   1.00 10.80 ? 152 GLY A CA  1 
ATOM   991  C C   . GLY A 1 151 ? -14.125 -10.462 4.052   1.00 11.37 ? 152 GLY A C   1 
ATOM   992  O O   . GLY A 1 151 ? -15.110 -10.969 3.514   1.00 11.61 ? 152 GLY A O   1 
ATOM   993  N N   . THR A 1 152 ? -13.375 -9.540  3.453   1.00 11.42 ? 153 THR A N   1 
ATOM   994  C CA  . THR A 1 152 ? -13.652 -9.106  2.094   1.00 11.78 ? 153 THR A CA  1 
ATOM   995  C C   . THR A 1 152 ? -13.130 -10.087 1.038   1.00 12.84 ? 153 THR A C   1 
ATOM   996  O O   . THR A 1 152 ? -13.519 -10.001 -0.124  1.00 13.06 ? 153 THR A O   1 
ATOM   997  C CB  . THR A 1 152 ? -13.044 -7.719  1.795   1.00 11.68 ? 153 THR A CB  1 
ATOM   998  O OG1 . THR A 1 152 ? -11.614 -7.822  1.739   1.00 11.48 ? 153 THR A OG1 1 
ATOM   999  C CG2 . THR A 1 152 ? -13.463 -6.679  2.840   1.00 11.30 ? 153 THR A CG2 1 
ATOM   1000 N N   . LEU A 1 153 ? -12.243 -11.001 1.434   1.00 13.65 ? 154 LEU A N   1 
ATOM   1001 C CA  . LEU A 1 153 ? -11.528 -11.839 0.452   1.00 14.19 ? 154 LEU A CA  1 
ATOM   1002 C C   . LEU A 1 153 ? -12.231 -13.115 -0.007  1.00 15.43 ? 154 LEU A C   1 
ATOM   1003 O O   . LEU A 1 153 ? -12.921 -13.759 0.764   1.00 15.77 ? 154 LEU A O   1 
ATOM   1004 C CB  . LEU A 1 153 ? -10.139 -12.208 0.967   1.00 13.62 ? 154 LEU A CB  1 
ATOM   1005 C CG  . LEU A 1 153 ? -9.153  -11.071 1.238   1.00 12.42 ? 154 LEU A CG  1 
ATOM   1006 C CD1 . LEU A 1 153 ? -7.786  -11.659 1.524   1.00 10.92 ? 154 LEU A CD1 1 
ATOM   1007 C CD2 . LEU A 1 153 ? -9.088  -10.110 0.072   1.00 9.55  ? 154 LEU A CD2 1 
ATOM   1008 N N   . THR A 1 154 ? -12.004 -13.474 -1.270  1.00 17.01 ? 155 THR A N   1 
ATOM   1009 C CA  . THR A 1 154 ? -12.377 -14.781 -1.808  1.00 18.62 ? 155 THR A CA  1 
ATOM   1010 C C   . THR A 1 154 ? -11.114 -15.558 -2.206  1.00 19.10 ? 155 THR A C   1 
ATOM   1011 O O   . THR A 1 154 ? -10.304 -15.087 -3.021  1.00 19.60 ? 155 THR A O   1 
ATOM   1012 C CB  . THR A 1 154 ? -13.365 -14.659 -3.006  1.00 18.74 ? 155 THR A CB  1 
ATOM   1013 O OG1 . THR A 1 154 ? -14.634 -14.174 -2.536  1.00 20.00 ? 155 THR A OG1 1 
ATOM   1014 C CG2 . THR A 1 154 ? -13.566 -16.001 -3.710  1.00 19.28 ? 155 THR A CG2 1 
HETATM 1015 O O   . HOH B 2 .   ? -4.868  11.706  6.190   1.00 7.95  ? 1   HOH A O   1 
HETATM 1016 O O   . HOH B 2 .   ? -17.077 -8.323  4.176   1.00 34.05 ? 157 HOH A O   1 
HETATM 1017 O O   . HOH B 2 .   ? -1.419  -11.655 12.167  1.00 12.54 ? 158 HOH A O   1 
HETATM 1018 O O   . HOH B 2 .   ? -3.222  0.728   15.098  1.00 27.69 ? 159 HOH A O   1 
HETATM 1019 O O   . HOH B 2 .   ? -9.990  3.523   -3.480  1.00 30.06 ? 160 HOH A O   1 
HETATM 1020 O O   . HOH B 2 .   ? 7.016   -12.311 -14.868 1.00 32.94 ? 161 HOH A O   1 
HETATM 1021 O O   . HOH B 2 .   ? 5.523   15.245  3.622   1.00 22.65 ? 162 HOH A O   1 
HETATM 1022 O O   . HOH B 2 .   ? 10.985  12.566  2.092   1.00 33.75 ? 163 HOH A O   1 
HETATM 1023 O O   . HOH B 2 .   ? 13.581  -4.236  -12.792 1.00 30.97 ? 164 HOH A O   1 
HETATM 1024 O O   . HOH B 2 .   ? 11.806  -3.174  5.031   1.00 37.98 ? 165 HOH A O   1 
HETATM 1025 O O   . HOH B 2 .   ? 9.008   15.475  8.551   1.00 36.76 ? 166 HOH A O   1 
HETATM 1026 O O   . HOH B 2 .   ? -17.338 -8.555  1.539   1.00 36.75 ? 167 HOH A O   1 
HETATM 1027 O O   . HOH B 2 .   ? 2.171   -12.733 9.094   1.00 31.12 ? 168 HOH A O   1 
HETATM 1028 O O   . HOH B 2 .   ? -3.283  -3.308  15.487  1.00 34.62 ? 169 HOH A O   1 
HETATM 1029 O O   . HOH B 2 .   ? -0.327  1.427   14.705  1.00 33.06 ? 170 HOH A O   1 
HETATM 1030 O O   . HOH B 2 .   ? -13.862 0.656   -1.271  1.00 34.45 ? 171 HOH A O   1 
HETATM 1031 O O   . HOH B 2 .   ? 9.281   3.127   11.153  1.00 42.36 ? 172 HOH A O   1 
HETATM 1032 O O   . HOH B 2 .   ? 5.030   9.023   -11.185 1.00 37.49 ? 173 HOH A O   1 
HETATM 1033 O O   . HOH B 2 .   ? 5.723   -0.576  -17.631 1.00 40.63 ? 174 HOH A O   1 
HETATM 1034 O O   . HOH B 2 .   ? 2.318   -7.330  -20.521 1.00 37.33 ? 175 HOH A O   1 
HETATM 1035 O O   . HOH B 2 .   ? -8.577  2.951   -10.926 1.00 27.83 ? 176 HOH A O   1 
HETATM 1036 O O   . HOH B 2 .   ? -9.607  11.092  -3.690  1.00 33.60 ? 177 HOH A O   1 
HETATM 1037 O O   . HOH B 2 .   ? 15.152  7.668   2.773   1.00 33.45 ? 178 HOH A O   1 
HETATM 1038 O O   . HOH B 2 .   ? 16.610  2.501   -8.102  1.00 27.43 ? 179 HOH A O   1 
HETATM 1039 O O   . HOH B 2 .   ? -13.334 2.396   11.302  1.00 29.54 ? 180 HOH A O   1 
HETATM 1040 O O   . HOH B 2 .   ? -9.959  3.619   13.974  1.00 38.48 ? 181 HOH A O   1 
HETATM 1041 O O   . HOH B 2 .   ? -14.333 -1.519  8.942   1.00 37.04 ? 182 HOH A O   1 
HETATM 1042 O O   . HOH B 2 .   ? -10.311 -8.287  14.816  1.00 31.67 ? 183 HOH A O   1 
HETATM 1043 O O   . HOH B 2 .   ? 4.999   0.344   12.909  1.00 29.23 ? 184 HOH A O   1 
HETATM 1044 O O   . HOH B 2 .   ? 6.950   -16.742 -9.410  1.00 43.38 ? 185 HOH A O   1 
HETATM 1045 O O   . HOH B 2 .   ? -0.624  19.636  -0.323  1.00 29.07 ? 186 HOH A O   1 
HETATM 1046 O O   . HOH B 2 .   ? -9.818  10.052  -6.195  1.00 32.74 ? 187 HOH A O   1 
HETATM 1047 O O   . HOH B 2 .   ? 3.205   0.356   -14.763 1.00 37.17 ? 188 HOH A O   1 
HETATM 1048 O O   . HOH B 2 .   ? -9.167  -4.161  15.208  1.00 24.96 ? 189 HOH A O   1 
HETATM 1049 O O   . HOH B 2 .   ? -12.662 -3.504  15.059  1.00 37.28 ? 190 HOH A O   1 
HETATM 1050 O O   . HOH B 2 .   ? -3.523  -11.087 2.216   1.00 4.73  ? 191 HOH A O   1 
HETATM 1051 O O   . HOH B 2 .   ? 5.766   -9.913  3.742   1.00 6.60  ? 192 HOH A O   1 
HETATM 1052 O O   . HOH B 2 .   ? 9.725   -1.289  -10.902 1.00 10.38 ? 193 HOH A O   1 
HETATM 1053 O O   . HOH B 2 .   ? -1.911  -14.854 -10.245 1.00 9.48  ? 194 HOH A O   1 
HETATM 1054 O O   . HOH B 2 .   ? 17.569  -7.854  -5.715  1.00 6.14  ? 195 HOH A O   1 
HETATM 1055 O O   . HOH B 2 .   ? 13.889  3.161   -0.752  1.00 8.83  ? 196 HOH A O   1 
HETATM 1056 O O   . HOH B 2 .   ? -12.262 -2.693  10.255  1.00 14.95 ? 197 HOH A O   1 
HETATM 1057 O O   . HOH B 2 .   ? -11.883 -8.610  -2.811  1.00 12.40 ? 198 HOH A O   1 
HETATM 1058 O O   . HOH B 2 .   ? 1.526   17.218  -5.319  1.00 21.34 ? 199 HOH A O   1 
HETATM 1059 O O   . HOH B 2 .   ? 3.716   -4.374  -0.838  1.00 5.69  ? 200 HOH A O   1 
HETATM 1060 O O   . HOH B 2 .   ? -4.184  -14.100 -3.967  1.00 10.28 ? 201 HOH A O   1 
HETATM 1061 O O   . HOH B 2 .   ? -9.163  6.935   3.564   1.00 17.04 ? 202 HOH A O   1 
HETATM 1062 O O   . HOH B 2 .   ? 0.402   0.293   12.220  1.00 15.51 ? 203 HOH A O   1 
HETATM 1063 O O   . HOH B 2 .   ? 1.541   -16.663 -5.553  1.00 20.31 ? 204 HOH A O   1 
HETATM 1064 O O   . HOH B 2 .   ? -11.466 -6.862  -0.875  1.00 8.63  ? 205 HOH A O   1 
HETATM 1065 O O   . HOH B 2 .   ? -1.381  12.646  12.508  1.00 18.78 ? 206 HOH A O   1 
HETATM 1066 O O   . HOH B 2 .   ? 3.690   -4.486  15.283  1.00 9.34  ? 207 HOH A O   1 
HETATM 1067 O O   . HOH B 2 .   ? -8.505  -7.477  13.157  1.00 15.70 ? 208 HOH A O   1 
HETATM 1068 O O   . HOH B 2 .   ? 13.032  5.049   1.074   1.00 14.16 ? 209 HOH A O   1 
HETATM 1069 O O   . HOH B 2 .   ? 7.616   16.641  -5.433  1.00 12.61 ? 210 HOH A O   1 
HETATM 1070 O O   . HOH B 2 .   ? -2.027  -7.440  16.695  1.00 12.26 ? 211 HOH A O   1 
HETATM 1071 O O   . HOH B 2 .   ? -6.051  0.835   -1.562  1.00 18.12 ? 212 HOH A O   1 
HETATM 1072 O O   . HOH B 2 .   ? 8.973   2.653   8.332   1.00 17.65 ? 213 HOH A O   1 
HETATM 1073 O O   . HOH B 2 .   ? 8.257   8.008   -9.443  1.00 32.10 ? 214 HOH A O   1 
HETATM 1074 O O   . HOH B 2 .   ? -10.649 1.675   11.152  1.00 20.42 ? 215 HOH A O   1 
HETATM 1075 O O   . HOH B 2 .   ? 13.179  -3.412  0.515   1.00 15.77 ? 216 HOH A O   1 
HETATM 1076 O O   . HOH B 2 .   ? 8.349   -15.170 -0.021  1.00 29.37 ? 217 HOH A O   1 
HETATM 1077 O O   . HOH B 2 .   ? 14.090  0.600   0.327   1.00 17.35 ? 218 HOH A O   1 
HETATM 1078 O O   . HOH B 2 .   ? -2.431  -13.933 8.452   1.00 12.61 ? 219 HOH A O   1 
HETATM 1079 O O   . HOH B 2 .   ? -11.348 0.096   1.947   1.00 11.28 ? 220 HOH A O   1 
HETATM 1080 O O   . HOH B 2 .   ? 4.571   -11.483 -14.107 1.00 12.75 ? 221 HOH A O   1 
HETATM 1081 O O   . HOH B 2 .   ? -4.233  15.309  -4.743  1.00 25.53 ? 222 HOH A O   1 
HETATM 1082 O O   . HOH B 2 .   ? -1.737  -0.082  10.898  1.00 14.71 ? 223 HOH A O   1 
HETATM 1083 O O   . HOH B 2 .   ? -8.111  8.342   5.551   1.00 21.11 ? 224 HOH A O   1 
HETATM 1084 O O   . HOH B 2 .   ? 3.789   15.028  -7.812  1.00 23.55 ? 225 HOH A O   1 
HETATM 1085 O O   . HOH B 2 .   ? 16.767  0.806   -0.035  1.00 15.32 ? 226 HOH A O   1 
HETATM 1086 O O   . HOH B 2 .   ? -2.004  -13.285 -12.667 1.00 28.53 ? 227 HOH A O   1 
HETATM 1087 O O   . HOH B 2 .   ? 10.846  -2.502  -12.930 1.00 30.03 ? 228 HOH A O   1 
HETATM 1088 O O   . HOH B 2 .   ? 3.194   -14.712 -12.094 1.00 19.36 ? 229 HOH A O   1 
HETATM 1089 O O   . HOH B 2 .   ? 4.018   11.340  -9.007  1.00 23.71 ? 230 HOH A O   1 
HETATM 1090 O O   . HOH B 2 .   ? -11.507 1.808   -0.242  1.00 25.47 ? 231 HOH A O   1 
HETATM 1091 O O   . HOH B 2 .   ? 9.596   1.393   -8.930  1.00 22.57 ? 232 HOH A O   1 
HETATM 1092 O O   . HOH B 2 .   ? -6.998  9.374   -8.983  1.00 22.41 ? 233 HOH A O   1 
HETATM 1093 O O   . HOH B 2 .   ? 4.302   -13.364 0.095   1.00 25.49 ? 234 HOH A O   1 
HETATM 1094 O O   . HOH B 2 .   ? 15.683  4.569   -1.647  1.00 17.04 ? 235 HOH A O   1 
HETATM 1095 O O   . HOH B 2 .   ? 7.717   -0.034  8.644   1.00 15.81 ? 236 HOH A O   1 
HETATM 1096 O O   . HOH B 2 .   ? -4.028  16.989  -2.624  1.00 15.16 ? 237 HOH A O   1 
HETATM 1097 O O   . HOH B 2 .   ? -13.951 -5.760  -1.251  1.00 17.95 ? 238 HOH A O   1 
HETATM 1098 O O   . HOH B 2 .   ? -5.587  -5.031  12.156  1.00 12.98 ? 239 HOH A O   1 
HETATM 1099 O O   . HOH B 2 .   ? 12.825  1.847   4.877   1.00 19.76 ? 240 HOH A O   1 
HETATM 1100 O O   . HOH B 2 .   ? 11.065  -6.409  -14.035 1.00 28.08 ? 241 HOH A O   1 
HETATM 1101 O O   . HOH B 2 .   ? 7.724   -2.842  5.418   1.00 10.11 ? 242 HOH A O   1 
HETATM 1102 O O   . HOH B 2 .   ? 8.701   -9.700  6.369   1.00 24.76 ? 243 HOH A O   1 
HETATM 1103 O O   . HOH B 2 .   ? 8.059   4.932   7.299   1.00 16.61 ? 244 HOH A O   1 
HETATM 1104 O O   . HOH B 2 .   ? 8.535   8.770   5.347   1.00 20.01 ? 245 HOH A O   1 
HETATM 1105 O O   . HOH B 2 .   ? 12.633  4.219   3.914   1.00 19.38 ? 246 HOH A O   1 
HETATM 1106 O O   . HOH B 2 .   ? 2.049   -16.232 -3.120  1.00 27.68 ? 247 HOH A O   1 
HETATM 1107 O O   . HOH B 2 .   ? -8.493  6.869   -8.147  1.00 21.36 ? 248 HOH A O   1 
HETATM 1108 O O   . HOH B 2 .   ? -3.260  11.503  14.748  1.00 25.54 ? 249 HOH A O   1 
HETATM 1109 O O   . HOH B 2 .   ? 3.490   -14.472 -8.312  1.00 24.78 ? 250 HOH A O   1 
HETATM 1110 O O   . HOH B 2 .   ? 17.118  -2.629  0.844   1.00 14.84 ? 251 HOH A O   1 
HETATM 1111 O O   . HOH B 2 .   ? -1.092  -4.929  16.390  1.00 17.92 ? 252 HOH A O   1 
HETATM 1112 O O   . HOH B 2 .   ? -3.565  15.830  -0.185  1.00 22.84 ? 253 HOH A O   1 
HETATM 1113 O O   . HOH B 2 .   ? 0.831   -15.817 -7.916  1.00 17.92 ? 254 HOH A O   1 
HETATM 1114 O O   . HOH B 2 .   ? -8.956  4.075   2.026   1.00 20.20 ? 255 HOH A O   1 
HETATM 1115 O O   . HOH B 2 .   ? -7.083  -15.013 -16.924 1.00 27.28 ? 256 HOH A O   1 
HETATM 1116 O O   . HOH B 2 .   ? 9.251   -12.829 3.072   1.00 27.56 ? 257 HOH A O   1 
HETATM 1117 O O   . HOH B 2 .   ? 3.863   18.625  -5.528  1.00 28.18 ? 258 HOH A O   1 
HETATM 1118 O O   . HOH B 2 .   ? 3.864   -12.329 3.842   1.00 25.51 ? 259 HOH A O   1 
HETATM 1119 O O   . HOH B 2 .   ? -10.150 1.961   3.371   1.00 19.21 ? 260 HOH A O   1 
HETATM 1120 O O   . HOH B 2 .   ? 3.799   -6.543  -18.014 1.00 30.45 ? 261 HOH A O   1 
HETATM 1121 O O   . HOH B 2 .   ? -15.471 -4.326  0.506   1.00 20.27 ? 262 HOH A O   1 
HETATM 1122 O O   . HOH B 2 .   ? -13.218 1.196   8.541   1.00 40.88 ? 263 HOH A O   1 
HETATM 1123 O O   . HOH B 2 .   ? -12.623 -12.215 8.949   1.00 25.98 ? 264 HOH A O   1 
HETATM 1124 O O   . HOH B 2 .   ? 0.532   -15.839 -11.014 1.00 27.35 ? 265 HOH A O   1 
HETATM 1125 O O   . HOH B 2 .   ? 9.107   -15.656 -2.591  1.00 25.95 ? 266 HOH A O   1 
HETATM 1126 O O   . HOH B 2 .   ? -10.175 -0.572  12.397  1.00 31.78 ? 267 HOH A O   1 
HETATM 1127 O O   . HOH B 2 .   ? -12.980 -2.177  -4.007  1.00 28.06 ? 268 HOH A O   1 
HETATM 1128 O O   . HOH B 2 .   ? 4.582   -3.420  -20.204 1.00 37.44 ? 269 HOH A O   1 
HETATM 1129 O O   . HOH B 2 .   ? -1.523  13.384  -6.702  1.00 33.94 ? 270 HOH A O   1 
HETATM 1130 O O   . HOH B 2 .   ? 14.008  -6.742  -12.112 1.00 27.63 ? 271 HOH A O   1 
HETATM 1131 O O   . HOH B 2 .   ? -11.509 -4.438  -3.863  1.00 27.09 ? 272 HOH A O   1 
HETATM 1132 O O   . HOH B 2 .   ? -5.018  -6.351  15.566  1.00 21.02 ? 273 HOH A O   1 
HETATM 1133 O O   . HOH B 2 .   ? 13.222  -2.448  2.954   1.00 23.24 ? 274 HOH A O   1 
HETATM 1134 O O   . HOH B 2 .   ? -14.800 -3.315  2.956   1.00 26.69 ? 275 HOH A O   1 
HETATM 1135 O O   . HOH B 2 .   ? 11.125  2.112   -6.964  1.00 24.07 ? 276 HOH A O   1 
HETATM 1136 O O   . HOH B 2 .   ? -8.167  2.135   -1.934  1.00 27.38 ? 277 HOH A O   1 
HETATM 1137 O O   . HOH B 2 .   ? -1.026  10.809  -7.596  1.00 37.25 ? 278 HOH A O   1 
HETATM 1138 O O   . HOH B 2 .   ? -8.691  6.134   14.922  1.00 26.25 ? 279 HOH A O   1 
HETATM 1139 O O   . HOH B 2 .   ? 8.250   3.973   -10.089 1.00 22.64 ? 280 HOH A O   1 
HETATM 1140 O O   . HOH B 2 .   ? 3.209   -6.161  9.674   1.00 5.30  ? 281 HOH A O   1 
HETATM 1141 O O   . HOH B 2 .   ? 3.007   -3.182  11.548  1.00 11.18 ? 282 HOH A O   1 
HETATM 1142 O O   . HOH B 2 .   ? 9.788   -1.263  5.934   1.00 16.79 ? 283 HOH A O   1 
HETATM 1143 O O   . HOH B 2 .   ? 1.527   -13.972 -18.066 1.00 24.90 ? 284 HOH A O   1 
HETATM 1144 O O   . HOH B 2 .   ? -1.840  -1.692  13.813  1.00 31.53 ? 285 HOH A O   1 
HETATM 1145 O O   . HOH B 2 .   ? 1.256   -1.226  15.459  1.00 23.20 ? 286 HOH A O   1 
HETATM 1146 O O   . HOH B 2 .   ? 2.830   -1.238  13.309  1.00 29.76 ? 287 HOH A O   1 
HETATM 1147 O O   . HOH B 2 .   ? -13.919 -0.522  2.760   1.00 21.68 ? 288 HOH A O   1 
HETATM 1148 O O   . HOH B 2 .   ? 6.200   10.423  11.613  1.00 38.68 ? 289 HOH A O   1 
HETATM 1149 O O   . HOH B 2 .   ? 7.813   10.105  7.181   1.00 38.14 ? 290 HOH A O   1 
HETATM 1150 O O   . HOH B 2 .   ? 3.573   -14.587 -5.629  1.00 23.63 ? 291 HOH A O   1 
HETATM 1151 O O   . HOH B 2 .   ? 6.643   14.564  1.164   1.00 24.48 ? 292 HOH A O   1 
HETATM 1152 O O   . HOH B 2 .   ? 5.259   16.624  -6.296  1.00 26.59 ? 293 HOH A O   1 
HETATM 1153 O O   . HOH B 2 .   ? -7.611  14.180  -5.601  1.00 26.03 ? 294 HOH A O   1 
HETATM 1154 O O   . HOH B 2 .   ? 2.012   -12.961 -14.062 1.00 28.49 ? 295 HOH A O   1 
HETATM 1155 O O   . HOH B 2 .   ? 0.050   -6.385  -17.807 1.00 22.11 ? 296 HOH A O   1 
HETATM 1156 O O   . HOH B 2 .   ? -2.745  -5.906  -18.290 1.00 20.48 ? 297 HOH A O   1 
HETATM 1157 O O   . HOH B 2 .   ? 1.050   -4.401  -19.144 1.00 33.34 ? 298 HOH A O   1 
HETATM 1158 O O   . HOH B 2 .   ? 11.049  9.814   4.976   1.00 29.27 ? 299 HOH A O   1 
HETATM 1159 O O   . HOH B 2 .   ? 9.246   -13.397 -6.084  1.00 34.29 ? 300 HOH A O   1 
HETATM 1160 O O   . HOH B 2 .   ? 9.579   -9.554  -12.150 1.00 26.36 ? 301 HOH A O   1 
HETATM 1161 O O   . HOH B 2 .   ? -2.691  -16.826 -6.095  1.00 7.52  ? 302 HOH A O   1 
HETATM 1162 O O   . HOH B 2 .   ? -10.363 5.092   -5.642  1.00 43.75 ? 303 HOH A O   1 
HETATM 1163 O O   . HOH B 2 .   ? 1.315   10.425  -8.879  1.00 31.73 ? 304 HOH A O   1 
HETATM 1164 O O   . HOH B 2 .   ? 2.835   7.011   -10.041 1.00 29.49 ? 305 HOH A O   1 
HETATM 1165 O O   . HOH B 2 .   ? -8.520  4.326   -0.419  1.00 24.09 ? 306 HOH A O   1 
HETATM 1166 O O   . HOH B 2 .   ? -11.080 6.031   -0.698  1.00 30.17 ? 307 HOH A O   1 
HETATM 1167 O O   . HOH B 2 .   ? -12.457 4.857   2.527   1.00 33.59 ? 308 HOH A O   1 
HETATM 1168 O O   . HOH B 2 .   ? -13.637 3.165   4.286   1.00 32.15 ? 309 HOH A O   1 
HETATM 1169 O O   . HOH B 2 .   ? -15.435 1.793   2.865   1.00 34.13 ? 310 HOH A O   1 
HETATM 1170 O O   . HOH B 2 .   ? 12.060  4.512   -6.729  1.00 29.86 ? 311 HOH A O   1 
HETATM 1171 O O   . HOH B 2 .   ? 10.650  6.299   -7.688  1.00 23.70 ? 312 HOH A O   1 
HETATM 1172 O O   . HOH B 2 .   ? 6.090   -9.923  6.488   1.00 25.90 ? 313 HOH A O   1 
HETATM 1173 O O   . HOH B 2 .   ? 4.084   -11.561 7.633   1.00 32.62 ? 314 HOH A O   1 
HETATM 1174 O O   . HOH B 2 .   ? 8.658   -4.637  7.758   1.00 25.71 ? 315 HOH A O   1 
HETATM 1175 O O   . HOH B 2 .   ? 11.022  -5.715  6.587   1.00 30.79 ? 316 HOH A O   1 
HETATM 1176 O O   . HOH B 2 .   ? 0.746   15.769  4.733   1.00 17.27 ? 317 HOH A O   1 
HETATM 1177 O O   . HOH B 2 .   ? -7.674  14.727  4.621   1.00 10.62 ? 318 HOH A O   1 
HETATM 1178 O O   . HOH B 2 .   ? -8.222  17.404  3.466   1.00 12.91 ? 319 HOH A O   1 
HETATM 1179 O O   . HOH B 2 .   ? -7.518  19.224  6.890   1.00 10.65 ? 320 HOH A O   1 
HETATM 1180 O O   . HOH B 2 .   ? -2.784  9.697   16.391  1.00 33.30 ? 321 HOH A O   1 
HETATM 1181 O O   . HOH B 2 .   ? -5.467  6.381   16.097  1.00 45.26 ? 322 HOH A O   1 
HETATM 1182 O O   . HOH B 2 .   ? -1.595  -17.338 5.967   1.00 25.94 ? 323 HOH A O   1 
HETATM 1183 O O   . HOH B 2 .   ? -2.679  -16.470 8.038   1.00 33.75 ? 324 HOH A O   1 
HETATM 1184 O O   . HOH B 2 .   ? 0.804   -16.713 2.095   1.00 24.23 ? 325 HOH A O   1 
HETATM 1185 O O   . HOH B 2 .   ? 7.496   0.211   11.847  1.00 32.74 ? 326 HOH A O   1 
HETATM 1186 O O   . HOH B 2 .   ? -8.400  -1.339  14.182  1.00 30.01 ? 327 HOH A O   1 
HETATM 1187 O O   . HOH B 2 .   ? 1.535   16.387  -8.036  1.00 21.71 ? 328 HOH A O   1 
HETATM 1188 O O   . HOH B 2 .   ? -6.134  16.790  0.944   1.00 23.19 ? 329 HOH A O   1 
HETATM 1189 O O   . HOH B 2 .   ? -1.863  17.594  1.166   1.00 29.65 ? 330 HOH A O   1 
HETATM 1190 O O   . HOH B 2 .   ? 0.048   17.481  2.827   1.00 33.77 ? 331 HOH A O   1 
HETATM 1191 O O   . HOH B 2 .   ? -11.362 7.223   2.037   1.00 19.16 ? 332 HOH A O   1 
HETATM 1192 O O   . HOH B 2 .   ? -3.587  1.027   -14.323 1.00 42.23 ? 333 HOH A O   1 
HETATM 1193 O O   . HOH B 2 .   ? 15.675  5.532   0.608   1.00 22.99 ? 334 HOH A O   1 
HETATM 1194 O O   . HOH B 2 .   ? 18.237  -0.702  -0.608  1.00 25.30 ? 335 HOH A O   1 
HETATM 1195 O O   . HOH B 2 .   ? 17.714  3.123   -1.132  1.00 24.62 ? 336 HOH A O   1 
HETATM 1196 O O   . HOH B 2 .   ? 12.316  -8.638  -9.163  1.00 12.43 ? 337 HOH A O   1 
HETATM 1197 O O   . HOH B 2 .   ? 9.278   13.819  5.391   1.00 40.33 ? 338 HOH A O   1 
HETATM 1198 O O   . HOH B 2 .   ? -13.070 -6.448  12.053  1.00 16.15 ? 339 HOH A O   1 
HETATM 1199 O O   . HOH B 2 .   ? -14.908 -7.714  10.550  1.00 20.77 ? 340 HOH A O   1 
HETATM 1200 O O   . HOH B 2 .   ? -14.598 -11.490 -1.884  1.00 18.12 ? 341 HOH A O   1 
HETATM 1201 O O   . HOH B 2 .   ? -15.368 -8.404  -1.089  1.00 23.01 ? 342 HOH A O   1 
HETATM 1202 O O   . HOH B 2 .   ? -15.191 -7.273  5.944   1.00 16.95 ? 343 HOH A O   1 
HETATM 1203 O O   . HOH B 2 .   ? -15.493 -4.489  5.055   1.00 31.56 ? 344 HOH A O   1 
HETATM 1204 O O   . HOH B 2 .   ? -15.852 -3.031  7.395   1.00 29.60 ? 345 HOH A O   1 
# 
loop_
_pdbx_poly_seq_scheme.asym_id 
_pdbx_poly_seq_scheme.entity_id 
_pdbx_poly_seq_scheme.seq_id 
_pdbx_poly_seq_scheme.mon_id 
_pdbx_poly_seq_scheme.ndb_seq_num 
_pdbx_poly_seq_scheme.pdb_seq_num 
_pdbx_poly_seq_scheme.auth_seq_num 
_pdbx_poly_seq_scheme.pdb_mon_id 
_pdbx_poly_seq_scheme.auth_mon_id 
_pdbx_poly_seq_scheme.pdb_strand_id 
_pdbx_poly_seq_scheme.pdb_ins_code 
_pdbx_poly_seq_scheme.hetero 
A 1 1   MET 1   2   ?   ?   ?   A . n 
A 1 2   ALA 2   3   ?   ?   ?   A . n 
A 1 3   HIS 3   4   ?   ?   ?   A . n 
A 1 4   HIS 4   5   ?   ?   ?   A . n 
A 1 5   HIS 5   6   ?   ?   ?   A . n 
A 1 6   HIS 6   7   ?   ?   ?   A . n 
A 1 7   HIS 7   8   ?   ?   ?   A . n 
A 1 8   HIS 8   9   ?   ?   ?   A . n 
A 1 9   MET 9   10  ?   ?   ?   A . n 
A 1 10  GLY 10  11  ?   ?   ?   A . n 
A 1 11  THR 11  12  ?   ?   ?   A . n 
A 1 12  LEU 12  13  ?   ?   ?   A . n 
A 1 13  GLU 13  14  ?   ?   ?   A . n 
A 1 14  ALA 14  15  ?   ?   ?   A . n 
A 1 15  GLN 15  16  ?   ?   ?   A . n 
A 1 16  THR 16  17  ?   ?   ?   A . n 
A 1 17  GLN 17  18  ?   ?   ?   A . n 
A 1 18  GLY 18  19  ?   ?   ?   A . n 
A 1 19  PRO 19  20  ?   ?   ?   A . n 
A 1 20  GLY 20  21  ?   ?   ?   A . n 
A 1 21  SER 21  22  22  SER SER A . n 
A 1 22  MET 22  23  23  MET MET A . n 
A 1 23  SER 23  24  24  SER SER A . n 
A 1 24  ASP 24  25  25  ASP ASP A . n 
A 1 25  ILE 25  26  26  ILE ILE A . n 
A 1 26  PRO 26  27  27  PRO PRO A . n 
A 1 27  SER 27  28  28  SER SER A . n 
A 1 28  ASP 28  29  29  ASP ASP A . n 
A 1 29  LEU 29  30  30  LEU LEU A . n 
A 1 30  HIS 30  31  31  HIS HIS A . n 
A 1 31  TYR 31  32  32  TYR TYR A . n 
A 1 32  THR 32  33  33  THR THR A . n 
A 1 33  ALA 33  34  34  ALA ALA A . n 
A 1 34  GLU 34  35  35  GLU GLU A . n 
A 1 35  HIS 35  36  36  HIS HIS A . n 
A 1 36  GLU 36  37  37  GLU GLU A . n 
A 1 37  TRP 37  38  38  TRP TRP A . n 
A 1 38  ILE 38  39  39  ILE ILE A . n 
A 1 39  ARG 39  40  40  ARG ARG A . n 
A 1 40  ARG 40  41  41  ARG ARG A . n 
A 1 41  SER 41  42  42  SER SER A . n 
A 1 42  GLY 42  43  43  GLY GLY A . n 
A 1 43  ASP 43  44  44  ASP ASP A . n 
A 1 44  ASP 44  45  45  ASP ASP A . n 
A 1 45  THR 45  46  46  THR THR A . n 
A 1 46  VAL 46  47  47  VAL VAL A . n 
A 1 47  ARG 47  48  48  ARG ARG A . n 
A 1 48  VAL 48  49  49  VAL VAL A . n 
A 1 49  GLY 49  50  50  GLY GLY A . n 
A 1 50  ILE 50  51  51  ILE ILE A . n 
A 1 51  THR 51  52  52  THR THR A . n 
A 1 52  ASP 52  53  53  ASP ASP A . n 
A 1 53  TYR 53  54  54  TYR TYR A . n 
A 1 54  ALA 54  55  55  ALA ALA A . n 
A 1 55  GLN 55  56  56  GLN GLN A . n 
A 1 56  SER 56  57  57  SER SER A . n 
A 1 57  ALA 57  58  58  ALA ALA A . n 
A 1 58  LEU 58  59  59  LEU LEU A . n 
A 1 59  GLY 59  60  60  GLY GLY A . n 
A 1 60  ASP 60  61  61  ASP ASP A . n 
A 1 61  VAL 61  62  62  VAL VAL A . n 
A 1 62  VAL 62  63  63  VAL VAL A . n 
A 1 63  PHE 63  64  64  PHE PHE A . n 
A 1 64  VAL 64  65  65  VAL VAL A . n 
A 1 65  GLN 65  66  66  GLN GLN A . n 
A 1 66  LEU 66  67  67  LEU LEU A . n 
A 1 67  PRO 67  68  68  PRO PRO A . n 
A 1 68  VAL 68  69  69  VAL VAL A . n 
A 1 69  ILE 69  70  70  ILE ILE A . n 
A 1 70  GLY 70  71  71  GLY GLY A . n 
A 1 71  THR 71  72  72  THR THR A . n 
A 1 72  ALA 72  73  73  ALA ALA A . n 
A 1 73  VAL 73  74  74  VAL VAL A . n 
A 1 74  THR 74  75  75  THR THR A . n 
A 1 75  ALA 75  76  76  ALA ALA A . n 
A 1 76  GLY 76  77  77  GLY GLY A . n 
A 1 77  GLU 77  78  78  GLU GLU A . n 
A 1 78  THR 78  79  79  THR THR A . n 
A 1 79  PHE 79  80  80  PHE PHE A . n 
A 1 80  GLY 80  81  81  GLY GLY A . n 
A 1 81  GLU 81  82  82  GLU GLU A . n 
A 1 82  VAL 82  83  83  VAL VAL A . n 
A 1 83  GLU 83  84  84  GLU GLU A . n 
A 1 84  SER 84  85  85  SER SER A . n 
A 1 85  THR 85  86  86  THR THR A . n 
A 1 86  LYS 86  87  87  LYS LYS A . n 
A 1 87  SER 87  88  88  SER SER A . n 
A 1 88  VAL 88  89  89  VAL VAL A . n 
A 1 89  SER 89  90  90  SER SER A . n 
A 1 90  ASP 90  91  91  ASP ASP A . n 
A 1 91  LEU 91  92  92  LEU LEU A . n 
A 1 92  TYR 92  93  93  TYR TYR A . n 
A 1 93  ALA 93  94  94  ALA ALA A . n 
A 1 94  PRO 94  95  95  PRO PRO A . n 
A 1 95  ILE 95  96  96  ILE ILE A . n 
A 1 96  SER 96  97  97  SER SER A . n 
A 1 97  GLY 97  98  98  GLY GLY A . n 
A 1 98  LYS 98  99  99  LYS LYS A . n 
A 1 99  VAL 99  100 100 VAL VAL A . n 
A 1 100 SER 100 101 101 SER SER A . n 
A 1 101 GLU 101 102 102 GLU GLU A . n 
A 1 102 VAL 102 103 103 VAL VAL A . n 
A 1 103 ASN 103 104 104 ASN ASN A . n 
A 1 104 SER 104 105 105 SER SER A . n 
A 1 105 ASP 105 106 106 ASP ASP A . n 
A 1 106 LEU 106 107 107 LEU LEU A . n 
A 1 107 ASP 107 108 108 ASP ASP A . n 
A 1 108 GLY 108 109 109 GLY GLY A . n 
A 1 109 THR 109 110 110 THR THR A . n 
A 1 110 PRO 110 111 111 PRO PRO A . n 
A 1 111 GLN 111 112 112 GLN GLN A . n 
A 1 112 LEU 112 113 113 LEU LEU A . n 
A 1 113 VAL 113 114 114 VAL VAL A . n 
A 1 114 ASN 114 115 115 ASN ASN A . n 
A 1 115 SER 115 116 116 SER SER A . n 
A 1 116 ASP 116 117 117 ASP ASP A . n 
A 1 117 PRO 117 118 118 PRO PRO A . n 
A 1 118 TYR 118 119 119 TYR TYR A . n 
A 1 119 GLY 119 120 120 GLY GLY A . n 
A 1 120 ALA 120 121 121 ALA ALA A . n 
A 1 121 GLY 121 122 122 GLY GLY A . n 
A 1 122 TRP 122 123 123 TRP TRP A . n 
A 1 123 LEU 123 124 124 LEU LEU A . n 
A 1 124 LEU 124 125 125 LEU LEU A . n 
A 1 125 ASP 125 126 126 ASP ASP A . n 
A 1 126 ILE 126 127 127 ILE ILE A . n 
A 1 127 GLN 127 128 128 GLN GLN A . n 
A 1 128 VAL 128 129 129 VAL VAL A . n 
A 1 129 ASP 129 130 130 ASP ASP A . n 
A 1 130 SER 130 131 131 SER SER A . n 
A 1 131 SER 131 132 132 SER SER A . n 
A 1 132 ASP 132 133 133 ASP ASP A . n 
A 1 133 VAL 133 134 134 VAL VAL A . n 
A 1 134 ALA 134 135 135 ALA ALA A . n 
A 1 135 ALA 135 136 136 ALA ALA A . n 
A 1 136 LEU 136 137 137 LEU LEU A . n 
A 1 137 GLU 137 138 138 GLU GLU A . n 
A 1 138 SER 138 139 139 SER SER A . n 
A 1 139 ALA 139 140 140 ALA ALA A . n 
A 1 140 LEU 140 141 141 LEU LEU A . n 
A 1 141 THR 141 142 142 THR THR A . n 
A 1 142 THR 142 143 143 THR THR A . n 
A 1 143 LEU 143 144 144 LEU LEU A . n 
A 1 144 LEU 144 145 145 LEU LEU A . n 
A 1 145 ASP 145 146 146 ASP ASP A . n 
A 1 146 ALA 146 147 147 ALA ALA A . n 
A 1 147 GLU 147 148 148 GLU GLU A . n 
A 1 148 ALA 148 149 149 ALA ALA A . n 
A 1 149 TYR 149 150 150 TYR TYR A . n 
A 1 150 ARG 150 151 151 ARG ARG A . n 
A 1 151 GLY 151 152 152 GLY GLY A . n 
A 1 152 THR 152 153 153 THR THR A . n 
A 1 153 LEU 153 154 154 LEU LEU A . n 
A 1 154 THR 154 155 155 THR THR A . n 
A 1 155 GLU 155 156 ?   ?   ?   A . n 
# 
_pdbx_SG_project.id                    1 
_pdbx_SG_project.project_name          ? 
_pdbx_SG_project.full_name_of_center   'Seattle Structural Genomics Center for Infectious Disease' 
_pdbx_SG_project.initial_of_center     SSGCID 
# 
loop_
_pdbx_nonpoly_scheme.asym_id 
_pdbx_nonpoly_scheme.entity_id 
_pdbx_nonpoly_scheme.mon_id 
_pdbx_nonpoly_scheme.ndb_seq_num 
_pdbx_nonpoly_scheme.pdb_seq_num 
_pdbx_nonpoly_scheme.auth_seq_num 
_pdbx_nonpoly_scheme.pdb_mon_id 
_pdbx_nonpoly_scheme.auth_mon_id 
_pdbx_nonpoly_scheme.pdb_strand_id 
_pdbx_nonpoly_scheme.pdb_ins_code 
B 2 HOH 1   1   1   HOH HOH A . 
B 2 HOH 2   157 157 HOH HOH A . 
B 2 HOH 3   158 158 HOH HOH A . 
B 2 HOH 4   159 159 HOH HOH A . 
B 2 HOH 5   160 160 HOH HOH A . 
B 2 HOH 6   161 161 HOH HOH A . 
B 2 HOH 7   162 162 HOH HOH A . 
B 2 HOH 8   163 163 HOH HOH A . 
B 2 HOH 9   164 164 HOH HOH A . 
B 2 HOH 10  165 165 HOH HOH A . 
B 2 HOH 11  166 166 HOH HOH A . 
B 2 HOH 12  167 167 HOH HOH A . 
B 2 HOH 13  168 168 HOH HOH A . 
B 2 HOH 14  169 169 HOH HOH A . 
B 2 HOH 15  170 170 HOH HOH A . 
B 2 HOH 16  171 171 HOH HOH A . 
B 2 HOH 17  172 172 HOH HOH A . 
B 2 HOH 18  173 173 HOH HOH A . 
B 2 HOH 19  174 174 HOH HOH A . 
B 2 HOH 20  175 175 HOH HOH A . 
B 2 HOH 21  176 176 HOH HOH A . 
B 2 HOH 22  177 177 HOH HOH A . 
B 2 HOH 23  178 178 HOH HOH A . 
B 2 HOH 24  179 179 HOH HOH A . 
B 2 HOH 25  180 180 HOH HOH A . 
B 2 HOH 26  181 181 HOH HOH A . 
B 2 HOH 27  182 182 HOH HOH A . 
B 2 HOH 28  183 183 HOH HOH A . 
B 2 HOH 29  184 184 HOH HOH A . 
B 2 HOH 30  185 185 HOH HOH A . 
B 2 HOH 31  186 186 HOH HOH A . 
B 2 HOH 32  187 187 HOH HOH A . 
B 2 HOH 33  188 188 HOH HOH A . 
B 2 HOH 34  189 189 HOH HOH A . 
B 2 HOH 35  190 190 HOH HOH A . 
B 2 HOH 36  191 2   HOH HOH A . 
B 2 HOH 37  192 3   HOH HOH A . 
B 2 HOH 38  193 4   HOH HOH A . 
B 2 HOH 39  194 5   HOH HOH A . 
B 2 HOH 40  195 6   HOH HOH A . 
B 2 HOH 41  196 7   HOH HOH A . 
B 2 HOH 42  197 8   HOH HOH A . 
B 2 HOH 43  198 9   HOH HOH A . 
B 2 HOH 44  199 10  HOH HOH A . 
B 2 HOH 45  200 11  HOH HOH A . 
B 2 HOH 46  201 12  HOH HOH A . 
B 2 HOH 47  202 13  HOH HOH A . 
B 2 HOH 48  203 14  HOH HOH A . 
B 2 HOH 49  204 15  HOH HOH A . 
B 2 HOH 50  205 16  HOH HOH A . 
B 2 HOH 51  206 17  HOH HOH A . 
B 2 HOH 52  207 18  HOH HOH A . 
B 2 HOH 53  208 19  HOH HOH A . 
B 2 HOH 54  209 20  HOH HOH A . 
B 2 HOH 55  210 21  HOH HOH A . 
B 2 HOH 56  211 22  HOH HOH A . 
B 2 HOH 57  212 23  HOH HOH A . 
B 2 HOH 58  213 24  HOH HOH A . 
B 2 HOH 59  214 25  HOH HOH A . 
B 2 HOH 60  215 26  HOH HOH A . 
B 2 HOH 61  216 27  HOH HOH A . 
B 2 HOH 62  217 28  HOH HOH A . 
B 2 HOH 63  218 29  HOH HOH A . 
B 2 HOH 64  219 30  HOH HOH A . 
B 2 HOH 65  220 31  HOH HOH A . 
B 2 HOH 66  221 32  HOH HOH A . 
B 2 HOH 67  222 33  HOH HOH A . 
B 2 HOH 68  223 34  HOH HOH A . 
B 2 HOH 69  224 35  HOH HOH A . 
B 2 HOH 70  225 36  HOH HOH A . 
B 2 HOH 71  226 37  HOH HOH A . 
B 2 HOH 72  227 38  HOH HOH A . 
B 2 HOH 73  228 39  HOH HOH A . 
B 2 HOH 74  229 40  HOH HOH A . 
B 2 HOH 75  230 41  HOH HOH A . 
B 2 HOH 76  231 42  HOH HOH A . 
B 2 HOH 77  232 43  HOH HOH A . 
B 2 HOH 78  233 44  HOH HOH A . 
B 2 HOH 79  234 45  HOH HOH A . 
B 2 HOH 80  235 46  HOH HOH A . 
B 2 HOH 81  236 47  HOH HOH A . 
B 2 HOH 82  237 48  HOH HOH A . 
B 2 HOH 83  238 49  HOH HOH A . 
B 2 HOH 84  239 50  HOH HOH A . 
B 2 HOH 85  240 51  HOH HOH A . 
B 2 HOH 86  241 52  HOH HOH A . 
B 2 HOH 87  242 53  HOH HOH A . 
B 2 HOH 88  243 54  HOH HOH A . 
B 2 HOH 89  244 55  HOH HOH A . 
B 2 HOH 90  245 56  HOH HOH A . 
B 2 HOH 91  246 57  HOH HOH A . 
B 2 HOH 92  247 58  HOH HOH A . 
B 2 HOH 93  248 59  HOH HOH A . 
B 2 HOH 94  249 60  HOH HOH A . 
B 2 HOH 95  250 61  HOH HOH A . 
B 2 HOH 96  251 62  HOH HOH A . 
B 2 HOH 97  252 63  HOH HOH A . 
B 2 HOH 98  253 64  HOH HOH A . 
B 2 HOH 99  254 65  HOH HOH A . 
B 2 HOH 100 255 66  HOH HOH A . 
B 2 HOH 101 256 67  HOH HOH A . 
B 2 HOH 102 257 68  HOH HOH A . 
B 2 HOH 103 258 69  HOH HOH A . 
B 2 HOH 104 259 70  HOH HOH A . 
B 2 HOH 105 260 71  HOH HOH A . 
B 2 HOH 106 261 72  HOH HOH A . 
B 2 HOH 107 262 73  HOH HOH A . 
B 2 HOH 108 263 74  HOH HOH A . 
B 2 HOH 109 264 75  HOH HOH A . 
B 2 HOH 110 265 76  HOH HOH A . 
B 2 HOH 111 266 77  HOH HOH A . 
B 2 HOH 112 267 78  HOH HOH A . 
B 2 HOH 113 268 79  HOH HOH A . 
B 2 HOH 114 269 80  HOH HOH A . 
B 2 HOH 115 270 81  HOH HOH A . 
B 2 HOH 116 271 82  HOH HOH A . 
B 2 HOH 117 272 83  HOH HOH A . 
B 2 HOH 118 273 84  HOH HOH A . 
B 2 HOH 119 274 85  HOH HOH A . 
B 2 HOH 120 275 86  HOH HOH A . 
B 2 HOH 121 276 87  HOH HOH A . 
B 2 HOH 122 277 88  HOH HOH A . 
B 2 HOH 123 278 89  HOH HOH A . 
B 2 HOH 124 279 90  HOH HOH A . 
B 2 HOH 125 280 91  HOH HOH A . 
B 2 HOH 126 281 92  HOH HOH A . 
B 2 HOH 127 282 93  HOH HOH A . 
B 2 HOH 128 283 94  HOH HOH A . 
B 2 HOH 129 284 95  HOH HOH A . 
B 2 HOH 130 285 96  HOH HOH A . 
B 2 HOH 131 286 97  HOH HOH A . 
B 2 HOH 132 287 98  HOH HOH A . 
B 2 HOH 133 288 99  HOH HOH A . 
B 2 HOH 134 289 100 HOH HOH A . 
B 2 HOH 135 290 101 HOH HOH A . 
B 2 HOH 136 291 102 HOH HOH A . 
B 2 HOH 137 292 103 HOH HOH A . 
B 2 HOH 138 293 104 HOH HOH A . 
B 2 HOH 139 294 105 HOH HOH A . 
B 2 HOH 140 295 106 HOH HOH A . 
B 2 HOH 141 296 107 HOH HOH A . 
B 2 HOH 142 297 108 HOH HOH A . 
B 2 HOH 143 298 109 HOH HOH A . 
B 2 HOH 144 299 110 HOH HOH A . 
B 2 HOH 145 300 111 HOH HOH A . 
B 2 HOH 146 301 112 HOH HOH A . 
B 2 HOH 147 302 113 HOH HOH A . 
B 2 HOH 148 303 114 HOH HOH A . 
B 2 HOH 149 304 115 HOH HOH A . 
B 2 HOH 150 305 116 HOH HOH A . 
B 2 HOH 151 306 117 HOH HOH A . 
B 2 HOH 152 307 118 HOH HOH A . 
B 2 HOH 153 308 119 HOH HOH A . 
B 2 HOH 154 309 120 HOH HOH A . 
B 2 HOH 155 310 121 HOH HOH A . 
B 2 HOH 156 311 122 HOH HOH A . 
B 2 HOH 157 312 123 HOH HOH A . 
B 2 HOH 158 313 124 HOH HOH A . 
B 2 HOH 159 314 125 HOH HOH A . 
B 2 HOH 160 315 126 HOH HOH A . 
B 2 HOH 161 316 127 HOH HOH A . 
B 2 HOH 162 317 128 HOH HOH A . 
B 2 HOH 163 318 129 HOH HOH A . 
B 2 HOH 164 319 130 HOH HOH A . 
B 2 HOH 165 320 131 HOH HOH A . 
B 2 HOH 166 321 132 HOH HOH A . 
B 2 HOH 167 322 133 HOH HOH A . 
B 2 HOH 168 323 134 HOH HOH A . 
B 2 HOH 169 324 135 HOH HOH A . 
B 2 HOH 170 325 136 HOH HOH A . 
B 2 HOH 171 326 137 HOH HOH A . 
B 2 HOH 172 327 138 HOH HOH A . 
B 2 HOH 173 328 139 HOH HOH A . 
B 2 HOH 174 329 140 HOH HOH A . 
B 2 HOH 175 330 141 HOH HOH A . 
B 2 HOH 176 331 142 HOH HOH A . 
B 2 HOH 177 332 143 HOH HOH A . 
B 2 HOH 178 333 144 HOH HOH A . 
B 2 HOH 179 334 145 HOH HOH A . 
B 2 HOH 180 335 146 HOH HOH A . 
B 2 HOH 181 336 147 HOH HOH A . 
B 2 HOH 182 337 148 HOH HOH A . 
B 2 HOH 183 338 149 HOH HOH A . 
B 2 HOH 184 339 150 HOH HOH A . 
B 2 HOH 185 340 151 HOH HOH A . 
B 2 HOH 186 341 152 HOH HOH A . 
B 2 HOH 187 342 153 HOH HOH A . 
B 2 HOH 188 343 154 HOH HOH A . 
B 2 HOH 189 344 155 HOH HOH A . 
B 2 HOH 190 345 156 HOH HOH A . 
# 
_pdbx_struct_assembly.id                   1 
_pdbx_struct_assembly.details              author_and_software_defined_assembly 
_pdbx_struct_assembly.method_details       PISA 
_pdbx_struct_assembly.oligomeric_details   monomeric 
_pdbx_struct_assembly.oligomeric_count     1 
# 
_pdbx_struct_assembly_gen.assembly_id       1 
_pdbx_struct_assembly_gen.oper_expression   1 
_pdbx_struct_assembly_gen.asym_id_list      A,B 
# 
_pdbx_struct_oper_list.id                   1 
_pdbx_struct_oper_list.type                 'identity operation' 
_pdbx_struct_oper_list.name                 1_555 
_pdbx_struct_oper_list.symmetry_operation   x,y,z 
_pdbx_struct_oper_list.matrix[1][1]         1.0000000000 
_pdbx_struct_oper_list.matrix[1][2]         0.0000000000 
_pdbx_struct_oper_list.matrix[1][3]         0.0000000000 
_pdbx_struct_oper_list.vector[1]            0.0000000000 
_pdbx_struct_oper_list.matrix[2][1]         0.0000000000 
_pdbx_struct_oper_list.matrix[2][2]         1.0000000000 
_pdbx_struct_oper_list.matrix[2][3]         0.0000000000 
_pdbx_struct_oper_list.vector[2]            0.0000000000 
_pdbx_struct_oper_list.matrix[3][1]         0.0000000000 
_pdbx_struct_oper_list.matrix[3][2]         0.0000000000 
_pdbx_struct_oper_list.matrix[3][3]         1.0000000000 
_pdbx_struct_oper_list.vector[3]            0.0000000000 
# 
loop_
_pdbx_audit_revision_history.ordinal 
_pdbx_audit_revision_history.data_content_type 
_pdbx_audit_revision_history.major_revision 
_pdbx_audit_revision_history.minor_revision 
_pdbx_audit_revision_history.revision_date 
1 'Structure model' 1 0 2009-05-26 
2 'Structure model' 1 1 2011-07-13 
3 'Structure model' 1 2 2015-04-22 
4 'Structure model' 1 3 2023-09-06 
# 
_pdbx_audit_revision_details.ordinal             1 
_pdbx_audit_revision_details.revision_ordinal    1 
_pdbx_audit_revision_details.data_content_type   'Structure model' 
_pdbx_audit_revision_details.provider            repository 
_pdbx_audit_revision_details.type                'Initial release' 
_pdbx_audit_revision_details.description         ? 
_pdbx_audit_revision_details.details             ? 
# 
loop_
_pdbx_audit_revision_group.ordinal 
_pdbx_audit_revision_group.revision_ordinal 
_pdbx_audit_revision_group.data_content_type 
_pdbx_audit_revision_group.group 
1 2 'Structure model' 'Version format compliance' 
2 3 'Structure model' 'Database references'       
3 4 'Structure model' 'Data collection'           
4 4 'Structure model' 'Database references'       
5 4 'Structure model' 'Refinement description'    
# 
loop_
_pdbx_audit_revision_category.ordinal 
_pdbx_audit_revision_category.revision_ordinal 
_pdbx_audit_revision_category.data_content_type 
_pdbx_audit_revision_category.category 
1 4 'Structure model' chem_comp_atom                
2 4 'Structure model' chem_comp_bond                
3 4 'Structure model' database_2                    
4 4 'Structure model' pdbx_initial_refinement_model 
5 4 'Structure model' struct_ref_seq_dif            
# 
loop_
_pdbx_audit_revision_item.ordinal 
_pdbx_audit_revision_item.revision_ordinal 
_pdbx_audit_revision_item.data_content_type 
_pdbx_audit_revision_item.item 
1 4 'Structure model' '_database_2.pdbx_DOI'                
2 4 'Structure model' '_database_2.pdbx_database_accession' 
3 4 'Structure model' '_struct_ref_seq_dif.details'         
# 
_pdbx_phasing_MR.entry_id                     3HGB 
_pdbx_phasing_MR.method_rotation              ? 
_pdbx_phasing_MR.method_translation           ? 
_pdbx_phasing_MR.model_details                ? 
_pdbx_phasing_MR.R_factor                     ? 
_pdbx_phasing_MR.R_rigid_body                 ? 
_pdbx_phasing_MR.correlation_coeff_Fo_to_Fc   ? 
_pdbx_phasing_MR.correlation_coeff_Io_to_Ic   ? 
_pdbx_phasing_MR.d_res_high_rotation          1.850 
_pdbx_phasing_MR.d_res_low_rotation           26.040 
_pdbx_phasing_MR.d_res_high_translation       1.850 
_pdbx_phasing_MR.d_res_low_translation        26.040 
_pdbx_phasing_MR.packing                      ? 
_pdbx_phasing_MR.reflns_percent_rotation      ? 
_pdbx_phasing_MR.reflns_percent_translation   ? 
_pdbx_phasing_MR.sigma_F_rotation             ? 
_pdbx_phasing_MR.sigma_F_translation          ? 
_pdbx_phasing_MR.sigma_I_rotation             ? 
_pdbx_phasing_MR.sigma_I_translation          ? 
# 
_phasing.method   MR 
# 
loop_
_software.pdbx_ordinal 
_software.name 
_software.version 
_software.date 
_software.type 
_software.contact_author 
_software.contact_author_email 
_software.classification 
_software.location 
_software.language 
_software.citation_id 
1 XSCALE      .     ?               package 'Wolfgang Kabsch'    ?                      'data scaling'    
http://www.mpimf-heidelberg.mpg.de/~kabsch/xds/html_doc/xscale_program.html ?          ? 
2 MOLREP      .     ?               program 'Alexei Vaguine'     alexei@ysbl.york.ac.uk phasing           
http://www.ccp4.ac.uk/dist/html/molrep.html                                 Fortran_77 ? 
3 REFMAC      .     ?               program 'Garib N. Murshudov' garib@ysbl.york.ac.uk  refinement        
http://www.ccp4.ac.uk/dist/html/refmac5.html                                Fortran_77 ? 
4 PDB_EXTRACT 3.005 'June 11, 2008' package PDB                  help@deposit.rcsb.org  'data extraction' 
http://sw-tools.pdb.org/apps/PDB_EXTRACT/                                   C++        ? 
5 XDS         .     ?               ?       ?                    ?                      'data reduction'  ? ?          ? 
# 
_pdbx_validate_close_contact.id               1 
_pdbx_validate_close_contact.PDB_model_num    1 
_pdbx_validate_close_contact.auth_atom_id_1   O 
_pdbx_validate_close_contact.auth_asym_id_1   A 
_pdbx_validate_close_contact.auth_comp_id_1   HOH 
_pdbx_validate_close_contact.auth_seq_id_1    226 
_pdbx_validate_close_contact.PDB_ins_code_1   ? 
_pdbx_validate_close_contact.label_alt_id_1   ? 
_pdbx_validate_close_contact.auth_atom_id_2   O 
_pdbx_validate_close_contact.auth_asym_id_2   A 
_pdbx_validate_close_contact.auth_comp_id_2   HOH 
_pdbx_validate_close_contact.auth_seq_id_2    335 
_pdbx_validate_close_contact.PDB_ins_code_2   ? 
_pdbx_validate_close_contact.label_alt_id_2   ? 
_pdbx_validate_close_contact.dist             2.18 
# 
loop_
_pdbx_validate_torsion.id 
_pdbx_validate_torsion.PDB_model_num 
_pdbx_validate_torsion.auth_comp_id 
_pdbx_validate_torsion.auth_asym_id 
_pdbx_validate_torsion.auth_seq_id 
_pdbx_validate_torsion.PDB_ins_code 
_pdbx_validate_torsion.label_alt_id 
_pdbx_validate_torsion.phi 
_pdbx_validate_torsion.psi 
1 1 ASP A 117 ? ? -151.41 62.85  
2 1 SER A 131 ? ? -48.24  -14.63 
# 
loop_
_pdbx_unobs_or_zero_occ_atoms.id 
_pdbx_unobs_or_zero_occ_atoms.PDB_model_num 
_pdbx_unobs_or_zero_occ_atoms.polymer_flag 
_pdbx_unobs_or_zero_occ_atoms.occupancy_flag 
_pdbx_unobs_or_zero_occ_atoms.auth_asym_id 
_pdbx_unobs_or_zero_occ_atoms.auth_comp_id 
_pdbx_unobs_or_zero_occ_atoms.auth_seq_id 
_pdbx_unobs_or_zero_occ_atoms.PDB_ins_code 
_pdbx_unobs_or_zero_occ_atoms.auth_atom_id 
_pdbx_unobs_or_zero_occ_atoms.label_alt_id 
_pdbx_unobs_or_zero_occ_atoms.label_asym_id 
_pdbx_unobs_or_zero_occ_atoms.label_comp_id 
_pdbx_unobs_or_zero_occ_atoms.label_seq_id 
_pdbx_unobs_or_zero_occ_atoms.label_atom_id 
1  1 Y 1 A MET 23  ? CG  ? A MET 22  CG  
2  1 Y 1 A MET 23  ? SD  ? A MET 22  SD  
3  1 Y 1 A MET 23  ? CE  ? A MET 22  CE  
4  1 Y 1 A LYS 99  ? CG  ? A LYS 98  CG  
5  1 Y 1 A LYS 99  ? CD  ? A LYS 98  CD  
6  1 Y 1 A LYS 99  ? CE  ? A LYS 98  CE  
7  1 Y 1 A LYS 99  ? NZ  ? A LYS 98  NZ  
8  1 Y 1 A GLU 138 ? CG  ? A GLU 137 CG  
9  1 Y 1 A GLU 138 ? CD  ? A GLU 137 CD  
10 1 Y 1 A GLU 138 ? OE1 ? A GLU 137 OE1 
11 1 Y 1 A GLU 138 ? OE2 ? A GLU 137 OE2 
# 
loop_
_pdbx_unobs_or_zero_occ_residues.id 
_pdbx_unobs_or_zero_occ_residues.PDB_model_num 
_pdbx_unobs_or_zero_occ_residues.polymer_flag 
_pdbx_unobs_or_zero_occ_residues.occupancy_flag 
_pdbx_unobs_or_zero_occ_residues.auth_asym_id 
_pdbx_unobs_or_zero_occ_residues.auth_comp_id 
_pdbx_unobs_or_zero_occ_residues.auth_seq_id 
_pdbx_unobs_or_zero_occ_residues.PDB_ins_code 
_pdbx_unobs_or_zero_occ_residues.label_asym_id 
_pdbx_unobs_or_zero_occ_residues.label_comp_id 
_pdbx_unobs_or_zero_occ_residues.label_seq_id 
1  1 Y 1 A MET 2   ? A MET 1   
2  1 Y 1 A ALA 3   ? A ALA 2   
3  1 Y 1 A HIS 4   ? A HIS 3   
4  1 Y 1 A HIS 5   ? A HIS 4   
5  1 Y 1 A HIS 6   ? A HIS 5   
6  1 Y 1 A HIS 7   ? A HIS 6   
7  1 Y 1 A HIS 8   ? A HIS 7   
8  1 Y 1 A HIS 9   ? A HIS 8   
9  1 Y 1 A MET 10  ? A MET 9   
10 1 Y 1 A GLY 11  ? A GLY 10  
11 1 Y 1 A THR 12  ? A THR 11  
12 1 Y 1 A LEU 13  ? A LEU 12  
13 1 Y 1 A GLU 14  ? A GLU 13  
14 1 Y 1 A ALA 15  ? A ALA 14  
15 1 Y 1 A GLN 16  ? A GLN 15  
16 1 Y 1 A THR 17  ? A THR 16  
17 1 Y 1 A GLN 18  ? A GLN 17  
18 1 Y 1 A GLY 19  ? A GLY 18  
19 1 Y 1 A PRO 20  ? A PRO 19  
20 1 Y 1 A GLY 21  ? A GLY 20  
21 1 Y 1 A GLU 156 ? A GLU 155 
# 
loop_
_chem_comp_atom.comp_id 
_chem_comp_atom.atom_id 
_chem_comp_atom.type_symbol 
_chem_comp_atom.pdbx_aromatic_flag 
_chem_comp_atom.pdbx_stereo_config 
_chem_comp_atom.pdbx_ordinal 
ALA N    N N N 1   
ALA CA   C N S 2   
ALA C    C N N 3   
ALA O    O N N 4   
ALA CB   C N N 5   
ALA OXT  O N N 6   
ALA H    H N N 7   
ALA H2   H N N 8   
ALA HA   H N N 9   
ALA HB1  H N N 10  
ALA HB2  H N N 11  
ALA HB3  H N N 12  
ALA HXT  H N N 13  
ARG N    N N N 14  
ARG CA   C N S 15  
ARG C    C N N 16  
ARG O    O N N 17  
ARG CB   C N N 18  
ARG CG   C N N 19  
ARG CD   C N N 20  
ARG NE   N N N 21  
ARG CZ   C N N 22  
ARG NH1  N N N 23  
ARG NH2  N N N 24  
ARG OXT  O N N 25  
ARG H    H N N 26  
ARG H2   H N N 27  
ARG HA   H N N 28  
ARG HB2  H N N 29  
ARG HB3  H N N 30  
ARG HG2  H N N 31  
ARG HG3  H N N 32  
ARG HD2  H N N 33  
ARG HD3  H N N 34  
ARG HE   H N N 35  
ARG HH11 H N N 36  
ARG HH12 H N N 37  
ARG HH21 H N N 38  
ARG HH22 H N N 39  
ARG HXT  H N N 40  
ASN N    N N N 41  
ASN CA   C N S 42  
ASN C    C N N 43  
ASN O    O N N 44  
ASN CB   C N N 45  
ASN CG   C N N 46  
ASN OD1  O N N 47  
ASN ND2  N N N 48  
ASN OXT  O N N 49  
ASN H    H N N 50  
ASN H2   H N N 51  
ASN HA   H N N 52  
ASN HB2  H N N 53  
ASN HB3  H N N 54  
ASN HD21 H N N 55  
ASN HD22 H N N 56  
ASN HXT  H N N 57  
ASP N    N N N 58  
ASP CA   C N S 59  
ASP C    C N N 60  
ASP O    O N N 61  
ASP CB   C N N 62  
ASP CG   C N N 63  
ASP OD1  O N N 64  
ASP OD2  O N N 65  
ASP OXT  O N N 66  
ASP H    H N N 67  
ASP H2   H N N 68  
ASP HA   H N N 69  
ASP HB2  H N N 70  
ASP HB3  H N N 71  
ASP HD2  H N N 72  
ASP HXT  H N N 73  
GLN N    N N N 74  
GLN CA   C N S 75  
GLN C    C N N 76  
GLN O    O N N 77  
GLN CB   C N N 78  
GLN CG   C N N 79  
GLN CD   C N N 80  
GLN OE1  O N N 81  
GLN NE2  N N N 82  
GLN OXT  O N N 83  
GLN H    H N N 84  
GLN H2   H N N 85  
GLN HA   H N N 86  
GLN HB2  H N N 87  
GLN HB3  H N N 88  
GLN HG2  H N N 89  
GLN HG3  H N N 90  
GLN HE21 H N N 91  
GLN HE22 H N N 92  
GLN HXT  H N N 93  
GLU N    N N N 94  
GLU CA   C N S 95  
GLU C    C N N 96  
GLU O    O N N 97  
GLU CB   C N N 98  
GLU CG   C N N 99  
GLU CD   C N N 100 
GLU OE1  O N N 101 
GLU OE2  O N N 102 
GLU OXT  O N N 103 
GLU H    H N N 104 
GLU H2   H N N 105 
GLU HA   H N N 106 
GLU HB2  H N N 107 
GLU HB3  H N N 108 
GLU HG2  H N N 109 
GLU HG3  H N N 110 
GLU HE2  H N N 111 
GLU HXT  H N N 112 
GLY N    N N N 113 
GLY CA   C N N 114 
GLY C    C N N 115 
GLY O    O N N 116 
GLY OXT  O N N 117 
GLY H    H N N 118 
GLY H2   H N N 119 
GLY HA2  H N N 120 
GLY HA3  H N N 121 
GLY HXT  H N N 122 
HIS N    N N N 123 
HIS CA   C N S 124 
HIS C    C N N 125 
HIS O    O N N 126 
HIS CB   C N N 127 
HIS CG   C Y N 128 
HIS ND1  N Y N 129 
HIS CD2  C Y N 130 
HIS CE1  C Y N 131 
HIS NE2  N Y N 132 
HIS OXT  O N N 133 
HIS H    H N N 134 
HIS H2   H N N 135 
HIS HA   H N N 136 
HIS HB2  H N N 137 
HIS HB3  H N N 138 
HIS HD1  H N N 139 
HIS HD2  H N N 140 
HIS HE1  H N N 141 
HIS HE2  H N N 142 
HIS HXT  H N N 143 
HOH O    O N N 144 
HOH H1   H N N 145 
HOH H2   H N N 146 
ILE N    N N N 147 
ILE CA   C N S 148 
ILE C    C N N 149 
ILE O    O N N 150 
ILE CB   C N S 151 
ILE CG1  C N N 152 
ILE CG2  C N N 153 
ILE CD1  C N N 154 
ILE OXT  O N N 155 
ILE H    H N N 156 
ILE H2   H N N 157 
ILE HA   H N N 158 
ILE HB   H N N 159 
ILE HG12 H N N 160 
ILE HG13 H N N 161 
ILE HG21 H N N 162 
ILE HG22 H N N 163 
ILE HG23 H N N 164 
ILE HD11 H N N 165 
ILE HD12 H N N 166 
ILE HD13 H N N 167 
ILE HXT  H N N 168 
LEU N    N N N 169 
LEU CA   C N S 170 
LEU C    C N N 171 
LEU O    O N N 172 
LEU CB   C N N 173 
LEU CG   C N N 174 
LEU CD1  C N N 175 
LEU CD2  C N N 176 
LEU OXT  O N N 177 
LEU H    H N N 178 
LEU H2   H N N 179 
LEU HA   H N N 180 
LEU HB2  H N N 181 
LEU HB3  H N N 182 
LEU HG   H N N 183 
LEU HD11 H N N 184 
LEU HD12 H N N 185 
LEU HD13 H N N 186 
LEU HD21 H N N 187 
LEU HD22 H N N 188 
LEU HD23 H N N 189 
LEU HXT  H N N 190 
LYS N    N N N 191 
LYS CA   C N S 192 
LYS C    C N N 193 
LYS O    O N N 194 
LYS CB   C N N 195 
LYS CG   C N N 196 
LYS CD   C N N 197 
LYS CE   C N N 198 
LYS NZ   N N N 199 
LYS OXT  O N N 200 
LYS H    H N N 201 
LYS H2   H N N 202 
LYS HA   H N N 203 
LYS HB2  H N N 204 
LYS HB3  H N N 205 
LYS HG2  H N N 206 
LYS HG3  H N N 207 
LYS HD2  H N N 208 
LYS HD3  H N N 209 
LYS HE2  H N N 210 
LYS HE3  H N N 211 
LYS HZ1  H N N 212 
LYS HZ2  H N N 213 
LYS HZ3  H N N 214 
LYS HXT  H N N 215 
MET N    N N N 216 
MET CA   C N S 217 
MET C    C N N 218 
MET O    O N N 219 
MET CB   C N N 220 
MET CG   C N N 221 
MET SD   S N N 222 
MET CE   C N N 223 
MET OXT  O N N 224 
MET H    H N N 225 
MET H2   H N N 226 
MET HA   H N N 227 
MET HB2  H N N 228 
MET HB3  H N N 229 
MET HG2  H N N 230 
MET HG3  H N N 231 
MET HE1  H N N 232 
MET HE2  H N N 233 
MET HE3  H N N 234 
MET HXT  H N N 235 
PHE N    N N N 236 
PHE CA   C N S 237 
PHE C    C N N 238 
PHE O    O N N 239 
PHE CB   C N N 240 
PHE CG   C Y N 241 
PHE CD1  C Y N 242 
PHE CD2  C Y N 243 
PHE CE1  C Y N 244 
PHE CE2  C Y N 245 
PHE CZ   C Y N 246 
PHE OXT  O N N 247 
PHE H    H N N 248 
PHE H2   H N N 249 
PHE HA   H N N 250 
PHE HB2  H N N 251 
PHE HB3  H N N 252 
PHE HD1  H N N 253 
PHE HD2  H N N 254 
PHE HE1  H N N 255 
PHE HE2  H N N 256 
PHE HZ   H N N 257 
PHE HXT  H N N 258 
PRO N    N N N 259 
PRO CA   C N S 260 
PRO C    C N N 261 
PRO O    O N N 262 
PRO CB   C N N 263 
PRO CG   C N N 264 
PRO CD   C N N 265 
PRO OXT  O N N 266 
PRO H    H N N 267 
PRO HA   H N N 268 
PRO HB2  H N N 269 
PRO HB3  H N N 270 
PRO HG2  H N N 271 
PRO HG3  H N N 272 
PRO HD2  H N N 273 
PRO HD3  H N N 274 
PRO HXT  H N N 275 
SER N    N N N 276 
SER CA   C N S 277 
SER C    C N N 278 
SER O    O N N 279 
SER CB   C N N 280 
SER OG   O N N 281 
SER OXT  O N N 282 
SER H    H N N 283 
SER H2   H N N 284 
SER HA   H N N 285 
SER HB2  H N N 286 
SER HB3  H N N 287 
SER HG   H N N 288 
SER HXT  H N N 289 
THR N    N N N 290 
THR CA   C N S 291 
THR C    C N N 292 
THR O    O N N 293 
THR CB   C N R 294 
THR OG1  O N N 295 
THR CG2  C N N 296 
THR OXT  O N N 297 
THR H    H N N 298 
THR H2   H N N 299 
THR HA   H N N 300 
THR HB   H N N 301 
THR HG1  H N N 302 
THR HG21 H N N 303 
THR HG22 H N N 304 
THR HG23 H N N 305 
THR HXT  H N N 306 
TRP N    N N N 307 
TRP CA   C N S 308 
TRP C    C N N 309 
TRP O    O N N 310 
TRP CB   C N N 311 
TRP CG   C Y N 312 
TRP CD1  C Y N 313 
TRP CD2  C Y N 314 
TRP NE1  N Y N 315 
TRP CE2  C Y N 316 
TRP CE3  C Y N 317 
TRP CZ2  C Y N 318 
TRP CZ3  C Y N 319 
TRP CH2  C Y N 320 
TRP OXT  O N N 321 
TRP H    H N N 322 
TRP H2   H N N 323 
TRP HA   H N N 324 
TRP HB2  H N N 325 
TRP HB3  H N N 326 
TRP HD1  H N N 327 
TRP HE1  H N N 328 
TRP HE3  H N N 329 
TRP HZ2  H N N 330 
TRP HZ3  H N N 331 
TRP HH2  H N N 332 
TRP HXT  H N N 333 
TYR N    N N N 334 
TYR CA   C N S 335 
TYR C    C N N 336 
TYR O    O N N 337 
TYR CB   C N N 338 
TYR CG   C Y N 339 
TYR CD1  C Y N 340 
TYR CD2  C Y N 341 
TYR CE1  C Y N 342 
TYR CE2  C Y N 343 
TYR CZ   C Y N 344 
TYR OH   O N N 345 
TYR OXT  O N N 346 
TYR H    H N N 347 
TYR H2   H N N 348 
TYR HA   H N N 349 
TYR HB2  H N N 350 
TYR HB3  H N N 351 
TYR HD1  H N N 352 
TYR HD2  H N N 353 
TYR HE1  H N N 354 
TYR HE2  H N N 355 
TYR HH   H N N 356 
TYR HXT  H N N 357 
VAL N    N N N 358 
VAL CA   C N S 359 
VAL C    C N N 360 
VAL O    O N N 361 
VAL CB   C N N 362 
VAL CG1  C N N 363 
VAL CG2  C N N 364 
VAL OXT  O N N 365 
VAL H    H N N 366 
VAL H2   H N N 367 
VAL HA   H N N 368 
VAL HB   H N N 369 
VAL HG11 H N N 370 
VAL HG12 H N N 371 
VAL HG13 H N N 372 
VAL HG21 H N N 373 
VAL HG22 H N N 374 
VAL HG23 H N N 375 
VAL HXT  H N N 376 
# 
loop_
_chem_comp_bond.comp_id 
_chem_comp_bond.atom_id_1 
_chem_comp_bond.atom_id_2 
_chem_comp_bond.value_order 
_chem_comp_bond.pdbx_aromatic_flag 
_chem_comp_bond.pdbx_stereo_config 
_chem_comp_bond.pdbx_ordinal 
ALA N   CA   sing N N 1   
ALA N   H    sing N N 2   
ALA N   H2   sing N N 3   
ALA CA  C    sing N N 4   
ALA CA  CB   sing N N 5   
ALA CA  HA   sing N N 6   
ALA C   O    doub N N 7   
ALA C   OXT  sing N N 8   
ALA CB  HB1  sing N N 9   
ALA CB  HB2  sing N N 10  
ALA CB  HB3  sing N N 11  
ALA OXT HXT  sing N N 12  
ARG N   CA   sing N N 13  
ARG N   H    sing N N 14  
ARG N   H2   sing N N 15  
ARG CA  C    sing N N 16  
ARG CA  CB   sing N N 17  
ARG CA  HA   sing N N 18  
ARG C   O    doub N N 19  
ARG C   OXT  sing N N 20  
ARG CB  CG   sing N N 21  
ARG CB  HB2  sing N N 22  
ARG CB  HB3  sing N N 23  
ARG CG  CD   sing N N 24  
ARG CG  HG2  sing N N 25  
ARG CG  HG3  sing N N 26  
ARG CD  NE   sing N N 27  
ARG CD  HD2  sing N N 28  
ARG CD  HD3  sing N N 29  
ARG NE  CZ   sing N N 30  
ARG NE  HE   sing N N 31  
ARG CZ  NH1  sing N N 32  
ARG CZ  NH2  doub N N 33  
ARG NH1 HH11 sing N N 34  
ARG NH1 HH12 sing N N 35  
ARG NH2 HH21 sing N N 36  
ARG NH2 HH22 sing N N 37  
ARG OXT HXT  sing N N 38  
ASN N   CA   sing N N 39  
ASN N   H    sing N N 40  
ASN N   H2   sing N N 41  
ASN CA  C    sing N N 42  
ASN CA  CB   sing N N 43  
ASN CA  HA   sing N N 44  
ASN C   O    doub N N 45  
ASN C   OXT  sing N N 46  
ASN CB  CG   sing N N 47  
ASN CB  HB2  sing N N 48  
ASN CB  HB3  sing N N 49  
ASN CG  OD1  doub N N 50  
ASN CG  ND2  sing N N 51  
ASN ND2 HD21 sing N N 52  
ASN ND2 HD22 sing N N 53  
ASN OXT HXT  sing N N 54  
ASP N   CA   sing N N 55  
ASP N   H    sing N N 56  
ASP N   H2   sing N N 57  
ASP CA  C    sing N N 58  
ASP CA  CB   sing N N 59  
ASP CA  HA   sing N N 60  
ASP C   O    doub N N 61  
ASP C   OXT  sing N N 62  
ASP CB  CG   sing N N 63  
ASP CB  HB2  sing N N 64  
ASP CB  HB3  sing N N 65  
ASP CG  OD1  doub N N 66  
ASP CG  OD2  sing N N 67  
ASP OD2 HD2  sing N N 68  
ASP OXT HXT  sing N N 69  
GLN N   CA   sing N N 70  
GLN N   H    sing N N 71  
GLN N   H2   sing N N 72  
GLN CA  C    sing N N 73  
GLN CA  CB   sing N N 74  
GLN CA  HA   sing N N 75  
GLN C   O    doub N N 76  
GLN C   OXT  sing N N 77  
GLN CB  CG   sing N N 78  
GLN CB  HB2  sing N N 79  
GLN CB  HB3  sing N N 80  
GLN CG  CD   sing N N 81  
GLN CG  HG2  sing N N 82  
GLN CG  HG3  sing N N 83  
GLN CD  OE1  doub N N 84  
GLN CD  NE2  sing N N 85  
GLN NE2 HE21 sing N N 86  
GLN NE2 HE22 sing N N 87  
GLN OXT HXT  sing N N 88  
GLU N   CA   sing N N 89  
GLU N   H    sing N N 90  
GLU N   H2   sing N N 91  
GLU CA  C    sing N N 92  
GLU CA  CB   sing N N 93  
GLU CA  HA   sing N N 94  
GLU C   O    doub N N 95  
GLU C   OXT  sing N N 96  
GLU CB  CG   sing N N 97  
GLU CB  HB2  sing N N 98  
GLU CB  HB3  sing N N 99  
GLU CG  CD   sing N N 100 
GLU CG  HG2  sing N N 101 
GLU CG  HG3  sing N N 102 
GLU CD  OE1  doub N N 103 
GLU CD  OE2  sing N N 104 
GLU OE2 HE2  sing N N 105 
GLU OXT HXT  sing N N 106 
GLY N   CA   sing N N 107 
GLY N   H    sing N N 108 
GLY N   H2   sing N N 109 
GLY CA  C    sing N N 110 
GLY CA  HA2  sing N N 111 
GLY CA  HA3  sing N N 112 
GLY C   O    doub N N 113 
GLY C   OXT  sing N N 114 
GLY OXT HXT  sing N N 115 
HIS N   CA   sing N N 116 
HIS N   H    sing N N 117 
HIS N   H2   sing N N 118 
HIS CA  C    sing N N 119 
HIS CA  CB   sing N N 120 
HIS CA  HA   sing N N 121 
HIS C   O    doub N N 122 
HIS C   OXT  sing N N 123 
HIS CB  CG   sing N N 124 
HIS CB  HB2  sing N N 125 
HIS CB  HB3  sing N N 126 
HIS CG  ND1  sing Y N 127 
HIS CG  CD2  doub Y N 128 
HIS ND1 CE1  doub Y N 129 
HIS ND1 HD1  sing N N 130 
HIS CD2 NE2  sing Y N 131 
HIS CD2 HD2  sing N N 132 
HIS CE1 NE2  sing Y N 133 
HIS CE1 HE1  sing N N 134 
HIS NE2 HE2  sing N N 135 
HIS OXT HXT  sing N N 136 
HOH O   H1   sing N N 137 
HOH O   H2   sing N N 138 
ILE N   CA   sing N N 139 
ILE N   H    sing N N 140 
ILE N   H2   sing N N 141 
ILE CA  C    sing N N 142 
ILE CA  CB   sing N N 143 
ILE CA  HA   sing N N 144 
ILE C   O    doub N N 145 
ILE C   OXT  sing N N 146 
ILE CB  CG1  sing N N 147 
ILE CB  CG2  sing N N 148 
ILE CB  HB   sing N N 149 
ILE CG1 CD1  sing N N 150 
ILE CG1 HG12 sing N N 151 
ILE CG1 HG13 sing N N 152 
ILE CG2 HG21 sing N N 153 
ILE CG2 HG22 sing N N 154 
ILE CG2 HG23 sing N N 155 
ILE CD1 HD11 sing N N 156 
ILE CD1 HD12 sing N N 157 
ILE CD1 HD13 sing N N 158 
ILE OXT HXT  sing N N 159 
LEU N   CA   sing N N 160 
LEU N   H    sing N N 161 
LEU N   H2   sing N N 162 
LEU CA  C    sing N N 163 
LEU CA  CB   sing N N 164 
LEU CA  HA   sing N N 165 
LEU C   O    doub N N 166 
LEU C   OXT  sing N N 167 
LEU CB  CG   sing N N 168 
LEU CB  HB2  sing N N 169 
LEU CB  HB3  sing N N 170 
LEU CG  CD1  sing N N 171 
LEU CG  CD2  sing N N 172 
LEU CG  HG   sing N N 173 
LEU CD1 HD11 sing N N 174 
LEU CD1 HD12 sing N N 175 
LEU CD1 HD13 sing N N 176 
LEU CD2 HD21 sing N N 177 
LEU CD2 HD22 sing N N 178 
LEU CD2 HD23 sing N N 179 
LEU OXT HXT  sing N N 180 
LYS N   CA   sing N N 181 
LYS N   H    sing N N 182 
LYS N   H2   sing N N 183 
LYS CA  C    sing N N 184 
LYS CA  CB   sing N N 185 
LYS CA  HA   sing N N 186 
LYS C   O    doub N N 187 
LYS C   OXT  sing N N 188 
LYS CB  CG   sing N N 189 
LYS CB  HB2  sing N N 190 
LYS CB  HB3  sing N N 191 
LYS CG  CD   sing N N 192 
LYS CG  HG2  sing N N 193 
LYS CG  HG3  sing N N 194 
LYS CD  CE   sing N N 195 
LYS CD  HD2  sing N N 196 
LYS CD  HD3  sing N N 197 
LYS CE  NZ   sing N N 198 
LYS CE  HE2  sing N N 199 
LYS CE  HE3  sing N N 200 
LYS NZ  HZ1  sing N N 201 
LYS NZ  HZ2  sing N N 202 
LYS NZ  HZ3  sing N N 203 
LYS OXT HXT  sing N N 204 
MET N   CA   sing N N 205 
MET N   H    sing N N 206 
MET N   H2   sing N N 207 
MET CA  C    sing N N 208 
MET CA  CB   sing N N 209 
MET CA  HA   sing N N 210 
MET C   O    doub N N 211 
MET C   OXT  sing N N 212 
MET CB  CG   sing N N 213 
MET CB  HB2  sing N N 214 
MET CB  HB3  sing N N 215 
MET CG  SD   sing N N 216 
MET CG  HG2  sing N N 217 
MET CG  HG3  sing N N 218 
MET SD  CE   sing N N 219 
MET CE  HE1  sing N N 220 
MET CE  HE2  sing N N 221 
MET CE  HE3  sing N N 222 
MET OXT HXT  sing N N 223 
PHE N   CA   sing N N 224 
PHE N   H    sing N N 225 
PHE N   H2   sing N N 226 
PHE CA  C    sing N N 227 
PHE CA  CB   sing N N 228 
PHE CA  HA   sing N N 229 
PHE C   O    doub N N 230 
PHE C   OXT  sing N N 231 
PHE CB  CG   sing N N 232 
PHE CB  HB2  sing N N 233 
PHE CB  HB3  sing N N 234 
PHE CG  CD1  doub Y N 235 
PHE CG  CD2  sing Y N 236 
PHE CD1 CE1  sing Y N 237 
PHE CD1 HD1  sing N N 238 
PHE CD2 CE2  doub Y N 239 
PHE CD2 HD2  sing N N 240 
PHE CE1 CZ   doub Y N 241 
PHE CE1 HE1  sing N N 242 
PHE CE2 CZ   sing Y N 243 
PHE CE2 HE2  sing N N 244 
PHE CZ  HZ   sing N N 245 
PHE OXT HXT  sing N N 246 
PRO N   CA   sing N N 247 
PRO N   CD   sing N N 248 
PRO N   H    sing N N 249 
PRO CA  C    sing N N 250 
PRO CA  CB   sing N N 251 
PRO CA  HA   sing N N 252 
PRO C   O    doub N N 253 
PRO C   OXT  sing N N 254 
PRO CB  CG   sing N N 255 
PRO CB  HB2  sing N N 256 
PRO CB  HB3  sing N N 257 
PRO CG  CD   sing N N 258 
PRO CG  HG2  sing N N 259 
PRO CG  HG3  sing N N 260 
PRO CD  HD2  sing N N 261 
PRO CD  HD3  sing N N 262 
PRO OXT HXT  sing N N 263 
SER N   CA   sing N N 264 
SER N   H    sing N N 265 
SER N   H2   sing N N 266 
SER CA  C    sing N N 267 
SER CA  CB   sing N N 268 
SER CA  HA   sing N N 269 
SER C   O    doub N N 270 
SER C   OXT  sing N N 271 
SER CB  OG   sing N N 272 
SER CB  HB2  sing N N 273 
SER CB  HB3  sing N N 274 
SER OG  HG   sing N N 275 
SER OXT HXT  sing N N 276 
THR N   CA   sing N N 277 
THR N   H    sing N N 278 
THR N   H2   sing N N 279 
THR CA  C    sing N N 280 
THR CA  CB   sing N N 281 
THR CA  HA   sing N N 282 
THR C   O    doub N N 283 
THR C   OXT  sing N N 284 
THR CB  OG1  sing N N 285 
THR CB  CG2  sing N N 286 
THR CB  HB   sing N N 287 
THR OG1 HG1  sing N N 288 
THR CG2 HG21 sing N N 289 
THR CG2 HG22 sing N N 290 
THR CG2 HG23 sing N N 291 
THR OXT HXT  sing N N 292 
TRP N   CA   sing N N 293 
TRP N   H    sing N N 294 
TRP N   H2   sing N N 295 
TRP CA  C    sing N N 296 
TRP CA  CB   sing N N 297 
TRP CA  HA   sing N N 298 
TRP C   O    doub N N 299 
TRP C   OXT  sing N N 300 
TRP CB  CG   sing N N 301 
TRP CB  HB2  sing N N 302 
TRP CB  HB3  sing N N 303 
TRP CG  CD1  doub Y N 304 
TRP CG  CD2  sing Y N 305 
TRP CD1 NE1  sing Y N 306 
TRP CD1 HD1  sing N N 307 
TRP CD2 CE2  doub Y N 308 
TRP CD2 CE3  sing Y N 309 
TRP NE1 CE2  sing Y N 310 
TRP NE1 HE1  sing N N 311 
TRP CE2 CZ2  sing Y N 312 
TRP CE3 CZ3  doub Y N 313 
TRP CE3 HE3  sing N N 314 
TRP CZ2 CH2  doub Y N 315 
TRP CZ2 HZ2  sing N N 316 
TRP CZ3 CH2  sing Y N 317 
TRP CZ3 HZ3  sing N N 318 
TRP CH2 HH2  sing N N 319 
TRP OXT HXT  sing N N 320 
TYR N   CA   sing N N 321 
TYR N   H    sing N N 322 
TYR N   H2   sing N N 323 
TYR CA  C    sing N N 324 
TYR CA  CB   sing N N 325 
TYR CA  HA   sing N N 326 
TYR C   O    doub N N 327 
TYR C   OXT  sing N N 328 
TYR CB  CG   sing N N 329 
TYR CB  HB2  sing N N 330 
TYR CB  HB3  sing N N 331 
TYR CG  CD1  doub Y N 332 
TYR CG  CD2  sing Y N 333 
TYR CD1 CE1  sing Y N 334 
TYR CD1 HD1  sing N N 335 
TYR CD2 CE2  doub Y N 336 
TYR CD2 HD2  sing N N 337 
TYR CE1 CZ   doub Y N 338 
TYR CE1 HE1  sing N N 339 
TYR CE2 CZ   sing Y N 340 
TYR CE2 HE2  sing N N 341 
TYR CZ  OH   sing N N 342 
TYR OH  HH   sing N N 343 
TYR OXT HXT  sing N N 344 
VAL N   CA   sing N N 345 
VAL N   H    sing N N 346 
VAL N   H2   sing N N 347 
VAL CA  C    sing N N 348 
VAL CA  CB   sing N N 349 
VAL CA  HA   sing N N 350 
VAL C   O    doub N N 351 
VAL C   OXT  sing N N 352 
VAL CB  CG1  sing N N 353 
VAL CB  CG2  sing N N 354 
VAL CB  HB   sing N N 355 
VAL CG1 HG11 sing N N 356 
VAL CG1 HG12 sing N N 357 
VAL CG1 HG13 sing N N 358 
VAL CG2 HG21 sing N N 359 
VAL CG2 HG22 sing N N 360 
VAL CG2 HG23 sing N N 361 
VAL OXT HXT  sing N N 362 
# 
_pdbx_entity_nonpoly.entity_id   2 
_pdbx_entity_nonpoly.name        water 
_pdbx_entity_nonpoly.comp_id     HOH 
# 
_pdbx_initial_refinement_model.id               1 
_pdbx_initial_refinement_model.entity_id_list   ? 
_pdbx_initial_refinement_model.type             'experimental model' 
_pdbx_initial_refinement_model.source_name      PDB 
_pdbx_initial_refinement_model.accession_code   1ONL 
_pdbx_initial_refinement_model.details          ? 
# 
